data_9BNH
# 
_entry.id   9BNH 
# 
_audit_conform.dict_name       mmcif_pdbx.dic 
_audit_conform.dict_version    5.398 
_audit_conform.dict_location   http://mmcif.pdb.org/dictionaries/ascii/mmcif_pdbx.dic 
# 
loop_
_database_2.database_id 
_database_2.database_code 
_database_2.pdbx_database_accession 
_database_2.pdbx_DOI 
PDB   9BNH         pdb_00009bnh 10.2210/pdb9bnh/pdb 
WWPDB D_1000283685 ?            ?                   
# 
loop_
_pdbx_audit_revision_history.ordinal 
_pdbx_audit_revision_history.data_content_type 
_pdbx_audit_revision_history.major_revision 
_pdbx_audit_revision_history.minor_revision 
_pdbx_audit_revision_history.revision_date 
1 'Structure model' 1 0 2024-09-04 
2 'Structure model' 1 1 2024-11-06 
# 
_pdbx_audit_revision_details.ordinal             1 
_pdbx_audit_revision_details.revision_ordinal    1 
_pdbx_audit_revision_details.data_content_type   'Structure model' 
_pdbx_audit_revision_details.provider            repository 
_pdbx_audit_revision_details.type                'Initial release' 
_pdbx_audit_revision_details.description         ? 
_pdbx_audit_revision_details.details             ? 
# 
loop_
_pdbx_audit_revision_group.ordinal 
_pdbx_audit_revision_group.revision_ordinal 
_pdbx_audit_revision_group.data_content_type 
_pdbx_audit_revision_group.group 
1 2 'Structure model' 'Database references' 
2 2 'Structure model' 'Structure summary'   
# 
loop_
_pdbx_audit_revision_category.ordinal 
_pdbx_audit_revision_category.revision_ordinal 
_pdbx_audit_revision_category.data_content_type 
_pdbx_audit_revision_category.category 
1 2 'Structure model' citation           
2 2 'Structure model' citation_author    
3 2 'Structure model' pdbx_entry_details 
# 
loop_
_pdbx_audit_revision_item.ordinal 
_pdbx_audit_revision_item.revision_ordinal 
_pdbx_audit_revision_item.data_content_type 
_pdbx_audit_revision_item.item 
1 2 'Structure model' '_citation.journal_volume'                     
2 2 'Structure model' '_citation.title'                              
3 2 'Structure model' '_citation_author.identifier_ORCID'            
4 2 'Structure model' '_citation_author.name'                        
5 2 'Structure model' '_pdbx_entry_details.has_protein_modification' 
# 
_pdbx_database_status.status_code                     REL 
_pdbx_database_status.status_code_sf                  REL 
_pdbx_database_status.status_code_mr                  ? 
_pdbx_database_status.entry_id                        9BNH 
_pdbx_database_status.recvd_initial_deposition_date   2024-05-02 
_pdbx_database_status.SG_entry                        N 
_pdbx_database_status.deposit_site                    RCSB 
_pdbx_database_status.process_site                    RCSB 
_pdbx_database_status.status_code_cs                  ? 
_pdbx_database_status.status_code_nmr_data            ? 
_pdbx_database_status.methods_development_category    ? 
_pdbx_database_status.pdb_format_compatible           Y 
# 
_pdbx_contact_author.id                 2 
_pdbx_contact_author.email              andyn@uic.edu 
_pdbx_contact_author.name_first         Andy 
_pdbx_contact_author.name_last          Nguyen 
_pdbx_contact_author.name_mi            I 
_pdbx_contact_author.role               'principal investigator/group leader' 
_pdbx_contact_author.identifier_ORCID   0000-0003-4137-6453 
# 
loop_
_audit_author.name 
_audit_author.pdbx_ordinal 
_audit_author.identifier_ORCID 
'Dang, V.T.' 1 0000-0002-9386-841X 
'Nguyen, A.' 2 0000-0003-4137-6453 
# 
_citation.abstract                  ? 
_citation.abstract_id_CAS           ? 
_citation.book_id_ISBN              ? 
_citation.book_publisher            ? 
_citation.book_publisher_city       ? 
_citation.book_title                ? 
_citation.coordinate_linkage        ? 
_citation.country                   GE 
_citation.database_id_Medline       ? 
_citation.details                   ? 
_citation.id                        primary 
_citation.journal_abbrev            Chemistry 
_citation.journal_id_ASTM           ? 
_citation.journal_id_CSD            ? 
_citation.journal_id_ISSN           0947-6539 
_citation.journal_full              ? 
_citation.journal_issue             ? 
_citation.journal_volume            30 
_citation.language                  ? 
_citation.page_first                e202402101 
_citation.page_last                 e202402101 
_citation.title                     'Crystallography Reveals Metal-Triggered Restructuring of beta-Hairpins.' 
_citation.year                      2024 
_citation.database_id_CSD           ? 
_citation.pdbx_database_id_DOI      10.1002/chem.202402101 
_citation.pdbx_database_id_PubMed   39152095 
_citation.pdbx_database_id_patent   ? 
_citation.unpublished_flag          ? 
# 
loop_
_citation_author.citation_id 
_citation_author.name 
_citation_author.ordinal 
_citation_author.identifier_ORCID 
primary 'Thuc Dang, V.' 1 0000-0002-9386-841X 
primary 'Engineer, A.'  2 ?                   
primary 'McElheny, D.'  3 ?                   
primary 'Drena, A.'     4 0000-0002-8864-6740 
primary 'Telser, J.'    5 0000-0003-3307-2556 
primary 'Tomczak, K.'   6 0000-0001-7539-943X 
primary 'Nguyen, A.I.'  7 0000-0003-4137-6453 
# 
loop_
_entity.id 
_entity.type 
_entity.src_method 
_entity.pdbx_description 
_entity.formula_weight 
_entity.pdbx_number_of_molecules 
_entity.pdbx_ec 
_entity.pdbx_mutation 
_entity.pdbx_fragment 
_entity.details 
1 polymer     syn 'Cu-TZ4H tryptophan Zipper Metallo-Peptide' 1702.854 2  ? ? ? ? 
2 non-polymer syn AMMONIA                                     17.031   2  ? ? ? ? 
3 non-polymer syn 'ACETIC ACID'                               60.052   7  ? ? ? ? 
4 non-polymer syn 'COPPER (II) ION'                           63.546   2  ? ? ? ? 
5 non-polymer syn 'SODIUM ION'                                22.990   2  ? ? ? ? 
6 non-polymer syn 'TRIETHYLENE GLYCOL'                        150.173  1  ? ? ? ? 
7 water       nat water                                       18.015   37 ? ? ? ? 
# 
_entity_poly.entity_id                      1 
_entity_poly.type                           'polypeptide(L)' 
_entity_poly.nstd_linkage                   no 
_entity_poly.nstd_monomer                   no 
_entity_poly.pdbx_seq_one_letter_code       SWHWHNGKWHWH 
_entity_poly.pdbx_seq_one_letter_code_can   SWHWHNGKWHWH 
_entity_poly.pdbx_strand_id                 A,B 
_entity_poly.pdbx_target_identifier         ? 
# 
loop_
_pdbx_entity_nonpoly.entity_id 
_pdbx_entity_nonpoly.name 
_pdbx_entity_nonpoly.comp_id 
2 AMMONIA              NH3 
3 'ACETIC ACID'        ACY 
4 'COPPER (II) ION'    CU  
5 'SODIUM ION'         NA  
6 'TRIETHYLENE GLYCOL' PGE 
7 water                HOH 
# 
loop_
_entity_poly_seq.entity_id 
_entity_poly_seq.num 
_entity_poly_seq.mon_id 
_entity_poly_seq.hetero 
1 1  SER n 
1 2  TRP n 
1 3  HIS n 
1 4  TRP n 
1 5  HIS n 
1 6  ASN n 
1 7  GLY n 
1 8  LYS n 
1 9  TRP n 
1 10 HIS n 
1 11 TRP n 
1 12 HIS n 
# 
_pdbx_entity_src_syn.entity_id              1 
_pdbx_entity_src_syn.pdbx_src_id            1 
_pdbx_entity_src_syn.pdbx_alt_source_flag   sample 
_pdbx_entity_src_syn.pdbx_beg_seq_num       1 
_pdbx_entity_src_syn.pdbx_end_seq_num       12 
_pdbx_entity_src_syn.organism_scientific    'synthetic construct' 
_pdbx_entity_src_syn.organism_common_name   ? 
_pdbx_entity_src_syn.ncbi_taxonomy_id       32630 
_pdbx_entity_src_syn.details                ? 
# 
loop_
_chem_comp.id 
_chem_comp.type 
_chem_comp.mon_nstd_flag 
_chem_comp.name 
_chem_comp.pdbx_synonyms 
_chem_comp.formula 
_chem_comp.formula_weight 
ACY non-polymer         . 'ACETIC ACID'        ? 'C2 H4 O2'       60.052  
ASN 'L-peptide linking' y ASPARAGINE           ? 'C4 H8 N2 O3'    132.118 
CU  non-polymer         . 'COPPER (II) ION'    ? 'Cu 2'           63.546  
GLY 'peptide linking'   y GLYCINE              ? 'C2 H5 N O2'     75.067  
HIS 'L-peptide linking' y HISTIDINE            ? 'C6 H10 N3 O2 1' 156.162 
HOH non-polymer         . WATER                ? 'H2 O'           18.015  
LYS 'L-peptide linking' y LYSINE               ? 'C6 H15 N2 O2 1' 147.195 
NA  non-polymer         . 'SODIUM ION'         ? 'Na 1'           22.990  
NH3 non-polymer         . AMMONIA              ? 'H3 N'           17.031  
PGE non-polymer         . 'TRIETHYLENE GLYCOL' ? 'C6 H14 O4'      150.173 
SER 'L-peptide linking' y SERINE               ? 'C3 H7 N O3'     105.093 
TRP 'L-peptide linking' y TRYPTOPHAN           ? 'C11 H12 N2 O2'  204.225 
# 
loop_
_pdbx_poly_seq_scheme.asym_id 
_pdbx_poly_seq_scheme.entity_id 
_pdbx_poly_seq_scheme.seq_id 
_pdbx_poly_seq_scheme.mon_id 
_pdbx_poly_seq_scheme.ndb_seq_num 
_pdbx_poly_seq_scheme.pdb_seq_num 
_pdbx_poly_seq_scheme.auth_seq_num 
_pdbx_poly_seq_scheme.pdb_mon_id 
_pdbx_poly_seq_scheme.auth_mon_id 
_pdbx_poly_seq_scheme.pdb_strand_id 
_pdbx_poly_seq_scheme.pdb_ins_code 
_pdbx_poly_seq_scheme.hetero 
A 1 1  SER 1  1  1  SER SER A . n 
A 1 2  TRP 2  2  2  TRP TRP A . n 
A 1 3  HIS 3  3  3  HIS HIS A . n 
A 1 4  TRP 4  4  4  TRP TRP A . n 
A 1 5  HIS 5  5  5  HIS HIS A . n 
A 1 6  ASN 6  6  6  ASN ASN A . n 
A 1 7  GLY 7  7  7  GLY GLY A . n 
A 1 8  LYS 8  8  8  LYS LYS A . n 
A 1 9  TRP 9  9  9  TRP TRP A . n 
A 1 10 HIS 10 10 10 HIS HIS A . n 
A 1 11 TRP 11 11 11 TRP TRP A . n 
A 1 12 HIS 12 12 12 HIS HIS A . n 
B 1 1  SER 1  1  1  SER SER B . n 
B 1 2  TRP 2  2  2  TRP TRP B . n 
B 1 3  HIS 3  3  3  HIS HIS B . n 
B 1 4  TRP 4  4  4  TRP TRP B . n 
B 1 5  HIS 5  5  5  HIS HIS B . n 
B 1 6  ASN 6  6  6  ASN ASN B . n 
B 1 7  GLY 7  7  7  GLY GLY B . n 
B 1 8  LYS 8  8  8  LYS LYS B . n 
B 1 9  TRP 9  9  9  TRP TRP B . n 
B 1 10 HIS 10 10 10 HIS HIS B . n 
B 1 11 TRP 11 11 11 TRP TRP B . n 
B 1 12 HIS 12 12 12 HIS HIS B . n 
# 
_pdbx_entity_instance_feature.ordinal        1 
_pdbx_entity_instance_feature.comp_id        CU 
_pdbx_entity_instance_feature.asym_id        ? 
_pdbx_entity_instance_feature.seq_num        ? 
_pdbx_entity_instance_feature.auth_comp_id   CU 
_pdbx_entity_instance_feature.auth_asym_id   ? 
_pdbx_entity_instance_feature.auth_seq_num   ? 
_pdbx_entity_instance_feature.feature_type   'SUBJECT OF INVESTIGATION' 
_pdbx_entity_instance_feature.details        ? 
# 
loop_
_pdbx_nonpoly_scheme.asym_id 
_pdbx_nonpoly_scheme.entity_id 
_pdbx_nonpoly_scheme.mon_id 
_pdbx_nonpoly_scheme.ndb_seq_num 
_pdbx_nonpoly_scheme.pdb_seq_num 
_pdbx_nonpoly_scheme.auth_seq_num 
_pdbx_nonpoly_scheme.pdb_mon_id 
_pdbx_nonpoly_scheme.auth_mon_id 
_pdbx_nonpoly_scheme.pdb_strand_id 
_pdbx_nonpoly_scheme.pdb_ins_code 
C 2 NH3 1  101 13 NH3 NH3 A . 
D 3 ACY 1  102 4  ACY ACT A . 
E 4 CU  1  103 1  CU  CU  A . 
F 5 NA  1  104 1  NA  NA  A . 
G 5 NA  1  105 2  NA  NA  A . 
H 2 NH3 1  101 13 NH3 NH3 B . 
I 3 ACY 1  102 1  ACY ACT B . 
J 3 ACY 1  103 2  ACY ACT B . 
K 3 ACY 1  104 3  ACY ACT B . 
L 3 ACY 1  105 5  ACY ACT B . 
M 3 ACY 1  106 6  ACY ACT B . 
N 3 ACY 1  107 7  ACY ACT B . 
O 4 CU  1  108 2  CU  CU  B . 
P 6 PGE 1  109 1  PGE PGE B . 
Q 7 HOH 1  201 14 HOH HOH A . 
Q 7 HOH 2  202 8  HOH HOH A . 
Q 7 HOH 3  203 36 HOH HOH A . 
Q 7 HOH 4  204 17 HOH HOH A . 
Q 7 HOH 5  205 6  HOH HOH A . 
Q 7 HOH 6  206 5  HOH HOH A . 
Q 7 HOH 7  207 31 HOH HOH A . 
Q 7 HOH 8  208 11 HOH HOH A . 
Q 7 HOH 9  209 9  HOH HOH A . 
Q 7 HOH 10 210 18 HOH HOH A . 
Q 7 HOH 11 211 35 HOH HOH A . 
Q 7 HOH 12 212 10 HOH HOH A . 
Q 7 HOH 13 213 26 HOH HOH A . 
Q 7 HOH 14 214 28 HOH HOH A . 
Q 7 HOH 15 215 3  HOH HOH A . 
Q 7 HOH 16 216 38 HOH HOH A . 
R 7 HOH 1  201 38 HOH HOH B . 
R 7 HOH 2  202 34 HOH HOH B . 
R 7 HOH 3  203 7  HOH HOH B . 
R 7 HOH 4  204 35 HOH HOH B . 
R 7 HOH 5  205 50 HOH HOH B . 
R 7 HOH 6  206 33 HOH HOH B . 
R 7 HOH 7  207 24 HOH HOH B . 
R 7 HOH 8  208 25 HOH HOH B . 
R 7 HOH 9  209 46 HOH HOH B . 
R 7 HOH 10 210 19 HOH HOH B . 
R 7 HOH 11 211 44 HOH HOH B . 
R 7 HOH 12 212 12 HOH HOH B . 
R 7 HOH 13 213 1  HOH HOH B . 
R 7 HOH 14 214 32 HOH HOH B . 
R 7 HOH 15 215 61 HOH HOH B . 
R 7 HOH 16 216 34 HOH HOH B . 
R 7 HOH 17 217 23 HOH HOH B . 
R 7 HOH 18 218 16 HOH HOH B . 
R 7 HOH 19 219 54 HOH HOH B . 
R 7 HOH 20 220 66 HOH HOH B . 
R 7 HOH 21 221 37 HOH HOH B . 
# 
loop_
_pdbx_unobs_or_zero_occ_atoms.id 
_pdbx_unobs_or_zero_occ_atoms.PDB_model_num 
_pdbx_unobs_or_zero_occ_atoms.polymer_flag 
_pdbx_unobs_or_zero_occ_atoms.occupancy_flag 
_pdbx_unobs_or_zero_occ_atoms.auth_asym_id 
_pdbx_unobs_or_zero_occ_atoms.auth_comp_id 
_pdbx_unobs_or_zero_occ_atoms.auth_seq_id 
_pdbx_unobs_or_zero_occ_atoms.PDB_ins_code 
_pdbx_unobs_or_zero_occ_atoms.auth_atom_id 
_pdbx_unobs_or_zero_occ_atoms.label_alt_id 
_pdbx_unobs_or_zero_occ_atoms.label_asym_id 
_pdbx_unobs_or_zero_occ_atoms.label_comp_id 
_pdbx_unobs_or_zero_occ_atoms.label_seq_id 
_pdbx_unobs_or_zero_occ_atoms.label_atom_id 
1 1 N 1 B PGE 109 ? C3 ? P PGE 1 C3 
2 1 N 1 B PGE 109 ? C4 ? P PGE 1 C4 
3 1 N 1 B PGE 109 ? O4 ? P PGE 1 O4 
4 1 N 1 B PGE 109 ? C6 ? P PGE 1 C6 
5 1 N 1 B PGE 109 ? C5 ? P PGE 1 C5 
6 1 N 1 B PGE 109 ? O3 ? P PGE 1 O3 
# 
loop_
_software.citation_id 
_software.classification 
_software.compiler_name 
_software.compiler_version 
_software.contact_author 
_software.contact_author_email 
_software.date 
_software.description 
_software.dependencies 
_software.hardware 
_software.language 
_software.location 
_software.mods 
_software.name 
_software.os 
_software.os_version 
_software.type 
_software.version 
_software.pdbx_ordinal 
? refinement       ? ? ? ? ? ? ? ? ? ? ? PHENIX ? ? ? 1.20.1_4487 1 
? 'data reduction' ? ? ? ? ? ? ? ? ? ? ? XDS    ? ? ? .           2 
? 'data scaling'   ? ? ? ? ? ? ? ? ? ? ? XDS    ? ? ? .           3 
? phasing          ? ? ? ? ? ? ? ? ? ? ? PHENIX ? ? ? 1.21.1_5286 4 
# 
_cell.angle_alpha                  90.000 
_cell.angle_alpha_esd              ? 
_cell.angle_beta                   110.320 
_cell.angle_beta_esd               ? 
_cell.angle_gamma                  90.000 
_cell.angle_gamma_esd              ? 
_cell.entry_id                     9BNH 
_cell.details                      ? 
_cell.formula_units_Z              ? 
_cell.length_a                     23.198 
_cell.length_a_esd                 ? 
_cell.length_b                     25.261 
_cell.length_b_esd                 ? 
_cell.length_c                     24.149 
_cell.length_c_esd                 ? 
_cell.volume                       13270.752 
_cell.volume_esd                   ? 
_cell.Z_PDB                        4 
_cell.reciprocal_angle_alpha       ? 
_cell.reciprocal_angle_beta        ? 
_cell.reciprocal_angle_gamma       ? 
_cell.reciprocal_angle_alpha_esd   ? 
_cell.reciprocal_angle_beta_esd    ? 
_cell.reciprocal_angle_gamma_esd   ? 
_cell.reciprocal_length_a          ? 
_cell.reciprocal_length_b          ? 
_cell.reciprocal_length_c          ? 
_cell.reciprocal_length_a_esd      ? 
_cell.reciprocal_length_b_esd      ? 
_cell.reciprocal_length_c_esd      ? 
_cell.pdbx_unique_axis             ? 
_cell.pdbx_esd_method              ? 
# 
_symmetry.entry_id                         9BNH 
_symmetry.cell_setting                     ? 
_symmetry.Int_Tables_number                3 
_symmetry.space_group_name_Hall            'P 2y' 
_symmetry.space_group_name_H-M             'P 1 2 1' 
_symmetry.pdbx_full_space_group_name_H-M   ? 
# 
_exptl.absorpt_coefficient_mu     ? 
_exptl.absorpt_correction_T_max   ? 
_exptl.absorpt_correction_T_min   ? 
_exptl.absorpt_correction_type    ? 
_exptl.absorpt_process_details    ? 
_exptl.entry_id                   9BNH 
_exptl.crystals_number            1 
_exptl.details                    ? 
_exptl.method                     'X-RAY DIFFRACTION' 
_exptl.method_details             ? 
# 
_exptl_crystal.colour                       ? 
_exptl_crystal.density_diffrn               ? 
_exptl_crystal.density_Matthews             2.46 
_exptl_crystal.density_method               ? 
_exptl_crystal.density_percent_sol          50 
_exptl_crystal.description                  'Cubic translucent crystals with light purple coloring' 
_exptl_crystal.F_000                        ? 
_exptl_crystal.id                           1 
_exptl_crystal.preparation                  ? 
_exptl_crystal.size_max                     ? 
_exptl_crystal.size_mid                     ? 
_exptl_crystal.size_min                     ? 
_exptl_crystal.size_rad                     ? 
_exptl_crystal.colour_lustre                ? 
_exptl_crystal.colour_modifier              ? 
_exptl_crystal.colour_primary               ? 
_exptl_crystal.density_meas                 ? 
_exptl_crystal.density_meas_esd             ? 
_exptl_crystal.density_meas_gt              ? 
_exptl_crystal.density_meas_lt              ? 
_exptl_crystal.density_meas_temp            ? 
_exptl_crystal.density_meas_temp_esd        ? 
_exptl_crystal.density_meas_temp_gt         ? 
_exptl_crystal.density_meas_temp_lt         ? 
_exptl_crystal.pdbx_crystal_image_url       ? 
_exptl_crystal.pdbx_crystal_image_format    ? 
_exptl_crystal.pdbx_mosaicity               ? 
_exptl_crystal.pdbx_mosaicity_esd           ? 
_exptl_crystal.pdbx_mosaic_method           ? 
_exptl_crystal.pdbx_mosaic_block_size       ? 
_exptl_crystal.pdbx_mosaic_block_size_esd   ? 
# 
_exptl_crystal_grow.apparatus       ? 
_exptl_crystal_grow.atmosphere      ? 
_exptl_crystal_grow.crystal_id      1 
_exptl_crystal_grow.details         ? 
_exptl_crystal_grow.method          'VAPOR DIFFUSION, HANGING DROP' 
_exptl_crystal_grow.method_ref      ? 
_exptl_crystal_grow.pH              4.6 
_exptl_crystal_grow.pressure        ? 
_exptl_crystal_grow.pressure_esd    ? 
_exptl_crystal_grow.seeding         ? 
_exptl_crystal_grow.seeding_ref     ? 
_exptl_crystal_grow.temp_details    ? 
_exptl_crystal_grow.temp_esd        ? 
_exptl_crystal_grow.time            ? 
_exptl_crystal_grow.pdbx_details    
;Crystal Grown:
6.0 M Ammonium Nitrate, 0.1 M Sodium Acetate Trihydrate pH 4.6 (pH adjusted with HCl)
Cryo-protection:
10% v/v PEG 400 (soaked)
;
_exptl_crystal_grow.pdbx_pH_range   ? 
_exptl_crystal_grow.temp            298 
# 
_diffrn.ambient_environment              ? 
_diffrn.ambient_temp                     100 
_diffrn.ambient_temp_details             ? 
_diffrn.ambient_temp_esd                 ? 
_diffrn.crystal_id                       1 
_diffrn.crystal_support                  ? 
_diffrn.crystal_treatment                ? 
_diffrn.details                          ? 
_diffrn.id                               1 
_diffrn.ambient_pressure                 ? 
_diffrn.ambient_pressure_esd             ? 
_diffrn.ambient_pressure_gt              ? 
_diffrn.ambient_pressure_lt              ? 
_diffrn.ambient_temp_gt                  ? 
_diffrn.ambient_temp_lt                  ? 
_diffrn.pdbx_serial_crystal_experiment   N 
# 
_diffrn_detector.details                      ? 
_diffrn_detector.detector                     PIXEL 
_diffrn_detector.diffrn_id                    1 
_diffrn_detector.type                         'DECTRIS EIGER X 9M' 
_diffrn_detector.area_resol_mean              ? 
_diffrn_detector.dtime                        ? 
_diffrn_detector.pdbx_frames_total            ? 
_diffrn_detector.pdbx_collection_time_total   ? 
_diffrn_detector.pdbx_collection_date         2022-12-18 
_diffrn_detector.pdbx_frequency               ? 
_diffrn_detector.id                           ? 
_diffrn_detector.number_of_axes               ? 
# 
_diffrn_radiation.collimation                      ? 
_diffrn_radiation.diffrn_id                        1 
_diffrn_radiation.filter_edge                      ? 
_diffrn_radiation.inhomogeneity                    ? 
_diffrn_radiation.monochromator                    Kohzu 
_diffrn_radiation.polarisn_norm                    ? 
_diffrn_radiation.polarisn_ratio                   ? 
_diffrn_radiation.probe                            ? 
_diffrn_radiation.type                             ? 
_diffrn_radiation.xray_symbol                      ? 
_diffrn_radiation.wavelength_id                    1 
_diffrn_radiation.pdbx_monochromatic_or_laue_m_l   M 
_diffrn_radiation.pdbx_wavelength_list             ? 
_diffrn_radiation.pdbx_wavelength                  ? 
_diffrn_radiation.pdbx_diffrn_protocol             'SINGLE WAVELENGTH' 
_diffrn_radiation.pdbx_analyzer                    ? 
_diffrn_radiation.pdbx_scattering_type             x-ray 
# 
_diffrn_radiation_wavelength.id           1 
_diffrn_radiation_wavelength.wavelength   1.0 
_diffrn_radiation_wavelength.wt           1.0 
# 
_diffrn_source.current                     ? 
_diffrn_source.details                     ? 
_diffrn_source.diffrn_id                   1 
_diffrn_source.power                       ? 
_diffrn_source.size                        ? 
_diffrn_source.source                      SYNCHROTRON 
_diffrn_source.target                      ? 
_diffrn_source.type                        'APS BEAMLINE 21-ID-D' 
_diffrn_source.voltage                     ? 
_diffrn_source.take-off_angle              ? 
_diffrn_source.pdbx_wavelength_list        1.0 
_diffrn_source.pdbx_wavelength             ? 
_diffrn_source.pdbx_synchrotron_beamline   21-ID-D 
_diffrn_source.pdbx_synchrotron_site       APS 
# 
_reflns.B_iso_Wilson_estimate                          9.27 
_reflns.entry_id                                       9BNH 
_reflns.data_reduction_details                         ? 
_reflns.data_reduction_method                          ? 
_reflns.d_resolution_high                              1.12 
_reflns.d_resolution_low                               19.41 
_reflns.details                                        ? 
_reflns.limit_h_max                                    ? 
_reflns.limit_h_min                                    ? 
_reflns.limit_k_max                                    ? 
_reflns.limit_k_min                                    ? 
_reflns.limit_l_max                                    ? 
_reflns.limit_l_min                                    ? 
_reflns.number_all                                     ? 
_reflns.number_obs                                     12507 
_reflns.observed_criterion                             ? 
_reflns.observed_criterion_F_max                       ? 
_reflns.observed_criterion_F_min                       ? 
_reflns.observed_criterion_I_max                       ? 
_reflns.observed_criterion_I_min                       ? 
_reflns.observed_criterion_sigma_F                     ? 
_reflns.observed_criterion_sigma_I                     ? 
_reflns.percent_possible_obs                           97.98 
_reflns.R_free_details                                 ? 
_reflns.Rmerge_F_all                                   ? 
_reflns.Rmerge_F_obs                                   ? 
_reflns.Friedel_coverage                               ? 
_reflns.number_gt                                      ? 
_reflns.threshold_expression                           ? 
_reflns.pdbx_redundancy                                6.4 
_reflns.pdbx_netI_over_av_sigmaI                       ? 
_reflns.pdbx_netI_over_sigmaI                          19.70 
_reflns.pdbx_res_netI_over_av_sigmaI_2                 ? 
_reflns.pdbx_res_netI_over_sigmaI_2                    ? 
_reflns.pdbx_chi_squared                               ? 
_reflns.pdbx_scaling_rejects                           ? 
_reflns.pdbx_d_res_high_opt                            ? 
_reflns.pdbx_d_res_low_opt                             ? 
_reflns.pdbx_d_res_opt_method                          ? 
_reflns.phase_calculation_details                      ? 
_reflns.pdbx_Rrim_I_all                                ? 
_reflns.pdbx_Rpim_I_all                                ? 
_reflns.pdbx_d_opt                                     ? 
_reflns.pdbx_number_measured_all                       ? 
_reflns.pdbx_diffrn_id                                 1 
_reflns.pdbx_ordinal                                   1 
_reflns.pdbx_CC_half                                   0.969 
_reflns.pdbx_CC_star                                   0.981 
_reflns.pdbx_R_split                                   ? 
_reflns.pdbx_Rmerge_I_obs                              ? 
_reflns.pdbx_Rmerge_I_all                              ? 
_reflns.pdbx_Rsym_value                                ? 
_reflns.pdbx_CC_split_method                           ? 
_reflns.pdbx_aniso_diffraction_limit_axis_1_ortho[1]   ? 
_reflns.pdbx_aniso_diffraction_limit_axis_1_ortho[2]   ? 
_reflns.pdbx_aniso_diffraction_limit_axis_1_ortho[3]   ? 
_reflns.pdbx_aniso_diffraction_limit_axis_2_ortho[1]   ? 
_reflns.pdbx_aniso_diffraction_limit_axis_2_ortho[2]   ? 
_reflns.pdbx_aniso_diffraction_limit_axis_2_ortho[3]   ? 
_reflns.pdbx_aniso_diffraction_limit_axis_3_ortho[1]   ? 
_reflns.pdbx_aniso_diffraction_limit_axis_3_ortho[2]   ? 
_reflns.pdbx_aniso_diffraction_limit_axis_3_ortho[3]   ? 
_reflns.pdbx_aniso_diffraction_limit_1                 ? 
_reflns.pdbx_aniso_diffraction_limit_2                 ? 
_reflns.pdbx_aniso_diffraction_limit_3                 ? 
_reflns.pdbx_aniso_B_tensor_eigenvector_1_ortho[1]     ? 
_reflns.pdbx_aniso_B_tensor_eigenvector_1_ortho[2]     ? 
_reflns.pdbx_aniso_B_tensor_eigenvector_1_ortho[3]     ? 
_reflns.pdbx_aniso_B_tensor_eigenvector_2_ortho[1]     ? 
_reflns.pdbx_aniso_B_tensor_eigenvector_2_ortho[2]     ? 
_reflns.pdbx_aniso_B_tensor_eigenvector_2_ortho[3]     ? 
_reflns.pdbx_aniso_B_tensor_eigenvector_3_ortho[1]     ? 
_reflns.pdbx_aniso_B_tensor_eigenvector_3_ortho[2]     ? 
_reflns.pdbx_aniso_B_tensor_eigenvector_3_ortho[3]     ? 
_reflns.pdbx_aniso_B_tensor_eigenvalue_1               ? 
_reflns.pdbx_aniso_B_tensor_eigenvalue_2               ? 
_reflns.pdbx_aniso_B_tensor_eigenvalue_3               ? 
_reflns.pdbx_orthogonalization_convention              ? 
_reflns.pdbx_percent_possible_ellipsoidal              ? 
_reflns.pdbx_percent_possible_spherical                ? 
_reflns.pdbx_percent_possible_ellipsoidal_anomalous    ? 
_reflns.pdbx_percent_possible_spherical_anomalous      ? 
_reflns.pdbx_redundancy_anomalous                      ? 
_reflns.pdbx_CC_half_anomalous                         ? 
_reflns.pdbx_absDiff_over_sigma_anomalous              ? 
_reflns.pdbx_percent_possible_anomalous                ? 
_reflns.pdbx_observed_signal_threshold                 ? 
_reflns.pdbx_signal_type                               ? 
_reflns.pdbx_signal_details                            ? 
_reflns.pdbx_signal_software_id                        ? 
# 
_reflns_shell.d_res_high                                    1.12 
_reflns_shell.d_res_low                                     1.16 
_reflns_shell.meanI_over_sigI_all                           ? 
_reflns_shell.meanI_over_sigI_obs                           ? 
_reflns_shell.number_measured_all                           ? 
_reflns_shell.number_measured_obs                           ? 
_reflns_shell.number_possible                               ? 
_reflns_shell.number_unique_all                             ? 
_reflns_shell.number_unique_obs                             964 
_reflns_shell.percent_possible_obs                          ? 
_reflns_shell.Rmerge_F_all                                  ? 
_reflns_shell.Rmerge_F_obs                                  ? 
_reflns_shell.meanI_over_sigI_gt                            ? 
_reflns_shell.meanI_over_uI_all                             ? 
_reflns_shell.meanI_over_uI_gt                              ? 
_reflns_shell.number_measured_gt                            ? 
_reflns_shell.number_unique_gt                              ? 
_reflns_shell.percent_possible_gt                           ? 
_reflns_shell.Rmerge_F_gt                                   ? 
_reflns_shell.Rmerge_I_gt                                   ? 
_reflns_shell.pdbx_redundancy                               ? 
_reflns_shell.pdbx_chi_squared                              ? 
_reflns_shell.pdbx_netI_over_sigmaI_all                     ? 
_reflns_shell.pdbx_netI_over_sigmaI_obs                     ? 
_reflns_shell.pdbx_Rrim_I_all                               ? 
_reflns_shell.pdbx_Rpim_I_all                               ? 
_reflns_shell.pdbx_rejects                                  ? 
_reflns_shell.pdbx_ordinal                                  1 
_reflns_shell.pdbx_diffrn_id                                1 
_reflns_shell.pdbx_CC_half                                  0.963 
_reflns_shell.pdbx_CC_star                                  0.991 
_reflns_shell.pdbx_R_split                                  ? 
_reflns_shell.percent_possible_all                          94.32 
_reflns_shell.Rmerge_I_all                                  ? 
_reflns_shell.Rmerge_I_obs                                  ? 
_reflns_shell.pdbx_Rsym_value                               ? 
_reflns_shell.pdbx_percent_possible_ellipsoidal             ? 
_reflns_shell.pdbx_percent_possible_spherical               ? 
_reflns_shell.pdbx_percent_possible_ellipsoidal_anomalous   ? 
_reflns_shell.pdbx_percent_possible_spherical_anomalous     ? 
_reflns_shell.pdbx_redundancy_anomalous                     ? 
_reflns_shell.pdbx_CC_half_anomalous                        ? 
_reflns_shell.pdbx_absDiff_over_sigma_anomalous             ? 
_reflns_shell.pdbx_percent_possible_anomalous               ? 
# 
_refine.aniso_B[1][1]                            ? 
_refine.aniso_B[1][2]                            ? 
_refine.aniso_B[1][3]                            ? 
_refine.aniso_B[2][2]                            ? 
_refine.aniso_B[2][3]                            ? 
_refine.aniso_B[3][3]                            ? 
_refine.B_iso_max                                ? 
_refine.B_iso_mean                               13.39 
_refine.B_iso_min                                ? 
_refine.correlation_coeff_Fo_to_Fc               ? 
_refine.correlation_coeff_Fo_to_Fc_free          ? 
_refine.details                                  ? 
_refine.diff_density_max                         ? 
_refine.diff_density_max_esd                     ? 
_refine.diff_density_min                         ? 
_refine.diff_density_min_esd                     ? 
_refine.diff_density_rms                         ? 
_refine.diff_density_rms_esd                     ? 
_refine.entry_id                                 9BNH 
_refine.pdbx_refine_id                           'X-RAY DIFFRACTION' 
_refine.ls_abs_structure_details                 ? 
_refine.ls_abs_structure_Flack                   ? 
_refine.ls_abs_structure_Flack_esd               ? 
_refine.ls_abs_structure_Rogers                  ? 
_refine.ls_abs_structure_Rogers_esd              ? 
_refine.ls_d_res_high                            1.12 
_refine.ls_d_res_low                             16.48 
_refine.ls_extinction_coef                       ? 
_refine.ls_extinction_coef_esd                   ? 
_refine.ls_extinction_expression                 ? 
_refine.ls_extinction_method                     ? 
_refine.ls_goodness_of_fit_all                   ? 
_refine.ls_goodness_of_fit_all_esd               ? 
_refine.ls_goodness_of_fit_obs                   ? 
_refine.ls_goodness_of_fit_obs_esd               ? 
_refine.ls_hydrogen_treatment                    ? 
_refine.ls_matrix_type                           ? 
_refine.ls_number_constraints                    ? 
_refine.ls_number_parameters                     ? 
_refine.ls_number_reflns_all                     ? 
_refine.ls_number_reflns_obs                     19272 
_refine.ls_number_reflns_R_free                  1926 
_refine.ls_number_reflns_R_work                  17346 
_refine.ls_number_restraints                     ? 
_refine.ls_percent_reflns_obs                    97.37 
_refine.ls_percent_reflns_R_free                 9.99 
_refine.ls_R_factor_all                          ? 
_refine.ls_R_factor_obs                          0.1222 
_refine.ls_R_factor_R_free                       0.1447 
_refine.ls_R_factor_R_free_error                 ? 
_refine.ls_R_factor_R_free_error_details         ? 
_refine.ls_R_factor_R_work                       0.1195 
_refine.ls_R_Fsqd_factor_obs                     ? 
_refine.ls_R_I_factor_obs                        ? 
_refine.ls_redundancy_reflns_all                 ? 
_refine.ls_redundancy_reflns_obs                 ? 
_refine.ls_restrained_S_all                      ? 
_refine.ls_restrained_S_obs                      ? 
_refine.ls_shift_over_esd_max                    ? 
_refine.ls_shift_over_esd_mean                   ? 
_refine.ls_structure_factor_coef                 ? 
_refine.ls_weighting_details                     ? 
_refine.ls_weighting_scheme                      ? 
_refine.ls_wR_factor_all                         ? 
_refine.ls_wR_factor_obs                         ? 
_refine.ls_wR_factor_R_free                      ? 
_refine.ls_wR_factor_R_work                      ? 
_refine.occupancy_max                            ? 
_refine.occupancy_min                            ? 
_refine.solvent_model_details                    'FLAT BULK SOLVENT MODEL' 
_refine.solvent_model_param_bsol                 ? 
_refine.solvent_model_param_ksol                 ? 
_refine.pdbx_R_complete                          ? 
_refine.ls_R_factor_gt                           ? 
_refine.ls_goodness_of_fit_gt                    ? 
_refine.ls_goodness_of_fit_ref                   ? 
_refine.ls_shift_over_su_max                     ? 
_refine.ls_shift_over_su_max_lt                  ? 
_refine.ls_shift_over_su_mean                    ? 
_refine.ls_shift_over_su_mean_lt                 ? 
_refine.pdbx_ls_sigma_I                          ? 
_refine.pdbx_ls_sigma_F                          1.39 
_refine.pdbx_ls_sigma_Fsqd                       ? 
_refine.pdbx_data_cutoff_high_absF               ? 
_refine.pdbx_data_cutoff_high_rms_absF           ? 
_refine.pdbx_data_cutoff_low_absF                ? 
_refine.pdbx_isotropic_thermal_model             ? 
_refine.pdbx_ls_cross_valid_method               'FREE R-VALUE' 
_refine.pdbx_method_to_determine_struct          'MOLECULAR REPLACEMENT' 
_refine.pdbx_starting_model                      ? 
_refine.pdbx_stereochemistry_target_values       'GeoStd + Monomer Library + CDL v1.2' 
_refine.pdbx_R_Free_selection_details            ? 
_refine.pdbx_stereochem_target_val_spec_case     ? 
_refine.pdbx_overall_ESU_R                       ? 
_refine.pdbx_overall_ESU_R_Free                  ? 
_refine.pdbx_solvent_vdw_probe_radii             1.1100 
_refine.pdbx_solvent_ion_probe_radii             ? 
_refine.pdbx_solvent_shrinkage_radii             0.9000 
_refine.pdbx_real_space_R                        ? 
_refine.pdbx_density_correlation                 ? 
_refine.pdbx_pd_number_of_powder_patterns        ? 
_refine.pdbx_pd_number_of_points                 ? 
_refine.pdbx_pd_meas_number_of_points            ? 
_refine.pdbx_pd_proc_ls_prof_R_factor            ? 
_refine.pdbx_pd_proc_ls_prof_wR_factor           ? 
_refine.pdbx_pd_Marquardt_correlation_coeff      ? 
_refine.pdbx_pd_Fsqrd_R_factor                   ? 
_refine.pdbx_pd_ls_matrix_band_width             ? 
_refine.pdbx_overall_phase_error                 15.3975 
_refine.pdbx_overall_SU_R_free_Cruickshank_DPI   ? 
_refine.pdbx_overall_SU_R_free_Blow_DPI          ? 
_refine.pdbx_overall_SU_R_Blow_DPI               ? 
_refine.pdbx_TLS_residual_ADP_flag               ? 
_refine.pdbx_diffrn_id                           1 
_refine.overall_SU_B                             ? 
_refine.overall_SU_ML                            0.0731 
_refine.overall_SU_R_Cruickshank_DPI             ? 
_refine.overall_SU_R_free                        ? 
_refine.overall_FOM_free_R_set                   ? 
_refine.overall_FOM_work_R_set                   ? 
_refine.pdbx_average_fsc_overall                 ? 
_refine.pdbx_average_fsc_work                    ? 
_refine.pdbx_average_fsc_free                    ? 
# 
_refine_hist.pdbx_refine_id                   'X-RAY DIFFRACTION' 
_refine_hist.cycle_id                         LAST 
_refine_hist.details                          ? 
_refine_hist.d_res_high                       1.12 
_refine_hist.d_res_low                        16.48 
_refine_hist.number_atoms_solvent             37 
_refine_hist.number_atoms_total               321 
_refine_hist.number_reflns_all                ? 
_refine_hist.number_reflns_obs                ? 
_refine_hist.number_reflns_R_free             ? 
_refine_hist.number_reflns_R_work             ? 
_refine_hist.R_factor_all                     ? 
_refine_hist.R_factor_obs                     ? 
_refine_hist.R_factor_R_free                  ? 
_refine_hist.R_factor_R_work                  ? 
_refine_hist.pdbx_number_residues_total       ? 
_refine_hist.pdbx_B_iso_mean_ligand           ? 
_refine_hist.pdbx_B_iso_mean_solvent          ? 
_refine_hist.pdbx_number_atoms_protein        246 
_refine_hist.pdbx_number_atoms_nucleic_acid   0 
_refine_hist.pdbx_number_atoms_ligand         38 
_refine_hist.pdbx_number_atoms_lipid          ? 
_refine_hist.pdbx_number_atoms_carb           ? 
_refine_hist.pdbx_pseudo_atom_details         ? 
# 
loop_
_refine_ls_restr.pdbx_refine_id 
_refine_ls_restr.criterion 
_refine_ls_restr.dev_ideal 
_refine_ls_restr.dev_ideal_target 
_refine_ls_restr.number 
_refine_ls_restr.rejects 
_refine_ls_restr.type 
_refine_ls_restr.weight 
_refine_ls_restr.pdbx_restraint_function 
'X-RAY DIFFRACTION' ? 0.0125 ? 318 ? f_bond_d           ? ? 
'X-RAY DIFFRACTION' ? 0.8067 ? 425 ? f_angle_d          ? ? 
'X-RAY DIFFRACTION' ? 0.0722 ? 24  ? f_chiral_restr     ? ? 
'X-RAY DIFFRACTION' ? 0.0043 ? 53  ? f_plane_restr      ? ? 
'X-RAY DIFFRACTION' ? 6.3515 ? 25  ? f_dihedral_angle_d ? ? 
# 
loop_
_refine_ls_shell.pdbx_refine_id 
_refine_ls_shell.d_res_high 
_refine_ls_shell.d_res_low 
_refine_ls_shell.number_reflns_all 
_refine_ls_shell.number_reflns_obs 
_refine_ls_shell.number_reflns_R_free 
_refine_ls_shell.number_reflns_R_work 
_refine_ls_shell.percent_reflns_obs 
_refine_ls_shell.percent_reflns_R_free 
_refine_ls_shell.R_factor_all 
_refine_ls_shell.R_factor_obs 
_refine_ls_shell.R_factor_R_free_error 
_refine_ls_shell.R_factor_R_work 
_refine_ls_shell.redundancy_reflns_all 
_refine_ls_shell.redundancy_reflns_obs 
_refine_ls_shell.wR_factor_all 
_refine_ls_shell.wR_factor_obs 
_refine_ls_shell.wR_factor_R_free 
_refine_ls_shell.wR_factor_R_work 
_refine_ls_shell.pdbx_R_complete 
_refine_ls_shell.pdbx_total_number_of_bins_used 
_refine_ls_shell.pdbx_phase_error 
_refine_ls_shell.pdbx_fsc_work 
_refine_ls_shell.pdbx_fsc_free 
_refine_ls_shell.R_factor_R_free 
'X-RAY DIFFRACTION' 1.12 1.15  . . 129 1170 91.61 . . . . 0.1605 . . . . . . . . . . . 0.1859 
'X-RAY DIFFRACTION' 1.15 1.18  . . 139 1216 97.90 . . . . 0.1403 . . . . . . . . . . . 0.1820 
'X-RAY DIFFRACTION' 1.18 1.21  . . 146 1313 98.92 . . . . 0.1412 . . . . . . . . . . . 0.1510 
'X-RAY DIFFRACTION' 1.21 1.25  . . 130 1211 98.82 . . . . 0.1350 . . . . . . . . . . . 0.2027 
'X-RAY DIFFRACTION' 1.25 1.30  . . 150 1276 99.10 . . . . 0.1360 . . . . . . . . . . . 0.1548 
'X-RAY DIFFRACTION' 1.30 1.35  . . 132 1259 99.14 . . . . 0.1251 . . . . . . . . . . . 0.1425 
'X-RAY DIFFRACTION' 1.35 1.41  . . 141 1238 98.64 . . . . 0.1223 . . . . . . . . . . . 0.1453 
'X-RAY DIFFRACTION' 1.41 1.49  . . 138 1281 99.23 . . . . 0.1087 . . . . . . . . . . . 0.1461 
'X-RAY DIFFRACTION' 1.49 1.58  . . 146 1189 95.09 . . . . 0.1195 . . . . . . . . . . . 0.1244 
'X-RAY DIFFRACTION' 1.58 1.70  . . 133 1245 96.57 . . . . 0.1135 . . . . . . . . . . . 0.1369 
'X-RAY DIFFRACTION' 1.70 1.87  . . 131 1241 98.21 . . . . 0.1220 . . . . . . . . . . . 0.1325 
'X-RAY DIFFRACTION' 1.87 2.14  . . 139 1255 98.59 . . . . 0.1129 . . . . . . . . . . . 0.1166 
'X-RAY DIFFRACTION' 2.14 2.69  . . 133 1244 96.63 . . . . 0.1164 . . . . . . . . . . . 0.1495 
'X-RAY DIFFRACTION' 2.70 16.48 . . 139 1208 94.99 . . . . 0.1138 . . . . . . . . . . . 0.1534 
# 
_struct.entry_id                     9BNH 
_struct.title                        'X-ray Crystal Structure of Cu-TZ4H tryptophan Zipper Metallo-Peptide' 
_struct.pdbx_model_details           ? 
_struct.pdbx_formula_weight          ? 
_struct.pdbx_formula_weight_method   ? 
_struct.pdbx_model_type_details      ? 
_struct.pdbx_CASP_flag               N 
# 
_struct_keywords.entry_id        9BNH 
_struct_keywords.text            'copper, beta-sheet, hairpin, DE NOVO PROTEIN' 
_struct_keywords.pdbx_keywords   'DE NOVO PROTEIN' 
# 
loop_
_struct_asym.id 
_struct_asym.pdbx_blank_PDB_chainid_flag 
_struct_asym.pdbx_modified 
_struct_asym.entity_id 
_struct_asym.details 
A N N 1 ? 
B N N 1 ? 
C N N 2 ? 
D N N 3 ? 
E N N 4 ? 
F N N 5 ? 
G N N 5 ? 
H N N 2 ? 
I N N 3 ? 
J N N 3 ? 
K N N 3 ? 
L N N 3 ? 
M N N 3 ? 
N N N 3 ? 
O N N 4 ? 
P N N 6 ? 
Q N N 7 ? 
R N N 7 ? 
# 
_struct_ref.id                         1 
_struct_ref.db_name                    PDB 
_struct_ref.db_code                    9BNH 
_struct_ref.pdbx_db_accession          9BNH 
_struct_ref.pdbx_db_isoform            ? 
_struct_ref.entity_id                  1 
_struct_ref.pdbx_seq_one_letter_code   ? 
_struct_ref.pdbx_align_begin           1 
# 
loop_
_struct_ref_seq.align_id 
_struct_ref_seq.ref_id 
_struct_ref_seq.pdbx_PDB_id_code 
_struct_ref_seq.pdbx_strand_id 
_struct_ref_seq.seq_align_beg 
_struct_ref_seq.pdbx_seq_align_beg_ins_code 
_struct_ref_seq.seq_align_end 
_struct_ref_seq.pdbx_seq_align_end_ins_code 
_struct_ref_seq.pdbx_db_accession 
_struct_ref_seq.db_align_beg 
_struct_ref_seq.pdbx_db_align_beg_ins_code 
_struct_ref_seq.db_align_end 
_struct_ref_seq.pdbx_db_align_end_ins_code 
_struct_ref_seq.pdbx_auth_seq_align_beg 
_struct_ref_seq.pdbx_auth_seq_align_end 
1 1 9BNH A 1 ? 12 ? 9BNH 1 ? 12 ? 1 12 
2 1 9BNH B 1 ? 12 ? 9BNH 1 ? 12 ? 1 12 
# 
loop_
_pdbx_struct_assembly.id 
_pdbx_struct_assembly.details 
_pdbx_struct_assembly.method_details 
_pdbx_struct_assembly.oligomeric_details 
_pdbx_struct_assembly.oligomeric_count 
1 author_and_software_defined_assembly PISA dimeric 2 
2 author_and_software_defined_assembly PISA dimeric 2 
# 
loop_
_pdbx_struct_assembly_prop.biol_id 
_pdbx_struct_assembly_prop.type 
_pdbx_struct_assembly_prop.value 
_pdbx_struct_assembly_prop.details 
1 'ABSA (A^2)' 1830 ? 
1 MORE         -29  ? 
1 'SSA (A^2)'  3210 ? 
2 'ABSA (A^2)' 2080 ? 
2 MORE         -45  ? 
2 'SSA (A^2)'  3720 ? 
# 
loop_
_pdbx_struct_assembly_gen.assembly_id 
_pdbx_struct_assembly_gen.oper_expression 
_pdbx_struct_assembly_gen.asym_id_list 
1 1,2 A,C,D,E,F,G,Q         
2 1,3 B,H,I,J,K,L,M,N,O,P,R 
# 
_pdbx_struct_assembly_auth_evidence.id                     1 
_pdbx_struct_assembly_auth_evidence.assembly_id            1 
_pdbx_struct_assembly_auth_evidence.experimental_support   'isothermal titration calorimetry' 
_pdbx_struct_assembly_auth_evidence.details                
'Global fitting of data from forward and reverse titrations suggests 2:2 binding stoichiometry.' 
# 
loop_
_pdbx_struct_oper_list.id 
_pdbx_struct_oper_list.type 
_pdbx_struct_oper_list.name 
_pdbx_struct_oper_list.symmetry_operation 
_pdbx_struct_oper_list.matrix[1][1] 
_pdbx_struct_oper_list.matrix[1][2] 
_pdbx_struct_oper_list.matrix[1][3] 
_pdbx_struct_oper_list.vector[1] 
_pdbx_struct_oper_list.matrix[2][1] 
_pdbx_struct_oper_list.matrix[2][2] 
_pdbx_struct_oper_list.matrix[2][3] 
_pdbx_struct_oper_list.vector[2] 
_pdbx_struct_oper_list.matrix[3][1] 
_pdbx_struct_oper_list.matrix[3][2] 
_pdbx_struct_oper_list.matrix[3][3] 
_pdbx_struct_oper_list.vector[3] 
1 'identity operation'         1_555 x,y,z       1.0000000000  0.0000000000  0.0000000000 0.0000000000  0.0000000000  1.0000000000  0.0000000000  0.0000000000   0.0000000000 0.0000000000  1.0000000000  0.0000000000  
2 'crystal symmetry operation' 2_554 -x,y,-z-1   -0.1698247015 -0.5657445936 0.8069031079 -5.1311629203 -0.5657445936 -0.6144586020 -0.5498851528 -10.3761361594 0.8069031079 -0.5498851528 -0.2157166965 -1.9958756014 
3 'crystal symmetry operation' 2_654 -x+1,y,-z-1 -0.1698247015 -0.5657445936 0.8069031079 5.6823343653  -0.5657445936 -0.6144586020 -0.5498851528 9.9120351719   0.8069031079 -0.5498851528 -0.2157166965 1.1034121367 
# 
loop_
_struct_conn.id 
_struct_conn.conn_type_id 
_struct_conn.pdbx_leaving_atom_flag 
_struct_conn.pdbx_PDB_id 
_struct_conn.ptnr1_label_asym_id 
_struct_conn.ptnr1_label_comp_id 
_struct_conn.ptnr1_label_seq_id 
_struct_conn.ptnr1_label_atom_id 
_struct_conn.pdbx_ptnr1_label_alt_id 
_struct_conn.pdbx_ptnr1_PDB_ins_code 
_struct_conn.pdbx_ptnr1_standard_comp_id 
_struct_conn.ptnr1_symmetry 
_struct_conn.ptnr2_label_asym_id 
_struct_conn.ptnr2_label_comp_id 
_struct_conn.ptnr2_label_seq_id 
_struct_conn.ptnr2_label_atom_id 
_struct_conn.pdbx_ptnr2_label_alt_id 
_struct_conn.pdbx_ptnr2_PDB_ins_code 
_struct_conn.ptnr1_auth_asym_id 
_struct_conn.ptnr1_auth_comp_id 
_struct_conn.ptnr1_auth_seq_id 
_struct_conn.ptnr2_auth_asym_id 
_struct_conn.ptnr2_auth_comp_id 
_struct_conn.ptnr2_auth_seq_id 
_struct_conn.ptnr2_symmetry 
_struct_conn.pdbx_ptnr3_label_atom_id 
_struct_conn.pdbx_ptnr3_label_seq_id 
_struct_conn.pdbx_ptnr3_label_comp_id 
_struct_conn.pdbx_ptnr3_label_asym_id 
_struct_conn.pdbx_ptnr3_label_alt_id 
_struct_conn.pdbx_ptnr3_PDB_ins_code 
_struct_conn.details 
_struct_conn.pdbx_dist_value 
_struct_conn.pdbx_value_order 
_struct_conn.pdbx_role 
metalc1  metalc ? ? A HIS 3  ND1 ? ? ? 1_555 E CU  . CU  ? ? A HIS 3   A CU  103 2_554 ? ? ? ? ? ? ? 2.027 ? ? 
metalc2  metalc ? ? A HIS 5  NE2 ? ? ? 1_555 E CU  . CU  ? ? A HIS 5   A CU  103 2_554 ? ? ? ? ? ? ? 2.028 ? ? 
metalc3  metalc ? ? A HIS 10 ND1 ? ? ? 1_555 E CU  . CU  ? ? A HIS 10  A CU  103 1_555 ? ? ? ? ? ? ? 2.040 ? ? 
metalc4  metalc ? ? A HIS 12 NE2 ? ? ? 1_555 E CU  . CU  ? ? A HIS 12  A CU  103 1_555 ? ? ? ? ? ? ? 1.989 ? ? 
metalc5  metalc ? ? E CU  .  CU  ? ? ? 1_555 Q HOH . O   ? ? A CU  103 A HOH 215 1_555 ? ? ? ? ? ? ? 2.231 ? ? 
metalc6  metalc ? ? F NA  .  NA  ? ? ? 1_555 L ACY . OXT B ? A NA  104 B ACY 105 1_555 ? ? ? ? ? ? ? 2.948 ? ? 
metalc7  metalc ? ? F NA  .  NA  ? ? ? 1_555 L ACY . O   B ? A NA  104 B ACY 105 1_555 ? ? ? ? ? ? ? 2.292 ? ? 
metalc8  metalc ? ? F NA  .  NA  ? ? ? 1_555 L ACY . O   B ? A NA  104 B ACY 105 2_654 ? ? ? ? ? ? ? 2.292 ? ? 
metalc9  metalc ? ? F NA  .  NA  ? ? ? 1_555 L ACY . OXT B ? A NA  104 B ACY 105 2_654 ? ? ? ? ? ? ? 2.948 ? ? 
metalc10 metalc ? ? G NA  .  NA  ? ? ? 1_555 Q HOH . O   ? ? A NA  105 A HOH 215 1_555 ? ? ? ? ? ? ? 2.818 ? ? 
metalc11 metalc ? ? G NA  .  NA  ? ? ? 1_555 I ACY . O   ? ? A NA  105 B ACY 102 1_565 ? ? ? ? ? ? ? 2.521 ? ? 
metalc12 metalc ? ? B HIS 3  ND1 ? ? ? 1_555 O CU  . CU  ? ? B HIS 3   B CU  108 2_654 ? ? ? ? ? ? ? 2.051 ? ? 
metalc13 metalc ? ? B HIS 5  NE2 ? ? ? 1_555 O CU  . CU  ? ? B HIS 5   B CU  108 2_654 ? ? ? ? ? ? ? 2.018 ? ? 
metalc14 metalc ? ? B HIS 10 ND1 ? ? ? 1_555 O CU  . CU  ? ? B HIS 10  B CU  108 1_555 ? ? ? ? ? ? ? 2.018 ? ? 
metalc15 metalc ? ? B HIS 12 NE2 A ? ? 1_555 O CU  . CU  ? ? B HIS 12  B CU  108 1_555 ? ? ? ? ? ? ? 2.047 ? ? 
metalc16 metalc ? ? B HIS 12 NE2 B ? ? 1_555 O CU  . CU  ? ? B HIS 12  B CU  108 1_555 ? ? ? ? ? ? ? 2.023 ? ? 
metalc17 metalc ? ? K ACY .  O   ? ? ? 1_555 O CU  . CU  ? ? B ACY 104 B CU  108 1_555 ? ? ? ? ? ? ? 2.270 ? ? 
# 
_struct_conn_type.id          metalc 
_struct_conn_type.criteria    ? 
_struct_conn_type.reference   ? 
# 
loop_
_pdbx_struct_conn_angle.id 
_pdbx_struct_conn_angle.ptnr1_label_atom_id 
_pdbx_struct_conn_angle.ptnr1_label_alt_id 
_pdbx_struct_conn_angle.ptnr1_label_asym_id 
_pdbx_struct_conn_angle.ptnr1_label_comp_id 
_pdbx_struct_conn_angle.ptnr1_label_seq_id 
_pdbx_struct_conn_angle.ptnr1_auth_atom_id 
_pdbx_struct_conn_angle.ptnr1_auth_asym_id 
_pdbx_struct_conn_angle.ptnr1_auth_comp_id 
_pdbx_struct_conn_angle.ptnr1_auth_seq_id 
_pdbx_struct_conn_angle.ptnr1_PDB_ins_code 
_pdbx_struct_conn_angle.ptnr1_symmetry 
_pdbx_struct_conn_angle.ptnr2_label_atom_id 
_pdbx_struct_conn_angle.ptnr2_label_alt_id 
_pdbx_struct_conn_angle.ptnr2_label_asym_id 
_pdbx_struct_conn_angle.ptnr2_label_comp_id 
_pdbx_struct_conn_angle.ptnr2_label_seq_id 
_pdbx_struct_conn_angle.ptnr2_auth_atom_id 
_pdbx_struct_conn_angle.ptnr2_auth_asym_id 
_pdbx_struct_conn_angle.ptnr2_auth_comp_id 
_pdbx_struct_conn_angle.ptnr2_auth_seq_id 
_pdbx_struct_conn_angle.ptnr2_PDB_ins_code 
_pdbx_struct_conn_angle.ptnr2_symmetry 
_pdbx_struct_conn_angle.ptnr3_label_atom_id 
_pdbx_struct_conn_angle.ptnr3_label_alt_id 
_pdbx_struct_conn_angle.ptnr3_label_asym_id 
_pdbx_struct_conn_angle.ptnr3_label_comp_id 
_pdbx_struct_conn_angle.ptnr3_label_seq_id 
_pdbx_struct_conn_angle.ptnr3_auth_atom_id 
_pdbx_struct_conn_angle.ptnr3_auth_asym_id 
_pdbx_struct_conn_angle.ptnr3_auth_comp_id 
_pdbx_struct_conn_angle.ptnr3_auth_seq_id 
_pdbx_struct_conn_angle.ptnr3_PDB_ins_code 
_pdbx_struct_conn_angle.ptnr3_symmetry 
_pdbx_struct_conn_angle.value 
_pdbx_struct_conn_angle.value_esd 
1  ND1 ? A HIS 3  ? A HIS 3   ? 1_555 CU ? E CU . ? A CU 103 ? 2_554 NE2 ? A HIS 5  ? A HIS 5   ? 1_555 88.4  ? 
2  ND1 ? A HIS 3  ? A HIS 3   ? 1_555 CU ? E CU . ? A CU 103 ? 2_554 ND1 ? A HIS 10 ? A HIS 10  ? 1_555 104.2 ? 
3  NE2 ? A HIS 5  ? A HIS 5   ? 1_555 CU ? E CU . ? A CU 103 ? 2_554 ND1 ? A HIS 10 ? A HIS 10  ? 1_555 33.7  ? 
4  ND1 ? A HIS 3  ? A HIS 3   ? 1_555 CU ? E CU . ? A CU 103 ? 2_554 NE2 ? A HIS 12 ? A HIS 12  ? 1_555 109.2 ? 
5  NE2 ? A HIS 5  ? A HIS 5   ? 1_555 CU ? E CU . ? A CU 103 ? 2_554 NE2 ? A HIS 12 ? A HIS 12  ? 1_555 33.1  ? 
6  ND1 ? A HIS 10 ? A HIS 10  ? 1_555 CU ? E CU . ? A CU 103 ? 2_554 NE2 ? A HIS 12 ? A HIS 12  ? 1_555 6.1   ? 
7  ND1 ? A HIS 3  ? A HIS 3   ? 1_555 CU ? E CU . ? A CU 103 ? 2_554 O   ? Q HOH .  ? A HOH 215 ? 1_555 115.6 ? 
8  NE2 ? A HIS 5  ? A HIS 5   ? 1_555 CU ? E CU . ? A CU 103 ? 2_554 O   ? Q HOH .  ? A HOH 215 ? 1_555 37.5  ? 
9  ND1 ? A HIS 10 ? A HIS 10  ? 1_555 CU ? E CU . ? A CU 103 ? 2_554 O   ? Q HOH .  ? A HOH 215 ? 1_555 11.7  ? 
10 NE2 ? A HIS 12 ? A HIS 12  ? 1_555 CU ? E CU . ? A CU 103 ? 2_554 O   ? Q HOH .  ? A HOH 215 ? 1_555 6.4   ? 
11 OXT B L ACY .  ? B ACY 105 ? 1_555 NA ? F NA . ? A NA 104 ? 1_555 O   B L ACY .  ? B ACY 105 ? 1_555 49.5  ? 
12 OXT B L ACY .  ? B ACY 105 ? 1_555 NA ? F NA . ? A NA 104 ? 1_555 O   B L ACY .  ? B ACY 105 ? 2_654 114.8 ? 
13 O   B L ACY .  ? B ACY 105 ? 1_555 NA ? F NA . ? A NA 104 ? 1_555 O   B L ACY .  ? B ACY 105 ? 2_654 140.2 ? 
14 OXT B L ACY .  ? B ACY 105 ? 1_555 NA ? F NA . ? A NA 104 ? 1_555 OXT B L ACY .  ? B ACY 105 ? 2_654 140.5 ? 
15 O   B L ACY .  ? B ACY 105 ? 1_555 NA ? F NA . ? A NA 104 ? 1_555 OXT B L ACY .  ? B ACY 105 ? 2_654 114.8 ? 
16 O   B L ACY .  ? B ACY 105 ? 2_654 NA ? F NA . ? A NA 104 ? 1_555 OXT B L ACY .  ? B ACY 105 ? 2_654 49.5  ? 
17 O   ? Q HOH .  ? A HOH 215 ? 1_555 NA ? G NA . ? A NA 105 ? 1_555 O   ? I ACY .  ? B ACY 102 ? 1_565 99.7  ? 
18 ND1 ? B HIS 3  ? B HIS 3   ? 1_555 CU ? O CU . ? B CU 108 ? 2_654 NE2 ? B HIS 5  ? B HIS 5   ? 1_555 85.9  ? 
19 ND1 ? B HIS 3  ? B HIS 3   ? 1_555 CU ? O CU . ? B CU 108 ? 2_654 ND1 ? B HIS 10 ? B HIS 10  ? 1_555 97.9  ? 
20 NE2 ? B HIS 5  ? B HIS 5   ? 1_555 CU ? O CU . ? B CU 108 ? 2_654 ND1 ? B HIS 10 ? B HIS 10  ? 1_555 21.2  ? 
21 ND1 ? B HIS 3  ? B HIS 3   ? 1_555 CU ? O CU . ? B CU 108 ? 2_654 NE2 A B HIS 12 ? B HIS 12  ? 1_555 100.1 ? 
22 NE2 ? B HIS 5  ? B HIS 5   ? 1_555 CU ? O CU . ? B CU 108 ? 2_654 NE2 A B HIS 12 ? B HIS 12  ? 1_555 18.9  ? 
23 ND1 ? B HIS 10 ? B HIS 10  ? 1_555 CU ? O CU . ? B CU 108 ? 2_654 NE2 A B HIS 12 ? B HIS 12  ? 1_555 5.4   ? 
24 ND1 ? B HIS 3  ? B HIS 3   ? 1_555 CU ? O CU . ? B CU 108 ? 2_654 NE2 B B HIS 12 ? B HIS 12  ? 1_555 100.8 ? 
25 NE2 ? B HIS 5  ? B HIS 5   ? 1_555 CU ? O CU . ? B CU 108 ? 2_654 NE2 B B HIS 12 ? B HIS 12  ? 1_555 19.6  ? 
26 ND1 ? B HIS 10 ? B HIS 10  ? 1_555 CU ? O CU . ? B CU 108 ? 2_654 NE2 B B HIS 12 ? B HIS 12  ? 1_555 5.4   ? 
27 NE2 A B HIS 12 ? B HIS 12  ? 1_555 CU ? O CU . ? B CU 108 ? 2_654 NE2 B B HIS 12 ? B HIS 12  ? 1_555 0.7   ? 
28 ND1 ? B HIS 3  ? B HIS 3   ? 1_555 CU ? O CU . ? B CU 108 ? 2_654 O   ? K ACY .  ? B ACY 104 ? 1_555 106.9 ? 
29 NE2 ? B HIS 5  ? B HIS 5   ? 1_555 CU ? O CU . ? B CU 108 ? 2_654 O   ? K ACY .  ? B ACY 104 ? 1_555 23.5  ? 
30 ND1 ? B HIS 10 ? B HIS 10  ? 1_555 CU ? O CU . ? B CU 108 ? 2_654 O   ? K ACY .  ? B ACY 104 ? 1_555 11.1  ? 
31 NE2 A B HIS 12 ? B HIS 12  ? 1_555 CU ? O CU . ? B CU 108 ? 2_654 O   ? K ACY .  ? B ACY 104 ? 1_555 7.0   ? 
32 NE2 B B HIS 12 ? B HIS 12  ? 1_555 CU ? O CU . ? B CU 108 ? 2_654 O   ? K ACY .  ? B ACY 104 ? 1_555 6.4   ? 
# 
_pdbx_entry_details.entry_id                   9BNH 
_pdbx_entry_details.nonpolymer_details         ? 
_pdbx_entry_details.sequence_details           ? 
_pdbx_entry_details.compound_details           ? 
_pdbx_entry_details.source_details             ? 
_pdbx_entry_details.has_ligand_of_interest     Y 
_pdbx_entry_details.has_protein_modification   N 
# 
loop_
_pdbx_validate_close_contact.id 
_pdbx_validate_close_contact.PDB_model_num 
_pdbx_validate_close_contact.auth_atom_id_1 
_pdbx_validate_close_contact.auth_asym_id_1 
_pdbx_validate_close_contact.auth_comp_id_1 
_pdbx_validate_close_contact.auth_seq_id_1 
_pdbx_validate_close_contact.PDB_ins_code_1 
_pdbx_validate_close_contact.label_alt_id_1 
_pdbx_validate_close_contact.auth_atom_id_2 
_pdbx_validate_close_contact.auth_asym_id_2 
_pdbx_validate_close_contact.auth_comp_id_2 
_pdbx_validate_close_contact.auth_seq_id_2 
_pdbx_validate_close_contact.PDB_ins_code_2 
_pdbx_validate_close_contact.label_alt_id_2 
_pdbx_validate_close_contact.dist 
1 1 C   A HIS 12  ? ? N   A NH3 101 ? ? 1.42 
2 1 C   B HIS 12  ? A N   B NH3 101 ? ? 1.42 
3 1 C   B HIS 12  ? B N   B NH3 101 ? ? 1.43 
4 1 HD1 A HIS 5   ? ? O   A HOH 204 ? ? 1.54 
5 1 C   B HIS 12  ? A HN2 B NH3 101 ? ? 1.58 
6 1 O   B HOH 214 ? ? O   B HOH 217 ? ? 1.89 
7 1 O   A HOH 214 ? ? O   A HOH 216 ? ? 1.92 
8 1 NZ  B LYS 8   ? A O   B HOH 201 ? ? 2.06 
9 1 O   B HOH 215 ? ? O   B HOH 220 ? ? 2.09 
# 
loop_
_pdbx_validate_symm_contact.id 
_pdbx_validate_symm_contact.PDB_model_num 
_pdbx_validate_symm_contact.auth_atom_id_1 
_pdbx_validate_symm_contact.auth_asym_id_1 
_pdbx_validate_symm_contact.auth_comp_id_1 
_pdbx_validate_symm_contact.auth_seq_id_1 
_pdbx_validate_symm_contact.PDB_ins_code_1 
_pdbx_validate_symm_contact.label_alt_id_1 
_pdbx_validate_symm_contact.site_symmetry_1 
_pdbx_validate_symm_contact.auth_atom_id_2 
_pdbx_validate_symm_contact.auth_asym_id_2 
_pdbx_validate_symm_contact.auth_comp_id_2 
_pdbx_validate_symm_contact.auth_seq_id_2 
_pdbx_validate_symm_contact.PDB_ins_code_2 
_pdbx_validate_symm_contact.label_alt_id_2 
_pdbx_validate_symm_contact.site_symmetry_2 
_pdbx_validate_symm_contact.dist 
1 1 C2  B PGE 109 ? ? 1_555 O2 B PGE 109 ? ? 2_553 1.41 
2 1 OXT B ACY 105 ? A 1_555 O  B HOH 201 ? ? 2_654 1.88 
# 
loop_
_pdbx_struct_special_symmetry.id 
_pdbx_struct_special_symmetry.PDB_model_num 
_pdbx_struct_special_symmetry.auth_asym_id 
_pdbx_struct_special_symmetry.auth_comp_id 
_pdbx_struct_special_symmetry.auth_seq_id 
_pdbx_struct_special_symmetry.PDB_ins_code 
_pdbx_struct_special_symmetry.label_asym_id 
_pdbx_struct_special_symmetry.label_comp_id 
_pdbx_struct_special_symmetry.label_seq_id 
1 1 A NA  104 ? F NA  . 
2 1 B PGE 109 ? P PGE . 
3 1 A HOH 205 ? Q HOH . 
4 1 B HOH 208 ? R HOH . 
# 
loop_
_space_group_symop.id 
_space_group_symop.operation_xyz 
1 x,y,z   
2 -x,y,-z 
# 
_pdbx_distant_solvent_atoms.id                                1 
_pdbx_distant_solvent_atoms.PDB_model_num                     1 
_pdbx_distant_solvent_atoms.auth_atom_id                      O 
_pdbx_distant_solvent_atoms.label_alt_id                      ? 
_pdbx_distant_solvent_atoms.auth_asym_id                      B 
_pdbx_distant_solvent_atoms.auth_comp_id                      HOH 
_pdbx_distant_solvent_atoms.auth_seq_id                       221 
_pdbx_distant_solvent_atoms.PDB_ins_code                      ? 
_pdbx_distant_solvent_atoms.neighbor_macromolecule_distance   5.81 
_pdbx_distant_solvent_atoms.neighbor_ligand_distance          . 
# 
loop_
_chem_comp_atom.comp_id 
_chem_comp_atom.atom_id 
_chem_comp_atom.type_symbol 
_chem_comp_atom.pdbx_aromatic_flag 
_chem_comp_atom.pdbx_stereo_config 
_chem_comp_atom.pdbx_ordinal 
ACY C    C  N N 1   
ACY O    O  N N 2   
ACY OXT  O  N N 3   
ACY CH3  C  N N 4   
ACY HXT  H  N N 5   
ACY H1   H  N N 6   
ACY H2   H  N N 7   
ACY H3   H  N N 8   
ASN N    N  N N 9   
ASN CA   C  N S 10  
ASN C    C  N N 11  
ASN O    O  N N 12  
ASN CB   C  N N 13  
ASN CG   C  N N 14  
ASN OD1  O  N N 15  
ASN ND2  N  N N 16  
ASN OXT  O  N N 17  
ASN H    H  N N 18  
ASN H2   H  N N 19  
ASN HA   H  N N 20  
ASN HB2  H  N N 21  
ASN HB3  H  N N 22  
ASN HD21 H  N N 23  
ASN HD22 H  N N 24  
ASN HXT  H  N N 25  
CU  CU   CU N N 26  
GLY N    N  N N 27  
GLY CA   C  N N 28  
GLY C    C  N N 29  
GLY O    O  N N 30  
GLY OXT  O  N N 31  
GLY H    H  N N 32  
GLY H2   H  N N 33  
GLY HA2  H  N N 34  
GLY HA3  H  N N 35  
GLY HXT  H  N N 36  
HIS N    N  N N 37  
HIS CA   C  N S 38  
HIS C    C  N N 39  
HIS O    O  N N 40  
HIS CB   C  N N 41  
HIS CG   C  Y N 42  
HIS ND1  N  Y N 43  
HIS CD2  C  Y N 44  
HIS CE1  C  Y N 45  
HIS NE2  N  Y N 46  
HIS OXT  O  N N 47  
HIS H    H  N N 48  
HIS H2   H  N N 49  
HIS HA   H  N N 50  
HIS HB2  H  N N 51  
HIS HB3  H  N N 52  
HIS HD1  H  N N 53  
HIS HD2  H  N N 54  
HIS HE1  H  N N 55  
HIS HE2  H  N N 56  
HIS HXT  H  N N 57  
HOH O    O  N N 58  
HOH H1   H  N N 59  
HOH H2   H  N N 60  
LYS N    N  N N 61  
LYS CA   C  N S 62  
LYS C    C  N N 63  
LYS O    O  N N 64  
LYS CB   C  N N 65  
LYS CG   C  N N 66  
LYS CD   C  N N 67  
LYS CE   C  N N 68  
LYS NZ   N  N N 69  
LYS OXT  O  N N 70  
LYS H    H  N N 71  
LYS H2   H  N N 72  
LYS HA   H  N N 73  
LYS HB2  H  N N 74  
LYS HB3  H  N N 75  
LYS HG2  H  N N 76  
LYS HG3  H  N N 77  
LYS HD2  H  N N 78  
LYS HD3  H  N N 79  
LYS HE2  H  N N 80  
LYS HE3  H  N N 81  
LYS HZ1  H  N N 82  
LYS HZ2  H  N N 83  
LYS HZ3  H  N N 84  
LYS HXT  H  N N 85  
NA  NA   NA N N 86  
NH3 N    N  N N 87  
NH3 HN1  H  N N 88  
NH3 HN2  H  N N 89  
NH3 HN3  H  N N 90  
PGE C1   C  N N 91  
PGE O1   O  N N 92  
PGE C2   C  N N 93  
PGE O2   O  N N 94  
PGE C3   C  N N 95  
PGE C4   C  N N 96  
PGE O4   O  N N 97  
PGE C6   C  N N 98  
PGE C5   C  N N 99  
PGE O3   O  N N 100 
PGE H1   H  N N 101 
PGE H12  H  N N 102 
PGE HO1  H  N N 103 
PGE H2   H  N N 104 
PGE H22  H  N N 105 
PGE H3   H  N N 106 
PGE H32  H  N N 107 
PGE H4   H  N N 108 
PGE H42  H  N N 109 
PGE HO4  H  N N 110 
PGE H6   H  N N 111 
PGE H62  H  N N 112 
PGE H5   H  N N 113 
PGE H52  H  N N 114 
SER N    N  N N 115 
SER CA   C  N S 116 
SER C    C  N N 117 
SER O    O  N N 118 
SER CB   C  N N 119 
SER OG   O  N N 120 
SER OXT  O  N N 121 
SER H    H  N N 122 
SER H2   H  N N 123 
SER HA   H  N N 124 
SER HB2  H  N N 125 
SER HB3  H  N N 126 
SER HG   H  N N 127 
SER HXT  H  N N 128 
TRP N    N  N N 129 
TRP CA   C  N S 130 
TRP C    C  N N 131 
TRP O    O  N N 132 
TRP CB   C  N N 133 
TRP CG   C  Y N 134 
TRP CD1  C  Y N 135 
TRP CD2  C  Y N 136 
TRP NE1  N  Y N 137 
TRP CE2  C  Y N 138 
TRP CE3  C  Y N 139 
TRP CZ2  C  Y N 140 
TRP CZ3  C  Y N 141 
TRP CH2  C  Y N 142 
TRP OXT  O  N N 143 
TRP H    H  N N 144 
TRP H2   H  N N 145 
TRP HA   H  N N 146 
TRP HB2  H  N N 147 
TRP HB3  H  N N 148 
TRP HD1  H  N N 149 
TRP HE1  H  N N 150 
TRP HE3  H  N N 151 
TRP HZ2  H  N N 152 
TRP HZ3  H  N N 153 
TRP HH2  H  N N 154 
TRP HXT  H  N N 155 
# 
loop_
_chem_comp_bond.comp_id 
_chem_comp_bond.atom_id_1 
_chem_comp_bond.atom_id_2 
_chem_comp_bond.value_order 
_chem_comp_bond.pdbx_aromatic_flag 
_chem_comp_bond.pdbx_stereo_config 
_chem_comp_bond.pdbx_ordinal 
ACY C   O    doub N N 1   
ACY C   OXT  sing N N 2   
ACY C   CH3  sing N N 3   
ACY OXT HXT  sing N N 4   
ACY CH3 H1   sing N N 5   
ACY CH3 H2   sing N N 6   
ACY CH3 H3   sing N N 7   
ASN N   CA   sing N N 8   
ASN N   H    sing N N 9   
ASN N   H2   sing N N 10  
ASN CA  C    sing N N 11  
ASN CA  CB   sing N N 12  
ASN CA  HA   sing N N 13  
ASN C   O    doub N N 14  
ASN C   OXT  sing N N 15  
ASN CB  CG   sing N N 16  
ASN CB  HB2  sing N N 17  
ASN CB  HB3  sing N N 18  
ASN CG  OD1  doub N N 19  
ASN CG  ND2  sing N N 20  
ASN ND2 HD21 sing N N 21  
ASN ND2 HD22 sing N N 22  
ASN OXT HXT  sing N N 23  
GLY N   CA   sing N N 24  
GLY N   H    sing N N 25  
GLY N   H2   sing N N 26  
GLY CA  C    sing N N 27  
GLY CA  HA2  sing N N 28  
GLY CA  HA3  sing N N 29  
GLY C   O    doub N N 30  
GLY C   OXT  sing N N 31  
GLY OXT HXT  sing N N 32  
HIS N   CA   sing N N 33  
HIS N   H    sing N N 34  
HIS N   H2   sing N N 35  
HIS CA  C    sing N N 36  
HIS CA  CB   sing N N 37  
HIS CA  HA   sing N N 38  
HIS C   O    doub N N 39  
HIS C   OXT  sing N N 40  
HIS CB  CG   sing N N 41  
HIS CB  HB2  sing N N 42  
HIS CB  HB3  sing N N 43  
HIS CG  ND1  sing Y N 44  
HIS CG  CD2  doub Y N 45  
HIS ND1 CE1  doub Y N 46  
HIS ND1 HD1  sing N N 47  
HIS CD2 NE2  sing Y N 48  
HIS CD2 HD2  sing N N 49  
HIS CE1 NE2  sing Y N 50  
HIS CE1 HE1  sing N N 51  
HIS NE2 HE2  sing N N 52  
HIS OXT HXT  sing N N 53  
HOH O   H1   sing N N 54  
HOH O   H2   sing N N 55  
LYS N   CA   sing N N 56  
LYS N   H    sing N N 57  
LYS N   H2   sing N N 58  
LYS CA  C    sing N N 59  
LYS CA  CB   sing N N 60  
LYS CA  HA   sing N N 61  
LYS C   O    doub N N 62  
LYS C   OXT  sing N N 63  
LYS CB  CG   sing N N 64  
LYS CB  HB2  sing N N 65  
LYS CB  HB3  sing N N 66  
LYS CG  CD   sing N N 67  
LYS CG  HG2  sing N N 68  
LYS CG  HG3  sing N N 69  
LYS CD  CE   sing N N 70  
LYS CD  HD2  sing N N 71  
LYS CD  HD3  sing N N 72  
LYS CE  NZ   sing N N 73  
LYS CE  HE2  sing N N 74  
LYS CE  HE3  sing N N 75  
LYS NZ  HZ1  sing N N 76  
LYS NZ  HZ2  sing N N 77  
LYS NZ  HZ3  sing N N 78  
LYS OXT HXT  sing N N 79  
NH3 N   HN1  sing N N 80  
NH3 N   HN2  sing N N 81  
NH3 N   HN3  sing N N 82  
PGE C1  O1   sing N N 83  
PGE C1  C2   sing N N 84  
PGE C1  H1   sing N N 85  
PGE C1  H12  sing N N 86  
PGE O1  HO1  sing N N 87  
PGE C2  O2   sing N N 88  
PGE C2  H2   sing N N 89  
PGE C2  H22  sing N N 90  
PGE O2  C3   sing N N 91  
PGE C3  C4   sing N N 92  
PGE C3  H3   sing N N 93  
PGE C3  H32  sing N N 94  
PGE C4  O3   sing N N 95  
PGE C4  H4   sing N N 96  
PGE C4  H42  sing N N 97  
PGE O4  C6   sing N N 98  
PGE O4  HO4  sing N N 99  
PGE C6  C5   sing N N 100 
PGE C6  H6   sing N N 101 
PGE C6  H62  sing N N 102 
PGE C5  O3   sing N N 103 
PGE C5  H5   sing N N 104 
PGE C5  H52  sing N N 105 
SER N   CA   sing N N 106 
SER N   H    sing N N 107 
SER N   H2   sing N N 108 
SER CA  C    sing N N 109 
SER CA  CB   sing N N 110 
SER CA  HA   sing N N 111 
SER C   O    doub N N 112 
SER C   OXT  sing N N 113 
SER CB  OG   sing N N 114 
SER CB  HB2  sing N N 115 
SER CB  HB3  sing N N 116 
SER OG  HG   sing N N 117 
SER OXT HXT  sing N N 118 
TRP N   CA   sing N N 119 
TRP N   H    sing N N 120 
TRP N   H2   sing N N 121 
TRP CA  C    sing N N 122 
TRP CA  CB   sing N N 123 
TRP CA  HA   sing N N 124 
TRP C   O    doub N N 125 
TRP C   OXT  sing N N 126 
TRP CB  CG   sing N N 127 
TRP CB  HB2  sing N N 128 
TRP CB  HB3  sing N N 129 
TRP CG  CD1  doub Y N 130 
TRP CG  CD2  sing Y N 131 
TRP CD1 NE1  sing Y N 132 
TRP CD1 HD1  sing N N 133 
TRP CD2 CE2  doub Y N 134 
TRP CD2 CE3  sing Y N 135 
TRP NE1 CE2  sing Y N 136 
TRP NE1 HE1  sing N N 137 
TRP CE2 CZ2  sing Y N 138 
TRP CE3 CZ3  doub Y N 139 
TRP CE3 HE3  sing N N 140 
TRP CZ2 CH2  doub Y N 141 
TRP CZ2 HZ2  sing N N 142 
TRP CZ3 CH2  sing Y N 143 
TRP CZ3 HZ3  sing N N 144 
TRP CH2 HH2  sing N N 145 
TRP OXT HXT  sing N N 146 
# 
_pdbx_audit_support.funding_organization   'Department of Energy (DOE, United States)' 
_pdbx_audit_support.country                'United States' 
_pdbx_audit_support.grant_number           DE-AC02-06CH11357 
_pdbx_audit_support.ordinal                1 
# 
_pdbx_initial_refinement_model.id               1 
_pdbx_initial_refinement_model.entity_id_list   ? 
_pdbx_initial_refinement_model.type             'experimental model' 
_pdbx_initial_refinement_model.source_name      Other 
_pdbx_initial_refinement_model.accession_code   ? 
_pdbx_initial_refinement_model.details          'Model solved with SAD Phasing at 1.38776 wavelength' 
# 
_space_group.name_H-M_alt     'P 1 2 1' 
_space_group.name_Hall        'P 2y' 
_space_group.IT_number        3 
_space_group.crystal_system   monoclinic 
_space_group.id               1 
# 
_atom_sites.entry_id                    9BNH 
_atom_sites.Cartn_transf_matrix[1][1]   ? 
_atom_sites.Cartn_transf_matrix[1][2]   ? 
_atom_sites.Cartn_transf_matrix[1][3]   ? 
_atom_sites.Cartn_transf_matrix[2][1]   ? 
_atom_sites.Cartn_transf_matrix[2][2]   ? 
_atom_sites.Cartn_transf_matrix[2][3]   ? 
_atom_sites.Cartn_transf_matrix[3][1]   ? 
_atom_sites.Cartn_transf_matrix[3][2]   ? 
_atom_sites.Cartn_transf_matrix[3][3]   ? 
_atom_sites.Cartn_transf_vector[1]      ? 
_atom_sites.Cartn_transf_vector[2]      ? 
_atom_sites.Cartn_transf_vector[3]      ? 
_atom_sites.Cartn_transform_axes        ? 
_atom_sites.fract_transf_matrix[1][1]   0.01041514 
_atom_sites.fract_transf_matrix[1][2]   0.04098550 
_atom_sites.fract_transf_matrix[1][3]   0.01802067 
_atom_sites.fract_transf_matrix[2][1]   -0.02550483 
_atom_sites.fract_transf_matrix[2][2]   0.01738093 
_atom_sites.fract_transf_matrix[2][3]   -0.02478986 
_atom_sites.fract_transf_matrix[3][1]   -0.02677398 
_atom_sites.fract_transf_matrix[3][2]   0.00908887 
_atom_sites.fract_transf_matrix[3][3]   0.03391866 
_atom_sites.fract_transf_vector[1]      0.257339 
_atom_sites.fract_transf_vector[2]      -0.248923 
_atom_sites.fract_transf_vector[3]      -0.487693 
_atom_sites.solution_primary            ? 
_atom_sites.solution_secondary          ? 
_atom_sites.solution_hydrogens          ? 
_atom_sites.special_details             ? 
# 
loop_
_atom_type.symbol 
_atom_type.scat_dispersion_real 
_atom_type.scat_dispersion_imag 
_atom_type.scat_Cromer_Mann_a1 
_atom_type.scat_Cromer_Mann_a2 
_atom_type.scat_Cromer_Mann_a3 
_atom_type.scat_Cromer_Mann_a4 
_atom_type.scat_Cromer_Mann_b1 
_atom_type.scat_Cromer_Mann_b2 
_atom_type.scat_Cromer_Mann_b3 
_atom_type.scat_Cromer_Mann_b4 
_atom_type.scat_Cromer_Mann_c 
_atom_type.scat_source 
_atom_type.scat_dispersion_source 
C  ? ? 3.54356  2.42580 ?       ? 25.62398 1.50364  ?        ? 0.0 
;2-Gaussian fit: Grosse-Kunstleve RW, Sauter NK, Adams PD: Newsletter of the IUCr Commission on Crystallographic Computing 2004, 3, 22-31.
;
? 
CU ? ? 23.42449 5.47274 ?       ? 2.18335  24.96234 ?        ? 0.0 
;2-Gaussian fit: Grosse-Kunstleve RW, Sauter NK, Adams PD: Newsletter of the IUCr Commission on Crystallographic Computing 2004, 3, 22-31.
;
? 
H  ? ? 0.51345  0.48472 ?       ? 24.73122 6.32584  ?        ? 0.0 
;2-Gaussian fit: Grosse-Kunstleve RW, Sauter NK, Adams PD: Newsletter of the IUCr Commission on Crystallographic Computing 2004, 3, 22-31.
;
? 
N  ? ? 4.01032  2.96436 ?       ? 19.97189 1.75589  ?        ? 0.0 
;2-Gaussian fit: Grosse-Kunstleve RW, Sauter NK, Adams PD: Newsletter of the IUCr Commission on Crystallographic Computing 2004, 3, 22-31.
;
? 
NA ? ? 6.63511  3.01293 1.30238 ? 5.54423  0.54580  90.85902 ? 0.0 
;3-Gaussian fit: Grosse-Kunstleve RW, Sauter NK, Adams PD: Newsletter of the IUCr Commission on Crystallographic Computing 2004, 3, 22-31.
;
? 
O  ? ? 4.49882  3.47563 ?       ? 15.80542 1.70748  ?        ? 0.0 
;2-Gaussian fit: Grosse-Kunstleve RW, Sauter NK, Adams PD: Newsletter of the IUCr Commission on Crystallographic Computing 2004, 3, 22-31.
;
? 
# 
loop_
_atom_site.group_PDB 
_atom_site.id 
_atom_site.type_symbol 
_atom_site.label_atom_id 
_atom_site.label_alt_id 
_atom_site.label_comp_id 
_atom_site.label_asym_id 
_atom_site.label_entity_id 
_atom_site.label_seq_id 
_atom_site.pdbx_PDB_ins_code 
_atom_site.Cartn_x 
_atom_site.Cartn_y 
_atom_site.Cartn_z 
_atom_site.occupancy 
_atom_site.B_iso_or_equiv 
_atom_site.pdbx_formal_charge 
_atom_site.auth_seq_id 
_atom_site.auth_comp_id 
_atom_site.auth_asym_id 
_atom_site.auth_atom_id 
_atom_site.pdbx_PDB_model_num 
ATOM   1   N  N    . SER A 1 1  ? 2.09504   11.34475  -9.49006  1.000 14.83599 ? 1   SER A N    1 
ATOM   2   C  CA   . SER A 1 1  ? 3.07231   10.57903  -8.66578  1.000 12.60414 ? 1   SER A CA   1 
ATOM   3   C  C    . SER A 1 1  ? 2.57447   9.15878   -8.40999  1.000 10.92499 ? 1   SER A C    1 
ATOM   4   O  O    . SER A 1 1  ? 1.47355   8.78693   -8.81875  1.000 11.99881 ? 1   SER A O    1 
ATOM   5   C  CB   . SER A 1 1  ? 3.33602   11.29886  -7.33691  1.000 13.89903 ? 1   SER A CB   1 
ATOM   6   O  OG   . SER A 1 1  ? 2.20868   11.22682  -6.47989  1.000 14.63597 ? 1   SER A OG   1 
ATOM   7   H  H1   . SER A 1 1  ? 2.33320   12.20227  -9.51232  1.000 17.80000 ? 1   SER A H1   1 
ATOM   8   H  H2   . SER A 1 1  ? 2.08633   11.01854  -10.31823 1.000 17.80000 ? 1   SER A H2   1 
ATOM   9   H  H3   . SER A 1 1  ? 1.28355   11.27110  -9.13317  1.000 17.80000 ? 1   SER A H3   1 
ATOM   10  H  HA   . SER A 1 1  ? 3.91488   10.52064  -9.14242  1.000 15.13000 ? 1   SER A HA   1 
ATOM   11  H  HB2  . SER A 1 1  ? 4.09216   10.87895  -6.89701  1.000 16.68000 ? 1   SER A HB2  1 
ATOM   12  H  HB3  . SER A 1 1  ? 3.53436   12.23054  -7.51853  1.000 16.68000 ? 1   SER A HB3  1 
ATOM   13  H  HG   . SER A 1 1  ? 2.38838   11.57803  -5.73825  1.000 17.56000 ? 1   SER A HG   1 
ATOM   14  N  N    . TRP A 1 2  ? 3.39442   8.36182   -7.73798  1.000 9.25900  ? 2   TRP A N    1 
ATOM   15  C  CA   . TRP A 1 2  ? 2.99787   7.01062   -7.38949  1.000 9.02213  ? 2   TRP A CA   1 
ATOM   16  C  C    . TRP A 1 2  ? 1.99395   7.02791   -6.24548  1.000 8.48260  ? 2   TRP A C    1 
ATOM   17  O  O    . TRP A 1 2  ? 2.03503   7.87214   -5.35090  1.000 9.46956  ? 2   TRP A O    1 
ATOM   18  C  CB   . TRP A 1 2  ? 4.23183   6.20010   -7.00284  1.000 9.29322  ? 2   TRP A CB   1 
ATOM   19  C  CG   . TRP A 1 2  ? 5.04852   5.82609   -8.18994  1.000 9.83276  ? 2   TRP A CG   1 
ATOM   20  C  CD1  . TRP A 1 2  ? 6.23199   6.37921   -8.58218  1.000 10.99606 ? 2   TRP A CD1  1 
ATOM   21  C  CD2  . TRP A 1 2  ? 4.75302   4.80032   -9.14167  1.000 9.70116  ? 2   TRP A CD2  1 
ATOM   22  N  NE1  . TRP A 1 2  ? 6.67623   5.77773   -9.72763  1.000 11.48032 ? 2   TRP A NE1  1 
ATOM   23  C  CE2  . TRP A 1 2  ? 5.78848   4.80232   -10.09541 1.000 10.48284 ? 2   TRP A CE2  1 
ATOM   24  C  CE3  . TRP A 1 2  ? 3.70178   3.89238   -9.29075  1.000 9.47745  ? 2   TRP A CE3  1 
ATOM   25  C  CZ2  . TRP A 1 2  ? 5.81077   3.91787   -11.16483 1.000 10.74076 ? 2   TRP A CZ2  1 
ATOM   26  C  CZ3  . TRP A 1 2  ? 3.73242   3.01970   -10.35413 1.000 10.09595 ? 2   TRP A CZ3  1 
ATOM   27  C  CH2  . TRP A 1 2  ? 4.78233   3.03673   -11.27706 1.000 8.71947  ? 2   TRP A CH2  1 
ATOM   28  H  H    . TRP A 1 2  ? 4.18250   8.58064   -7.47397  1.000 11.11000 ? 2   TRP A H    1 
ATOM   29  H  HA   . TRP A 1 2  ? 2.57428   6.57919   -8.14724  1.000 10.83000 ? 2   TRP A HA   1 
ATOM   30  H  HB2  . TRP A 1 2  ? 4.78721   6.72911   -6.40807  1.000 11.15000 ? 2   TRP A HB2  1 
ATOM   31  H  HB3  . TRP A 1 2  ? 3.95220   5.38483   -6.55856  1.000 11.15000 ? 2   TRP A HB3  1 
ATOM   32  H  HD1  . TRP A 1 2  ? 6.67243   7.06535   -8.13586  1.000 13.19000 ? 2   TRP A HD1  1 
ATOM   33  H  HE1  . TRP A 1 2  ? 7.39796   5.98003   -10.14949 1.000 13.78000 ? 2   TRP A HE1  1 
ATOM   34  H  HE3  . TRP A 1 2  ? 2.99714   3.87803   -8.68444  1.000 11.37000 ? 2   TRP A HE3  1 
ATOM   35  H  HZ2  . TRP A 1 2  ? 6.50543   3.92792   -11.78306 1.000 12.89000 ? 2   TRP A HZ2  1 
ATOM   36  H  HZ3  . TRP A 1 2  ? 3.04034   2.40676   -10.46148 1.000 12.12000 ? 2   TRP A HZ3  1 
ATOM   37  H  HH2  . TRP A 1 2  ? 4.77655   2.43182   -11.98267 1.000 10.46000 ? 2   TRP A HH2  1 
ATOM   38  N  N    . HIS A 1 3  ? 1.08379   6.06192   -6.28977  1.000 7.84041  ? 3   HIS A N    1 
ATOM   39  C  CA   . HIS A 1 3  ? 0.03175   5.91115   -5.29234  1.000 7.86673  ? 3   HIS A CA   1 
ATOM   40  C  C    . HIS A 1 3  ? -0.06386  4.43989   -4.93841  1.000 8.27468  ? 3   HIS A C    1 
ATOM   41  O  O    . HIS A 1 3  ? -0.39100  3.61492   -5.79186  1.000 9.15899  ? 3   HIS A O    1 
ATOM   42  C  CB   . HIS A 1 3  ? -1.28302  6.39451   -5.90508  1.000 8.55366  ? 3   HIS A CB   1 
ATOM   43  C  CG   . HIS A 1 3  ? -2.47454  6.29431   -5.00655  1.000 8.66946  ? 3   HIS A CG   1 
ATOM   44  N  ND1  . HIS A 1 3  ? -3.74142  6.07589   -5.49629  1.000 9.30375  ? 3   HIS A ND1  1 
ATOM   45  C  CD2  . HIS A 1 3  ? -2.59850  6.38571   -3.66037  1.000 9.26690  ? 3   HIS A CD2  1 
ATOM   46  C  CE1  . HIS A 1 3  ? -4.59838  6.05622   -4.49586  1.000 10.00383 ? 3   HIS A CE1  1 
ATOM   47  N  NE2  . HIS A 1 3  ? -3.92943  6.23885   -3.36972  1.000 9.47219  ? 3   HIS A NE2  1 
ATOM   48  H  H    . HIS A 1 3  ? 1.05311   5.46351   -6.90613  1.000 9.41000  ? 3   HIS A H    1 
ATOM   49  H  HA   . HIS A 1 3  ? 0.22783   6.40794   -4.48304  1.000 9.44000  ? 3   HIS A HA   1 
ATOM   50  H  HB2  . HIS A 1 3  ? -1.18292  7.32668   -6.15136  1.000 10.26000 ? 3   HIS A HB2  1 
ATOM   51  H  HB3  . HIS A 1 3  ? -1.46877  5.86046   -6.69363  1.000 10.26000 ? 3   HIS A HB3  1 
ATOM   52  H  HD2  . HIS A 1 3  ? -1.91128  6.52194   -3.05026  1.000 11.12000 ? 3   HIS A HD2  1 
ATOM   53  H  HE1  . HIS A 1 3  ? -5.51794  5.93441   -4.56938  1.000 12.01000 ? 3   HIS A HE1  1 
ATOM   54  H  HE2  . HIS A 1 3  ? -4.27357  6.26202   -2.58264  1.000 11.37000 ? 3   HIS A HE2  1 
ATOM   55  N  N    . TRP A 1 4  ? 0.24738   4.10051   -3.69048  1.000 8.42733  ? 4   TRP A N    1 
ATOM   56  C  CA   . TRP A 1 4  ? 0.07145   2.73291   -3.22595  1.000 8.02465  ? 4   TRP A CA   1 
ATOM   57  C  C    . TRP A 1 4  ? -1.40850  2.50157   -2.96259  1.000 7.93253  ? 4   TRP A C    1 
ATOM   58  O  O    . TRP A 1 4  ? -2.03442  3.25373   -2.21443  1.000 9.52483  ? 4   TRP A O    1 
ATOM   59  C  CB   . TRP A 1 4  ? 0.86246   2.50102   -1.93795  1.000 8.90370  ? 4   TRP A CB   1 
ATOM   60  C  CG   . TRP A 1 4  ? 0.54927   1.18067   -1.32623  1.000 9.11425  ? 4   TRP A CG   1 
ATOM   61  C  CD1  . TRP A 1 4  ? -0.16210  0.96164   -0.18740  1.000 9.99067  ? 4   TRP A CD1  1 
ATOM   62  C  CD2  . TRP A 1 4  ? 0.90571   -0.10878  -1.83850  1.000 8.36942  ? 4   TRP A CD2  1 
ATOM   63  N  NE1  . TRP A 1 4  ? -0.27168  -0.38336  0.04745   1.000 9.56694  ? 4   TRP A NE1  1 
ATOM   64  C  CE2  . TRP A 1 4  ? 0.38318   -1.06038  -0.94926  1.000 8.67209  ? 4   TRP A CE2  1 
ATOM   65  C  CE3  . TRP A 1 4  ? 1.60790   -0.55192  -2.95946  1.000 9.26427  ? 4   TRP A CE3  1 
ATOM   66  C  CZ2  . TRP A 1 4  ? 0.54952   -2.42831  -1.14531  1.000 9.31954  ? 4   TRP A CZ2  1 
ATOM   67  C  CZ3  . TRP A 1 4  ? 1.78318   -1.91211  -3.14012  1.000 10.03278 ? 4   TRP A CZ3  1 
ATOM   68  C  CH2  . TRP A 1 4  ? 1.25219   -2.83067  -2.24297  1.000 8.61682  ? 4   TRP A CH2  1 
ATOM   69  H  H    . TRP A 1 4  ? 0.56056   4.64150   -3.10003  1.000 10.11000 ? 4   TRP A H    1 
ATOM   70  H  HA   . TRP A 1 4  ? 0.39187   2.10750   -3.89510  1.000 9.63000  ? 4   TRP A HA   1 
ATOM   71  H  HB2  . TRP A 1 4  ? 1.81167   2.52628   -2.13671  1.000 10.68000 ? 4   TRP A HB2  1 
ATOM   72  H  HB3  . TRP A 1 4  ? 0.63833   3.19372   -1.29674  1.000 10.68000 ? 4   TRP A HB3  1 
ATOM   73  H  HD1  . TRP A 1 4  ? -0.52068  1.62814   0.35340   1.000 11.99000 ? 4   TRP A HD1  1 
ATOM   74  H  HE1  . TRP A 1 4  ? -0.68449  -0.74384  0.71128   1.000 11.48000 ? 4   TRP A HE1  1 
ATOM   75  H  HE3  . TRP A 1 4  ? 1.95125   0.05525   -3.57368  1.000 11.12000 ? 4   TRP A HE3  1 
ATOM   76  H  HZ2  . TRP A 1 4  ? 0.19297   -3.04628  -0.54904  1.000 11.18000 ? 4   TRP A HZ2  1 
ATOM   77  H  HZ3  . TRP A 1 4  ? 2.26482   -2.21668  -3.87474  1.000 12.04000 ? 4   TRP A HZ3  1 
ATOM   78  H  HH2  . TRP A 1 4  ? 1.37827   -3.73933  -2.39338  1.000 10.34000 ? 4   TRP A HH2  1 
ATOM   79  N  N    . HIS A 1 5  ? -1.96348  1.47223   -3.58440  1.000 7.58512  ? 5   HIS A N    1 
ATOM   80  C  CA   . HIS A 1 5  ? -3.31579  1.02432   -3.27683  1.000 7.80620  ? 5   HIS A CA   1 
ATOM   81  C  C    . HIS A 1 5  ? -3.21042  -0.18727  -2.35996  1.000 7.89568  ? 5   HIS A C    1 
ATOM   82  O  O    . HIS A 1 5  ? -2.62174  -1.20076  -2.74202  1.000 8.70104  ? 5   HIS A O    1 
ATOM   83  C  CB   . HIS A 1 5  ? -4.05217  0.60908   -4.54618  1.000 8.61419  ? 5   HIS A CB   1 
ATOM   84  C  CG   . HIS A 1 5  ? -4.34048  1.72834   -5.49288  1.000 9.24585  ? 5   HIS A CG   1 
ATOM   85  N  ND1  . HIS A 1 5  ? -5.14812  1.56003   -6.59564  1.000 10.55653 ? 5   HIS A ND1  1 
ATOM   86  C  CD2  . HIS A 1 5  ? -3.91268  3.01376   -5.53479  1.000 9.24585  ? 5   HIS A CD2  1 
ATOM   87  C  CE1  . HIS A 1 5  ? -5.21299  2.69544   -7.26744  1.000 10.41441 ? 5   HIS A CE1  1 
ATOM   88  N  NE2  . HIS A 1 5  ? -4.47928  3.59936   -6.64279  1.000 10.13279 ? 5   HIS A NE2  1 
ATOM   89  H  H    . HIS A 1 5  ? -1.57141  1.01011   -4.19520  1.000 9.10000  ? 5   HIS A H    1 
ATOM   90  H  HA   . HIS A 1 5  ? -3.80342  1.74154   -2.84237  1.000 9.37000  ? 5   HIS A HA   1 
ATOM   91  H  HB2  . HIS A 1 5  ? -3.51068  -0.04191  -5.01837  1.000 10.34000 ? 5   HIS A HB2  1 
ATOM   92  H  HB3  . HIS A 1 5  ? -4.90153  0.21377   -4.29442  1.000 10.34000 ? 5   HIS A HB3  1 
ATOM   93  H  HD1  . HIS A 1 5  ? -5.78083  0.43359   -6.70731  1.000 30.00000 ? 5   HIS A HD1  1 
ATOM   94  H  HE1  . HIS A 1 5  ? -5.69632  2.83589   -8.04983  1.000 12.49000 ? 5   HIS A HE1  1 
ATOM   95  N  N    . ASN A 1 6  ? -3.78724  -0.09958  -1.16846  1.000 8.25625  ? 6   ASN A N    1 
ATOM   96  C  CA   . ASN A 1 6  ? -3.75858  -1.26656  -0.30587  1.000 8.55892  ? 6   ASN A CA   1 
ATOM   97  C  C    . ASN A 1 6  ? -4.57640  -2.39432  -0.90831  1.000 8.46154  ? 6   ASN A C    1 
ATOM   98  O  O    . ASN A 1 6  ? -5.56751  -2.17402  -1.61689  1.000 8.84843  ? 6   ASN A O    1 
ATOM   99  C  CB   . ASN A 1 6  ? -4.32710  -0.96433  1.06902   1.000 11.02237 ? 6   ASN A CB   1 
ATOM   100 C  CG   . ASN A 1 6  ? -3.34868  -0.25391  1.95108   1.000 14.44384 ? 6   ASN A CG   1 
ATOM   101 O  OD1  . ASN A 1 6  ? -2.20750  -0.70309  2.15257   1.000 15.59924 ? 6   ASN A OD1  1 
ATOM   102 N  ND2  . ASN A 1 6  ? -3.79281  0.83814   2.53520   1.000 15.30973 ? 6   ASN A ND2  1 
ATOM   103 H  H    . ASN A 1 6  ? -4.18387  0.59509   -0.85142  1.000 9.91000  ? 6   ASN A H    1 
ATOM   104 H  HA   . ASN A 1 6  ? -2.83329  -1.53934  -0.20671  1.000 10.27000 ? 6   ASN A HA   1 
ATOM   105 H  HB2  . ASN A 1 6  ? -5.10919  -0.39942  0.97123   1.000 13.23000 ? 6   ASN A HB2  1 
ATOM   106 H  HB3  . ASN A 1 6  ? -4.57177  -1.79730  1.50046   1.000 13.23000 ? 6   ASN A HB3  1 
ATOM   107 H  HD21 . ASN A 1 6  ? -4.60034  1.10098   2.39765   1.000 18.37000 ? 6   ASN A HD21 1 
ATOM   108 H  HD22 . ASN A 1 6  ? -3.27682  1.28921   3.05355   1.000 18.37000 ? 6   ASN A HD22 1 
ATOM   109 N  N    . GLY A 1 7  ? -4.18391  -3.61842  -0.58944  1.000 7.87200  ? 7   GLY A N    1 
ATOM   110 C  CA   . GLY A 1 7  ? -5.05016  -4.73790  -0.85998  1.000 8.40627  ? 7   GLY A CA   1 
ATOM   111 C  C    . GLY A 1 7  ? -6.31797  -4.63231  -0.04687  1.000 8.44312  ? 7   GLY A C    1 
ATOM   112 O  O    . GLY A 1 7  ? -6.35707  -3.98464  0.99201   1.000 9.99594  ? 7   GLY A O    1 
ATOM   113 H  H    . GLY A 1 7  ? -3.43303  -3.81869  -0.22167  1.000 9.45000  ? 7   GLY A H    1 
ATOM   114 H  HA2  . GLY A 1 7  ? -5.28206  -4.75402  -1.80162  1.000 10.08000 ? 7   GLY A HA2  1 
ATOM   115 H  HA3  . GLY A 1 7  ? -4.59871  -5.56561  -0.63204  1.000 10.08000 ? 7   GLY A HA3  1 
ATOM   116 N  N    . LYS A 1 8  ? -7.37916  -5.26875  -0.52392  1.000 8.49312  ? 8   LYS A N    1 
ATOM   117 C  CA   . LYS A 1 8  ? -8.62405  -5.21071  0.22108   1.000 10.38282 ? 8   LYS A CA   1 
ATOM   118 C  C    . LYS A 1 8  ? -9.52627  -6.36601  -0.16850  1.000 8.56155  ? 8   LYS A C    1 
ATOM   119 O  O    . LYS A 1 8  ? -9.42316  -6.94513  -1.25073  1.000 8.80369  ? 8   LYS A O    1 
ATOM   120 C  CB   . LYS A 1 8  ? -9.35661  -3.88803  0.00183   1.000 14.49121 ? 8   LYS A CB   1 
ATOM   121 C  CG   . LYS A 1 8  ? -9.86102  -3.74364  -1.41403  1.000 18.19429 ? 8   LYS A CG   1 
ATOM   122 C  CD   . LYS A 1 8  ? -10.54906 -2.41008  -1.64271  1.000 23.27911 ? 8   LYS A CD   1 
ATOM   123 C  CE   . LYS A 1 8  ? -12.05158 -2.55269  -1.54463  1.000 27.10588 ? 8   LYS A CE   1 
ATOM   124 N  NZ   . LYS A 1 8  ? -12.75845 -1.47124  -2.28043  1.000 28.99032 ? 8   LYS A NZ   1 
ATOM   125 H  H    . LYS A 1 8  ? -7.40140  -5.72534  -1.25233  1.000 10.19000 ? 8   LYS A H    1 
ATOM   126 H  HA   . LYS A 1 8  ? -8.40765  -5.30511  1.16187   1.000 12.46000 ? 8   LYS A HA   1 
ATOM   127 H  HB2  . LYS A 1 8  ? -10.11808 -3.84353  0.60088   1.000 17.39000 ? 8   LYS A HB2  1 
ATOM   128 H  HB3  . LYS A 1 8  ? -8.74858  -3.15360  0.18344   1.000 17.39000 ? 8   LYS A HB3  1 
ATOM   129 H  HG2  . LYS A 1 8  ? -9.11275  -3.80749  -2.02743  1.000 21.83000 ? 8   LYS A HG2  1 
ATOM   130 H  HG3  . LYS A 1 8  ? -10.50088 -4.44922  -1.59855  1.000 21.83000 ? 8   LYS A HG3  1 
ATOM   131 H  HD2  . LYS A 1 8  ? -10.25547 -1.77628  -0.97022  1.000 27.94000 ? 8   LYS A HD2  1 
ATOM   132 H  HD3  . LYS A 1 8  ? -10.32835 -2.08032  -2.52806  1.000 27.94000 ? 8   LYS A HD3  1 
ATOM   133 H  HE2  . LYS A 1 8  ? -12.31874 -3.40403  -1.92576  1.000 32.53000 ? 8   LYS A HE2  1 
ATOM   134 H  HE3  . LYS A 1 8  ? -12.31741 -2.50877  -0.61276  1.000 32.53000 ? 8   LYS A HE3  1 
ATOM   135 H  HZ1  . LYS A 1 8  ? -13.63878 -1.56686  -2.19070  1.000 34.79000 ? 8   LYS A HZ1  1 
ATOM   136 H  HZ2  . LYS A 1 8  ? -12.52004 -0.67708  -1.95613  1.000 34.79000 ? 8   LYS A HZ2  1 
ATOM   137 H  HZ3  . LYS A 1 8  ? -12.55014 -1.50515  -3.14451  1.000 34.79000 ? 8   LYS A HZ3  1 
ATOM   138 N  N    . TRP A 1 9  ? -10.43629 -6.66722  0.74181   1.000 9.06688  ? 9   TRP A N    1 
ATOM   139 C  CA   . TRP A 1 9  ? -11.51470 -7.60636  0.49502   1.000 9.29059  ? 9   TRP A CA   1 
ATOM   140 C  C    . TRP A 1 9  ? -12.67199 -6.86871  -0.14617  1.000 9.72748  ? 9   TRP A C    1 
ATOM   141 O  O    . TRP A 1 9  ? -13.22783 -5.94085  0.44228   1.000 12.99893 ? 9   TRP A O    1 
ATOM   142 C  CB   . TRP A 1 9  ? -11.96986 -8.21889  1.81136   1.000 10.67496 ? 9   TRP A CB   1 
ATOM   143 C  CG   . TRP A 1 9  ? -10.94077 -9.08880  2.39591   1.000 12.18304 ? 9   TRP A CG   1 
ATOM   144 C  CD1  . TRP A 1 9  ? -10.15123 -8.82522  3.47708   1.000 14.06748 ? 9   TRP A CD1  1 
ATOM   145 C  CD2  . TRP A 1 9  ? -10.55579 -10.36821 1.92041   1.000 13.26475 ? 9   TRP A CD2  1 
ATOM   146 N  NE1  . TRP A 1 9  ? -9.30171  -9.86806  3.70195   1.000 15.23077 ? 9   TRP A NE1  1 
ATOM   147 C  CE2  . TRP A 1 9  ? -9.52825  -10.83415 2.76263   1.000 14.14380 ? 9   TRP A CE2  1 
ATOM   148 C  CE3  . TRP A 1 9  ? -10.97209 -11.16553 0.86029   1.000 13.75691 ? 9   TRP A CE3  1 
ATOM   149 C  CZ2  . TRP A 1 9  ? -8.91387  -12.05452 2.57476   1.000 13.34107 ? 9   TRP A CZ2  1 
ATOM   150 C  CZ3  . TRP A 1 9  ? -10.36369 -12.37996 0.68434   1.000 13.56478 ? 9   TRP A CZ3  1 
ATOM   151 C  CH2  . TRP A 1 9  ? -9.35235  -12.81128 1.54355   1.000 8.75631  ? 9   TRP A CH2  1 
ATOM   152 H  H    . TRP A 1 9  ? -10.45127 -6.33072  1.53291   1.000 10.88000 ? 9   TRP A H    1 
ATOM   153 H  HA   . TRP A 1 9  ? -11.21348 -8.30774  -0.10384  1.000 11.15000 ? 9   TRP A HA   1 
ATOM   154 H  HB2  . TRP A 1 9  ? -12.16309 -7.50931  2.44380   1.000 12.81000 ? 9   TRP A HB2  1 
ATOM   155 H  HB3  . TRP A 1 9  ? -12.76620 -8.75082  1.65728   1.000 12.81000 ? 9   TRP A HB3  1 
ATOM   156 H  HD1  . TRP A 1 9  ? -10.18750 -8.04801  3.98746   1.000 16.88000 ? 9   TRP A HD1  1 
ATOM   157 H  HE1  . TRP A 1 9  ? -8.71912  -9.91126  4.33222   1.000 18.27000 ? 9   TRP A HE1  1 
ATOM   158 H  HE3  . TRP A 1 9  ? -11.64553 -10.88108 0.28503   1.000 16.51000 ? 9   TRP A HE3  1 
ATOM   159 H  HZ2  . TRP A 1 9  ? -8.22867  -12.34481 3.13223   1.000 16.01000 ? 9   TRP A HZ2  1 
ATOM   160 H  HZ3  . TRP A 1 9  ? -10.62948 -12.92659 -0.01951  1.000 16.28000 ? 9   TRP A HZ3  1 
ATOM   161 H  HH2  . TRP A 1 9  ? -8.96815  -13.64608 1.40134   1.000 10.51000 ? 9   TRP A HH2  1 
ATOM   162 N  N    . HIS A 1 10 ? -13.06162 -7.31234  -1.32428  1.000 9.46956  ? 10  HIS A N    1 
ATOM   163 C  CA   . HIS A 1 10 ? -14.10243 -6.66665  -2.10667  1.000 8.99845  ? 10  HIS A CA   1 
ATOM   164 C  C    . HIS A 1 10 ? -15.28262 -7.61969  -2.22177  1.000 9.16162  ? 10  HIS A C    1 
ATOM   165 O  O    . HIS A 1 10 ? -15.14882 -8.72181  -2.75688  1.000 9.29585  ? 10  HIS A O    1 
ATOM   166 C  CB   . HIS A 1 10 ? -13.54177 -6.34430  -3.48589  1.000 9.45113  ? 10  HIS A CB   1 
ATOM   167 C  CG   . HIS A 1 10 ? -14.49938 -5.64988  -4.38360  1.000 9.83276  ? 10  HIS A CG   1 
ATOM   168 N  ND1  . HIS A 1 10 ? -14.56350 -5.91163  -5.73235  1.000 10.35124 ? 10  HIS A ND1  1 
ATOM   169 C  CD2  . HIS A 1 10 ? -15.41566 -4.68730  -4.13453  1.000 10.77498 ? 10  HIS A CD2  1 
ATOM   170 C  CE1  . HIS A 1 10 ? -15.48538 -5.14054  -6.27611  1.000 10.69076 ? 10  HIS A CE1  1 
ATOM   171 N  NE2  . HIS A 1 10 ? -16.02510 -4.39415  -5.32686  1.000 11.68561 ? 10  HIS A NE2  1 
ATOM   172 H  H    . HIS A 1 10 ? -12.72821 -8.00694  -1.70558  1.000 11.36000 ? 10  HIS A H    1 
ATOM   173 H  HA   . HIS A 1 10 ? -14.41505 -5.85570  -1.67635  1.000 10.80000 ? 10  HIS A HA   1 
ATOM   174 H  HB2  . HIS A 1 10 ? -12.76760 -5.77030  -3.38011  1.000 11.34000 ? 10  HIS A HB2  1 
ATOM   175 H  HB3  . HIS A 1 10 ? -13.28310 -7.17437  -3.91722  1.000 11.34000 ? 10  HIS A HB3  1 
ATOM   176 H  HD2  . HIS A 1 10 ? -15.59842 -4.29728  -3.31055  1.000 12.93000 ? 10  HIS A HD2  1 
ATOM   177 H  HE1  . HIS A 1 10 ? -15.71614 -5.12457  -7.17727  1.000 12.83000 ? 10  HIS A HE1  1 
ATOM   178 H  HE2  . HIS A 1 10 ? -16.65582 -3.82008  -5.43958  1.000 14.02000 ? 10  HIS A HE2  1 
ATOM   179 N  N    . TRP A 1 11 ? -16.43101 -7.19856  -1.71271  1.000 10.22754 ? 11  TRP A N    1 
ATOM   180 C  CA   . TRP A 1 11 ? -17.63343 -8.01816  -1.77046  1.000 11.10396 ? 11  TRP A CA   1 
ATOM   181 C  C    . TRP A 1 11 ? -18.30912 -7.86284  -3.13178  1.000 10.73287 ? 11  TRP A C    1 
ATOM   182 O  O    . TRP A 1 11 ? -18.73647 -6.76323  -3.50208  1.000 12.14619 ? 11  TRP A O    1 
ATOM   183 C  CB   . TRP A 1 11 ? -18.60093 -7.63412  -0.65431  1.000 12.99103 ? 11  TRP A CB   1 
ATOM   184 C  CG   . TRP A 1 11 ? -19.87812 -8.33947  -0.84726  1.000 13.94378 ? 11  TRP A CG   1 
ATOM   185 C  CD1  . TRP A 1 11 ? -21.08511 -7.79738  -1.15763  1.000 15.46764 ? 11  TRP A CD1  1 
ATOM   186 C  CD2  . TRP A 1 11 ? -20.07132 -9.75464  -0.81192  1.000 14.22276 ? 11  TRP A CD2  1 
ATOM   187 N  NE1  . TRP A 1 11 ? -22.02516 -8.78752  -1.30627  1.000 16.67305 ? 11  TRP A NE1  1 
ATOM   188 C  CE2  . TRP A 1 11 ? -21.42623 -9.99991  -1.09577  1.000 15.41237 ? 11  TRP A CE2  1 
ATOM   189 C  CE3  . TRP A 1 11 ? -19.22755 -10.84043 -0.55535  1.000 14.59386 ? 11  TRP A CE3  1 
ATOM   190 C  CZ2  . TRP A 1 11 ? -21.95193 -11.28356 -1.13553  1.000 15.45712 ? 11  TRP A CZ2  1 
ATOM   191 C  CZ3  . TRP A 1 11 ? -19.75380 -12.11106 -0.58862  1.000 14.83336 ? 11  TRP A CZ3  1 
ATOM   192 C  CH2  . TRP A 1 11 ? -21.10135 -12.32438 -0.87521  1.000 12.14883 ? 11  TRP A CH2  1 
ATOM   193 H  H    . TRP A 1 11 ? -16.54134 -6.43838  -1.32651  1.000 12.28000 ? 11  TRP A H    1 
ATOM   194 H  HA   . TRP A 1 11 ? -17.38199 -8.94854  -1.65466  1.000 13.33000 ? 11  TRP A HA   1 
ATOM   195 H  HB2  . TRP A 1 11 ? -18.22902 -7.88809  0.20464   1.000 15.59000 ? 11  TRP A HB2  1 
ATOM   196 H  HB3  . TRP A 1 11 ? -18.76449 -6.67800  -0.67639  1.000 15.59000 ? 11  TRP A HB3  1 
ATOM   197 H  HD1  . TRP A 1 11 ? -21.25047 -6.88715  -1.25476  1.000 18.56000 ? 11  TRP A HD1  1 
ATOM   198 H  HE1  . TRP A 1 11 ? -22.85378 -8.66605  -1.50079  1.000 20.01000 ? 11  TRP A HE1  1 
ATOM   199 H  HE3  . TRP A 1 11 ? -18.32784 -10.70541 -0.36433  1.000 17.51000 ? 11  TRP A HE3  1 
ATOM   200 H  HZ2  . TRP A 1 11 ? -22.84871 -11.43204 -1.33103  1.000 18.55000 ? 11  TRP A HZ2  1 
ATOM   201 H  HZ3  . TRP A 1 11 ? -19.20111 -12.83992 -0.41790  1.000 17.80000 ? 11  TRP A HZ3  1 
ATOM   202 H  HH2  . TRP A 1 11 ? -21.43007 -13.19432 -0.88986  1.000 14.58000 ? 11  TRP A HH2  1 
ATOM   203 N  N    . HIS A 1 12 ? -18.39777 -8.96017  -3.88021  1.000 10.27492 ? 12  HIS A N    1 
ATOM   204 C  CA   . HIS A 1 12 ? -19.13009 -8.97438  -5.13925  1.000 10.76708 ? 12  HIS A CA   1 
ATOM   205 C  C    . HIS A 1 12 ? -20.51723 -9.52939  -4.87734  1.000 12.74100 ? 12  HIS A C    1 
ATOM   206 O  O    . HIS A 1 12 ? -20.71342 -10.73974 -4.73522  1.000 14.15170 ? 12  HIS A O    1 
ATOM   207 C  CB   . HIS A 1 12 ? -18.45185 -9.84501  -6.17760  1.000 10.73813 ? 12  HIS A CB   1 
ATOM   208 C  CG   . HIS A 1 12 ? -17.12089 -9.33849  -6.62969  1.000 9.55115  ? 12  HIS A CG   1 
ATOM   209 N  ND1  . HIS A 1 12 ? -16.52867 -9.80958  -7.77530  1.000 10.23017 ? 12  HIS A ND1  1 
ATOM   210 C  CD2  . HIS A 1 12 ? -16.25008 -8.43962  -6.09855  1.000 9.01687  ? 12  HIS A CD2  1 
ATOM   211 C  CE1  . HIS A 1 12 ? -15.35079 -9.21932  -7.93454  1.000 10.53547 ? 12  HIS A CE1  1 
ATOM   212 N  NE2  . HIS A 1 12 ? -15.16119 -8.37549  -6.93434  1.000 9.40376  ? 12  HIS A NE2  1 
ATOM   213 H  H    . HIS A 1 12 ? -18.04012 -9.71468  -3.67692  1.000 12.33000 ? 12  HIS A H    1 
ATOM   214 H  HA   . HIS A 1 12 ? -19.16958 -8.07398  -5.49892  1.000 12.92000 ? 12  HIS A HA   1 
ATOM   215 H  HB2  . HIS A 1 12 ? -18.31780 -10.72884 -5.79980  1.000 12.89000 ? 12  HIS A HB2  1 
ATOM   216 H  HB3  . HIS A 1 12 ? -19.02639 -9.90227  -6.95686  1.000 12.89000 ? 12  HIS A HB3  1 
ATOM   217 H  HD1  . HIS A 1 12 ? -16.86830 -10.39460 -8.30713  1.000 12.28000 ? 12  HIS A HD1  1 
ATOM   218 H  HD2  . HIS A 1 12 ? -16.36960 -7.95755  -5.31181  1.000 10.82000 ? 12  HIS A HD2  1 
ATOM   219 H  HE1  . HIS A 1 12 ? -14.75677 -9.37427  -8.63357  1.000 12.64000 ? 12  HIS A HE1  1 
ATOM   220 N  N    . SER B 1 1  ? -6.38628  7.03901   15.53313  1.000 11.00395 ? 1   SER B N    1 
ATOM   221 C  CA   . SER B 1 1  ? -5.16497  6.61249   16.21960  1.000 9.49851  ? 1   SER B CA   1 
ATOM   222 C  C    . SER B 1 1  ? -3.97476  6.55523   15.27110  1.000 8.81948  ? 1   SER B C    1 
ATOM   223 O  O    . SER B 1 1  ? -4.13093  6.76933   14.07760  1.000 9.46429  ? 1   SER B O    1 
ATOM   224 C  CB   . SER B 1 1  ? -5.39389  5.23720   16.83705  1.000 9.88013  ? 1   SER B CB   1 
ATOM   225 O  OG   . SER B 1 1  ? -5.61965  4.27597   15.83326  1.000 10.80393 ? 1   SER B OG   1 
ATOM   226 H  H1   . SER B 1 1  ? -6.32389  7.98111   15.35337  1.000 13.20000 ? 1   SER B H1   1 
ATOM   227 H  H3   . SER B 1 1  ? -7.15090  6.87903   16.08945  1.000 13.20000 ? 1   SER B H3   1 
ATOM   228 H  HA   . SER B 1 1  ? -4.94954  7.25228   16.91602  1.000 11.40000 ? 1   SER B HA   1 
ATOM   229 H  HB2  . SER B 1 1  ? -4.60846  4.98409   17.34780  1.000 11.85000 ? 1   SER B HB2  1 
ATOM   230 H  HB3  . SER B 1 1  ? -6.16920  5.27568   17.41898  1.000 11.85000 ? 1   SER B HB3  1 
ATOM   231 H  HG   . SER B 1 1  ? -5.50500  3.50427   16.14356  1.000 12.97000 ? 1   SER B HG   1 
ATOM   232 N  N    . TRP B 1 2  ? -2.80531  6.22361   15.80919  1.000 7.83252  ? 2   TRP B N    1 
ATOM   233 C  CA   . TRP B 1 2  ? -1.62704  6.02903   14.97790  1.000 7.87463  ? 2   TRP B CA   1 
ATOM   234 C  C    . TRP B 1 2  ? -1.75556  4.76485   14.13594  1.000 7.82199  ? 2   TRP B C    1 
ATOM   235 O  O    . TRP B 1 2  ? -2.32152  3.75490   14.54827  1.000 8.32731  ? 2   TRP B O    1 
ATOM   236 C  CB   . TRP B 1 2  ? -0.34940  5.91868   15.82330  1.000 9.00371  ? 2   TRP B CB   1 
ATOM   237 C  CG   . TRP B 1 2  ? 0.06199   7.18889   16.42476  1.000 10.81182 ? 2   TRP B CG   1 
ATOM   238 C  CD1  . TRP B 1 2  ? 0.01606   7.53047   17.75099  1.000 12.69889 ? 2   TRP B CD1  1 
ATOM   239 C  CD2  . TRP B 1 2  ? 0.58208   8.31776   15.73317  1.000 10.79866 ? 2   TRP B CD2  1 
ATOM   240 N  NE1  . TRP B 1 2  ? 0.46938   8.81170   17.91659  1.000 13.35160 ? 2   TRP B NE1  1 
ATOM   241 C  CE2  . TRP B 1 2  ? 0.82841   9.31540   16.69636  1.000 12.15672 ? 2   TRP B CE2  1 
ATOM   242 C  CE3  . TRP B 1 2  ? 0.87668   8.58712   14.38565  1.000 10.54863 ? 2   TRP B CE3  1 
ATOM   243 C  CZ2  . TRP B 1 2  ? 1.34217   10.56288  16.36301  1.000 12.68310 ? 2   TRP B CZ2  1 
ATOM   244 C  CZ3  . TRP B 1 2  ? 1.38092   9.83716   14.06106  1.000 11.53823 ? 2   TRP B CZ3  1 
ATOM   245 C  CH2  . TRP B 1 2  ? 1.59654   10.80760  15.04747  1.000 10.11963 ? 2   TRP B CH2  1 
ATOM   246 H  H    . TRP B 1 2  ? -2.66947  6.10511   16.64988  1.000 9.40000  ? 2   TRP B H    1 
ATOM   247 H  HA   . TRP B 1 2  ? -1.54427  6.79999   14.39530  1.000 9.45000  ? 2   TRP B HA   1 
ATOM   248 H  HB2  . TRP B 1 2  ? -0.50299  5.28587   16.54210  1.000 10.80000 ? 2   TRP B HB2  1 
ATOM   249 H  HB3  . TRP B 1 2  ? 0.37431   5.60906   15.25767  1.000 10.80000 ? 2   TRP B HB3  1 
ATOM   250 H  HD1  . TRP B 1 2  ? -0.27766  6.97422   18.43577  1.000 15.24000 ? 2   TRP B HD1  1 
ATOM   251 H  HE1  . TRP B 1 2  ? 0.51849   9.23146   18.66611  1.000 16.02000 ? 2   TRP B HE1  1 
ATOM   252 H  HE3  . TRP B 1 2  ? 0.73611   7.94396   13.72950  1.000 12.66000 ? 2   TRP B HE3  1 
ATOM   253 H  HZ2  . TRP B 1 2  ? 1.50709   11.20644  17.01458  1.000 15.22000 ? 2   TRP B HZ2  1 
ATOM   254 H  HZ3  . TRP B 1 2  ? 1.57905   10.03497  13.17438  1.000 13.85000 ? 2   TRP B HZ3  1 
ATOM   255 H  HH2  . TRP B 1 2  ? 1.92173   11.64259  14.79784  1.000 12.14000 ? 2   TRP B HH2  1 
ATOM   256 N  N    . HIS B 1 3  ? -1.16629  4.82802   12.94639  1.000 7.33246  ? 3   HIS B N    1 
ATOM   257 C  CA   . HIS B 1 3  ? -1.13919  3.71194   12.00663  1.000 6.85872  ? 3   HIS B CA   1 
ATOM   258 C  C    . HIS B 1 3  ? 0.23972   3.66190   11.37048  1.000 6.97715  ? 3   HIS B C    1 
ATOM   259 O  O    . HIS B 1 3  ? 0.64564   4.62297   10.72125  1.000 7.82462  ? 3   HIS B O    1 
ATOM   260 C  CB   . HIS B 1 3  ? -2.21946  3.91525   10.94191  1.000 7.25087  ? 3   HIS B CB   1 
ATOM   261 C  CG   . HIS B 1 3  ? -2.20357  2.88261   9.86939   1.000 7.40089  ? 3   HIS B CG   1 
ATOM   262 N  ND1  . HIS B 1 3  ? -2.51172  3.17489   8.55970   1.000 8.36416  ? 3   HIS B ND1  1 
ATOM   263 C  CD2  . HIS B 1 3  ? -1.92994  1.55746   9.91712   1.000 7.87200  ? 3   HIS B CD2  1 
ATOM   264 C  CE1  . HIS B 1 3  ? -2.40815  2.06999   7.84135   1.000 8.66420  ? 3   HIS B CE1  1 
ATOM   265 N  NE2  . HIS B 1 3  ? -2.06203  1.07492   8.64157   1.000 8.66683  ? 3   HIS B NE2  1 
ATOM   266 H  H    . HIS B 1 3  ? -0.76212  5.52768   12.65223  1.000 8.80000  ? 3   HIS B H    1 
ATOM   267 H  HA   . HIS B 1 3  ? -1.29228  2.86989   12.46163  1.000 8.23000  ? 3   HIS B HA   1 
ATOM   268 H  HB2  . HIS B 1 3  ? -3.08921  3.88343   11.37049  1.000 8.70000  ? 3   HIS B HB2  1 
ATOM   269 H  HB3  . HIS B 1 3  ? -2.08666  4.77968   10.52348  1.000 8.70000  ? 3   HIS B HB3  1 
ATOM   270 H  HD2  . HIS B 1 3  ? -1.69877  1.06734   10.67226  1.000 9.45000  ? 3   HIS B HD2  1 
ATOM   271 H  HE1  . HIS B 1 3  ? -2.55514  2.00352   6.92555   1.000 10.40000 ? 3   HIS B HE1  1 
ATOM   272 H  HE2  . HIS B 1 3  ? -1.93832  0.25912   8.40062   1.000 10.40000 ? 3   HIS B HE2  1 
ATOM   273 N  N    . TRP B 1 4  ? 0.95537   2.55139   11.55469  1.000 7.67197  ? 4   TRP B N    1 
ATOM   274 C  CA   . TRP B 1 4  ? 2.25247   2.36380   10.91425  1.000 8.17730  ? 4   TRP B CA   1 
ATOM   275 C  C    . TRP B 1 4  ? 2.04271   1.85151   9.49815   1.000 7.82462  ? 4   TRP B C    1 
ATOM   276 O  O    . TRP B 1 4  ? 1.43810   0.79057   9.30128   1.000 8.96686  ? 4   TRP B O    1 
ATOM   277 C  CB   . TRP B 1 4  ? 3.09175   1.37447   11.70775  1.000 9.12215  ? 4   TRP B CB   1 
ATOM   278 C  CG   . TRP B 1 4  ? 4.41907   1.06701   11.11028  1.000 9.40376  ? 4   TRP B CG   1 
ATOM   279 C  CD1  . TRP B 1 4  ? 4.80383   -0.10531  10.54081  1.000 10.73550 ? 4   TRP B CD1  1 
ATOM   280 C  CD2  . TRP B 1 4  ? 5.54844   1.94452   11.03626  1.000 9.91961  ? 4   TRP B CD2  1 
ATOM   281 N  NE1  . TRP B 1 4  ? 6.11653   -0.02233  10.13312  1.000 10.46178 ? 4   TRP B NE1  1 
ATOM   282 C  CE2  . TRP B 1 4  ? 6.58752   1.23059   10.41522  1.000 11.17502 ? 4   TRP B CE2  1 
ATOM   283 C  CE3  . TRP B 1 4  ? 5.78185   3.25801   11.44398  1.000 11.09080 ? 4   TRP B CE3  1 
ATOM   284 C  CZ2  . TRP B 1 4  ? 7.85000   1.78279   10.19495  1.000 13.98589 ? 4   TRP B CZ2  1 
ATOM   285 C  CZ3  . TRP B 1 4  ? 7.03967   3.81002   11.21879  1.000 14.48858 ? 4   TRP B CZ3  1 
ATOM   286 C  CH2  . TRP B 1 4  ? 8.05366   3.07037   10.59914  1.000 20.58668 ? 4   TRP B CH2  1 
ATOM   287 H  H    . TRP B 1 4  ? 0.70891   1.89054   12.04755  1.000 9.21000  ? 4   TRP B H    1 
ATOM   288 H  HA   . TRP B 1 4  ? 2.72189   3.21208   10.87913  1.000 9.81000  ? 4   TRP B HA   1 
ATOM   289 H  HB2  . TRP B 1 4  ? 3.24726   1.74184   12.59261  1.000 10.94000 ? 4   TRP B HB2  1 
ATOM   290 H  HB3  . TRP B 1 4  ? 2.60202   0.53987   11.77656  1.000 10.94000 ? 4   TRP B HB3  1 
ATOM   291 H  HD1  . TRP B 1 4  ? 4.26084   -0.85265  10.44134  1.000 12.88000 ? 4   TRP B HD1  1 
ATOM   292 H  HE1  . TRP B 1 4  ? 6.56636   -0.65496  9.76332   1.000 12.55000 ? 4   TRP B HE1  1 
ATOM   293 H  HE3  . TRP B 1 4  ? 5.11177   3.75341   11.85634  1.000 13.31000 ? 4   TRP B HE3  1 
ATOM   294 H  HZ2  . TRP B 1 4  ? 8.52707   1.29196   9.78818   1.000 16.79000 ? 4   TRP B HZ2  1 
ATOM   295 H  HZ3  . TRP B 1 4  ? 7.20992   4.68489   11.48457  1.000 17.39000 ? 4   TRP B HZ3  1 
ATOM   296 H  HH2  . TRP B 1 4  ? 8.88454   3.46410   10.45950  1.000 24.70000 ? 4   TRP B HH2  1 
ATOM   297 N  N    . HIS B 1 5  ? 2.53065   2.60534   8.51223   1.000 8.28257  ? 5   HIS B N    1 
ATOM   298 C  CA   . HIS B 1 5  ? 2.55054   2.16277   7.12592   1.000 9.06424  ? 5   HIS B CA   1 
ATOM   299 C  C    . HIS B 1 5  ? 3.88724   1.47606   6.89004   1.000 9.38270  ? 5   HIS B C    1 
ATOM   300 O  O    . HIS B 1 5  ? 4.92977   2.12807   6.82872   1.000 10.09332 ? 5   HIS B O    1 
ATOM   301 C  CB   . HIS B 1 5  ? 2.35754   3.34046   6.18281   1.000 9.59326  ? 5   HIS B CB   1 
ATOM   302 C  CG   . HIS B 1 5  ? 0.97629   3.90882   6.21866   1.000 9.14320  ? 5   HIS B CG   1 
ATOM   303 N  ND1  . HIS B 1 5  ? 0.35734   4.42387   5.10387   1.000 10.57232 ? 5   HIS B ND1  1 
ATOM   304 C  CD2  . HIS B 1 5  ? 0.10272   4.06189   7.23911   1.000 8.66683  ? 5   HIS B CD2  1 
ATOM   305 C  CE1  . HIS B 1 5  ? -0.84789  4.85419   5.43672   1.000 10.60653 ? 5   HIS B CE1  1 
ATOM   306 N  NE2  . HIS B 1 5  ? -1.03307  4.63917   6.72685   1.000 8.87212  ? 5   HIS B NE2  1 
ATOM   307 H  H    . HIS B 1 5  ? 2.86116   3.39148   8.62756   1.000 9.94000  ? 5   HIS B H    1 
ATOM   308 H  HA   . HIS B 1 5  ? 1.83252   1.53263   6.95973   1.000 10.88000 ? 5   HIS B HA   1 
ATOM   309 H  HB2  . HIS B 1 5  ? 2.97563   4.04564   6.43097   1.000 11.51000 ? 5   HIS B HB2  1 
ATOM   310 H  HB3  . HIS B 1 5  ? 2.53446   3.04755   5.27483   1.000 11.51000 ? 5   HIS B HB3  1 
ATOM   311 H  HD1  . HIS B 1 5  ? 0.93080   4.44230   4.22498   1.000 30.00000 ? 5   HIS B HD1  1 
ATOM   312 H  HE1  . HIS B 1 5  ? -1.46371  5.24337   4.85805   1.000 12.73000 ? 5   HIS B HE1  1 
ATOM   313 N  N    . ASN B 1 6  ? 3.85382   0.15873   6.77531   1.000 9.61957  ? 6   ASN B N    1 
ATOM   314 C  CA   . ASN B 1 6  ? 5.08086   -0.61722  6.69029   1.000 10.23807 ? 6   ASN B CA   1 
ATOM   315 C  C    . ASN B 1 6  ? 5.92246   -0.19391  5.48885   1.000 9.00371  ? 6   ASN B C    1 
ATOM   316 O  O    . ASN B 1 6  ? 5.40960   0.18784   4.43494   1.000 9.54062  ? 6   ASN B O    1 
ATOM   317 C  CB   . ASN B 1 6  ? 4.74323   -2.10362  6.56560   1.000 12.83312 ? 6   ASN B CB   1 
ATOM   318 C  CG   . ASN B 1 6  ? 3.74601   -2.57939  7.62050   1.000 14.71492 ? 6   ASN B CG   1 
ATOM   319 O  OD1  . ASN B 1 6  ? 2.59608   -2.16048  7.63294   1.000 13.65953 ? 6   ASN B OD1  1 
ATOM   320 N  ND2  . ASN B 1 6  ? 4.19216   -3.45255  8.50868   1.000 17.66264 ? 6   ASN B ND2  1 
ATOM   321 H  H    . ASN B 1 6  ? 3.13429   -0.31162  6.74347   1.000 11.54000 ? 6   ASN B H    1 
ATOM   322 H  HA   . ASN B 1 6  ? 5.60387   -0.47001  7.49461   1.000 12.29000 ? 6   ASN B HA   1 
ATOM   323 H  HB2  . ASN B 1 6  ? 4.35535   -2.26641  5.69117   1.000 15.40000 ? 6   ASN B HB2  1 
ATOM   324 H  HB3  . ASN B 1 6  ? 5.55734   -2.62073  6.66852   1.000 15.40000 ? 6   ASN B HB3  1 
ATOM   325 H  HD21 . ASN B 1 6  ? 5.00768   -3.72392  8.47265   1.000 21.20000 ? 6   ASN B HD21 1 
ATOM   326 H  HD22 . ASN B 1 6  ? 3.66679   -3.74861  9.12108   1.000 21.20000 ? 6   ASN B HD22 1 
ATOM   327 N  N    . GLY B 1 7  ? 7.23678   -0.27616  5.66308   1.000 8.53787  ? 7   GLY B N    1 
ATOM   328 C  CA   . GLY B 1 7  ? 8.13032   -0.10327  4.54241   1.000 9.03529  ? 7   GLY B CA   1 
ATOM   329 C  C    . GLY B 1 7  ? 7.85909   -1.13630  3.47119   1.000 9.38270  ? 7   GLY B C    1 
ATOM   330 O  O    . GLY B 1 7  ? 7.40145   -2.25101  3.74973   1.000 9.94856  ? 7   GLY B O    1 
ATOM   331 H  H    . GLY B 1 7  ? 7.62674   -0.42954  6.41429   1.000 10.25000 ? 7   GLY B H    1 
ATOM   332 H  HA2  . GLY B 1 7  ? 8.00960   0.78091   4.16072   1.000 10.84000 ? 7   GLY B HA2  1 
ATOM   333 H  HA3  . GLY B 1 7  ? 9.04873   -0.19558  4.83905   1.000 10.84000 ? 7   GLY B HA3  1 
ATOM   334 N  N    A LYS B 1 8  ? 8.16523   -0.76983  2.23465   0.520 9.47482  ? 8   LYS B N    1 
ATOM   335 N  N    B LYS B 1 8  ? 8.12525   -0.75010  2.22254   0.480 9.75643  ? 8   LYS B N    1 
ATOM   336 C  CA   A LYS B 1 8  ? 7.90340   -1.69507  1.15108   0.520 10.34335 ? 8   LYS B CA   1 
ATOM   337 C  CA   B LYS B 1 8  ? 7.79433   -1.59202  1.08164   0.480 10.77498 ? 8   LYS B CA   1 
ATOM   338 C  C    A LYS B 1 8  ? 8.78579   -1.38047  -0.04241  0.520 9.74064  ? 8   LYS B C    1 
ATOM   339 C  C    B LYS B 1 8  ? 8.77441   -1.35716  -0.06545  0.480 9.90645  ? 8   LYS B C    1 
ATOM   340 O  O    A LYS B 1 8  ? 9.17217   -0.23238  -0.28330  0.520 9.52219  ? 8   LYS B O    1 
ATOM   341 O  O    B LYS B 1 8  ? 9.22606   -0.23096  -0.30103  0.480 9.45903  ? 8   LYS B O    1 
ATOM   342 C  CB   A LYS B 1 8  ? 6.42319   -1.70027  0.75086   0.520 12.61204 ? 8   LYS B CB   1 
ATOM   343 C  CB   B LYS B 1 8  ? 6.34489   -1.36015  0.59401   0.480 13.33581 ? 8   LYS B CB   1 
ATOM   344 C  CG   A LYS B 1 8  ? 5.82295   -0.33345  0.44718   0.520 13.30686 ? 8   LYS B CG   1 
ATOM   345 C  CG   B LYS B 1 8  ? 5.41176   -0.61102  1.57307   0.480 14.76493 ? 8   LYS B CG   1 
ATOM   346 C  CD   A LYS B 1 8  ? 4.29795   -0.45561  0.31764   0.520 14.72808 ? 8   LYS B CD   1 
ATOM   347 C  CD   B LYS B 1 8  ? 3.92977   -0.63361  1.16569   0.480 15.52555 ? 8   LYS B CD   1 
ATOM   348 C  CE   A LYS B 1 8  ? 3.57541   0.88351   0.33754   0.520 16.31775 ? 8   LYS B CE   1 
ATOM   349 C  CE   B LYS B 1 8  ? 3.10610   0.40927   1.95064   0.480 14.90179 ? 8   LYS B CE   1 
ATOM   350 N  NZ   A LYS B 1 8  ? 3.77807   1.68185   1.57505   0.520 16.94150 ? 8   LYS B NZ   1 
ATOM   351 N  NZ   B LYS B 1 8  ? 2.83448   0.07526   3.39320   0.480 12.04355 ? 8   LYS B NZ   1 
ATOM   352 H  H    A LYS B 1 8  ? 8.51237   -0.01585  2.00850   0.520 11.37000 ? 8   LYS B H    1 
ATOM   353 H  H    B LYS B 1 8  ? 8.49741   -0.00400  2.01304   0.480 11.71000 ? 8   LYS B H    1 
ATOM   354 H  HA   A LYS B 1 8  ? 8.14244   -2.58714  1.44862   0.520 12.41000 ? 8   LYS B HA   1 
ATOM   355 H  HA   B LYS B 1 8  ? 7.88521   -2.51821  1.35599   0.480 12.93000 ? 8   LYS B HA   1 
ATOM   356 H  HB2  A LYS B 1 8  ? 6.32538   -2.24324  -0.04660  0.520 15.13000 ? 8   LYS B HB2  1 
ATOM   357 H  HB2  B LYS B 1 8  ? 6.37967   -0.83987  -0.22357  0.480 16.00000 ? 8   LYS B HB2  1 
ATOM   358 H  HB3  A LYS B 1 8  ? 5.91195   -2.08459  1.48008   0.520 15.13000 ? 8   LYS B HB3  1 
ATOM   359 H  HB3  B LYS B 1 8  ? 5.94263   -2.22599  0.41997   0.480 16.00000 ? 8   LYS B HB3  1 
ATOM   360 H  HG2  A LYS B 1 8  ? 6.02652   0.28264   1.16793   0.520 15.97000 ? 8   LYS B HG2  1 
ATOM   361 H  HG2  B LYS B 1 8  ? 5.48227   -1.02365  2.44882   0.480 17.72000 ? 8   LYS B HG2  1 
ATOM   362 H  HG3  A LYS B 1 8  ? 6.18097   0.00367   -0.38904  0.520 15.97000 ? 8   LYS B HG3  1 
ATOM   363 H  HG3  B LYS B 1 8  ? 5.68921   0.31671   1.62029   0.480 17.72000 ? 8   LYS B HG3  1 
ATOM   364 H  HD2  A LYS B 1 8  ? 4.08908   -0.89278  -0.52293  0.520 17.68000 ? 8   LYS B HD2  1 
ATOM   365 H  HD2  B LYS B 1 8  ? 3.85388   -0.43150  0.21973   0.480 18.63000 ? 8   LYS B HD2  1 
ATOM   366 H  HD3  A LYS B 1 8  ? 3.96268   -0.98358  1.05892   0.520 17.68000 ? 8   LYS B HD3  1 
ATOM   367 H  HD3  B LYS B 1 8  ? 3.56063   -1.51208  1.34794   0.480 18.63000 ? 8   LYS B HD3  1 
ATOM   368 H  HE2  A LYS B 1 8  ? 3.89194   1.41643   -0.40814  0.520 19.58000 ? 8   LYS B HE2  1 
ATOM   369 H  HE2  B LYS B 1 8  ? 3.58768   1.25021   1.93620   0.480 17.88000 ? 8   LYS B HE2  1 
ATOM   370 H  HE3  A LYS B 1 8  ? 2.62274   0.72128   0.24740   0.520 19.58000 ? 8   LYS B HE3  1 
ATOM   371 H  HE3  B LYS B 1 8  ? 2.24753   0.51074   1.51262   0.480 17.88000 ? 8   LYS B HE3  1 
ATOM   372 H  HZ1  A LYS B 1 8  ? 3.54694   2.52908   1.43116   0.520 20.33000 ? 8   LYS B HZ1  1 
ATOM   373 H  HZ1  B LYS B 1 8  ? 2.58483   0.80775   3.83306   0.480 14.45000 ? 8   LYS B HZ1  1 
ATOM   374 H  HZ2  A LYS B 1 8  ? 3.27757   1.35402   2.23382   0.520 20.33000 ? 8   LYS B HZ2  1 
ATOM   375 H  HZ2  B LYS B 1 8  ? 2.18408   -0.52979  3.44812   0.480 14.45000 ? 8   LYS B HZ2  1 
ATOM   376 H  HZ3  A LYS B 1 8  ? 4.63313   1.65188   1.81930   0.520 20.33000 ? 8   LYS B HZ3  1 
ATOM   377 H  HZ3  B LYS B 1 8  ? 3.56874   -0.25291  3.77302   0.480 14.45000 ? 8   LYS B HZ3  1 
ATOM   378 N  N    . TRP B 1 9  ? 9.07919   -2.42941  -0.79386  1.000 9.66695  ? 9   TRP B N    1 
ATOM   379 C  CA   . TRP B 1 9  ? 9.84518   -2.32111  -2.01223  1.000 9.63010  ? 9   TRP B CA   1 
ATOM   380 C  C    . TRP B 1 9  ? 8.96333   -1.83574  -3.14562  1.000 9.83276  ? 9   TRP B C    1 
ATOM   381 O  O    . TRP B 1 9  ? 7.76354   -2.14478  -3.23136  1.000 12.38306 ? 9   TRP B O    1 
ATOM   382 C  CB   . TRP B 1 9  ? 10.42047  -3.67444  -2.39841  1.000 10.96974 ? 9   TRP B CB   1 
ATOM   383 C  CG   . TRP B 1 9  ? 11.54018  -4.05323  -1.52763  1.000 11.26714 ? 9   TRP B CG   1 
ATOM   384 C  CD1  . TRP B 1 9  ? 11.55968  -5.04489  -0.59817  1.000 13.12789 ? 9   TRP B CD1  1 
ATOM   385 C  CD2  . TRP B 1 9  ? 12.83504  -3.44208  -1.49077  1.000 11.53033 ? 9   TRP B CD2  1 
ATOM   386 N  NE1  . TRP B 1 9  ? 12.78339  -5.09131  0.01698   1.000 13.72796 ? 9   TRP B NE1  1 
ATOM   387 C  CE2  . TRP B 1 9  ? 13.58508  -4.11474  -0.51277  1.000 12.85680 ? 9   TRP B CE2  1 
ATOM   388 C  CE3  . TRP B 1 9  ? 13.43147  -2.38746  -2.19696  1.000 11.67508 ? 9   TRP B CE3  1 
ATOM   389 C  CZ2  . TRP B 1 9  ? 14.89554  -3.77190  -0.21856  1.000 13.64900 ? 9   TRP B CZ2  1 
ATOM   390 C  CZ3  . TRP B 1 9  ? 14.73190  -2.04816  -1.90450  1.000 12.59098 ? 9   TRP B CZ3  1 
ATOM   391 C  CH2  . TRP B 1 9  ? 15.45379  -2.74092  -0.92122  1.000 13.49000 ? 9   TRP B CH2  1 
ATOM   392 H  H    . TRP B 1 9  ? 8.83765   -3.23415  -0.61135  1.000 11.60000 ? 9   TRP B H    1 
ATOM   393 H  HA   . TRP B 1 9  ? 10.57194  -1.69211  -1.87659  1.000 11.56000 ? 9   TRP B HA   1 
ATOM   394 H  HB2  . TRP B 1 9  ? 9.72966   -4.35096  -2.31850  1.000 13.16000 ? 9   TRP B HB2  1 
ATOM   395 H  HB3  . TRP B 1 9  ? 10.74307  -3.63699  -3.31248  1.000 13.16000 ? 9   TRP B HB3  1 
ATOM   396 H  HD1  . TRP B 1 9  ? 10.84631  -5.60972  -0.40716  1.000 15.75000 ? 9   TRP B HD1  1 
ATOM   397 H  HE1  . TRP B 1 9  ? 13.01062  -5.64412  0.63480   1.000 16.47000 ? 9   TRP B HE1  1 
ATOM   398 H  HE3  . TRP B 1 9  ? 12.95650  -1.92605  -2.84914  1.000 14.01000 ? 9   TRP B HE3  1 
ATOM   399 H  HZ2  . TRP B 1 9  ? 15.37720  -4.22673  0.43454   1.000 16.38000 ? 9   TRP B HZ2  1 
ATOM   400 H  HZ3  . TRP B 1 9  ? 15.13785  -1.35038  -2.36470  1.000 15.11000 ? 9   TRP B HZ3  1 
ATOM   401 H  HH2  . TRP B 1 9  ? 16.33208  -2.49416  -0.74319  1.000 16.19000 ? 9   TRP B HH2  1 
ATOM   402 N  N    . HIS B 1 10 ? 9.58092   -1.07193  -4.02798  1.000 8.35363  ? 10  HIS B N    1 
ATOM   403 C  CA   . HIS B 1 10 ? 8.91819   -0.54518  -5.20130  1.000 8.70631  ? 10  HIS B CA   1 
ATOM   404 C  C    . HIS B 1 10 ? 9.88914   -0.66908  -6.35579  1.000 8.25099  ? 10  HIS B C    1 
ATOM   405 O  O    . HIS B 1 10 ? 10.94772  -0.04288  -6.34153  1.000 8.68788  ? 10  HIS B O    1 
ATOM   406 C  CB   . HIS B 1 10 ? 8.57345   0.91338   -4.93862  1.000 9.19847  ? 10  HIS B CB   1 
ATOM   407 C  CG   . HIS B 1 10 ? 7.91437   1.58786   -6.08875  1.000 9.24321  ? 10  HIS B CG   1 
ATOM   408 N  ND1  . HIS B 1 10 ? 8.11490   2.92180   -6.37383  1.000 9.30112  ? 10  HIS B ND1  1 
ATOM   409 C  CD2  . HIS B 1 10 ? 7.04693   1.11959   -7.01773  1.000 10.02225 ? 10  HIS B CD2  1 
ATOM   410 C  CE1  . HIS B 1 10 ? 7.39808   3.24277   -7.44097  1.000 9.93277  ? 10  HIS B CE1  1 
ATOM   411 N  NE2  . HIS B 1 10 ? 6.74269   2.17050   -7.85063  1.000 10.85656 ? 10  HIS B NE2  1 
ATOM   412 H  H    . HIS B 1 10 ? 10.40647  -0.83997  -3.96575  1.000 10.03000 ? 10  HIS B H    1 
ATOM   413 H  HA   . HIS B 1 10 ? 8.11259   -1.03648  -5.42435  1.000 10.45000 ? 10  HIS B HA   1 
ATOM   414 H  HB2  . HIS B 1 10 ? 7.96918   0.95981   -4.18215  1.000 11.04000 ? 10  HIS B HB2  1 
ATOM   415 H  HB3  . HIS B 1 10 ? 9.39048   1.39674   -4.74087  1.000 11.04000 ? 10  HIS B HB3  1 
ATOM   416 H  HD2  . HIS B 1 10 ? 6.71946   0.25171   -7.08011  1.000 12.03000 ? 10  HIS B HD2  1 
ATOM   417 H  HE1  . HIS B 1 10 ? 7.36289   4.08358   -7.83726  1.000 11.92000 ? 10  HIS B HE1  1 
ATOM   418 H  HE2  . HIS B 1 10 ? 6.21225   2.13576   -8.52692  1.000 13.03000 ? 10  HIS B HE2  1 
ATOM   419 N  N    . TRP B 1 11 ? 9.53772   -1.46577  -7.35446  1.000 9.27743  ? 11  TRP B N    1 
ATOM   420 C  CA   . TRP B 1 11 ? 10.37543  -1.57015  -8.53863  1.000 9.23795  ? 11  TRP B CA   1 
ATOM   421 C  C    . TRP B 1 11 ? 10.07591  -0.39213  -9.45655  1.000 9.16952  ? 11  TRP B C    1 
ATOM   422 O  O    . TRP B 1 11 ? 8.92363   -0.17937  -9.85290  1.000 11.08028 ? 11  TRP B O    1 
ATOM   423 C  CB   . TRP B 1 11 ? 10.13785  -2.88213  -9.28593  1.000 10.36177 ? 11  TRP B CB   1 
ATOM   424 C  CG   . TRP B 1 11 ? 10.88643  -2.87704  -10.57631 1.000 10.84077 ? 11  TRP B CG   1 
ATOM   425 C  CD1  . TRP B 1 11 ? 10.37962  -2.63438  -11.81860 1.000 11.41189 ? 11  TRP B CD1  1 
ATOM   426 C  CD2  . TRP B 1 11 ? 12.29652  -3.07379  -10.75016 1.000 11.27240 ? 11  TRP B CD2  1 
ATOM   427 N  NE1  . TRP B 1 11 ? 11.39008  -2.67117  -12.75305 1.000 11.11712 ? 11  TRP B NE1  1 
ATOM   428 C  CE2  . TRP B 1 11 ? 12.57378  -2.94060  -12.12534 1.000 11.29083 ? 11  TRP B CE2  1 
ATOM   429 C  CE3  . TRP B 1 11 ? 13.35359  -3.35002  -9.87558  1.000 12.85417 ? 11  TRP B CE3  1 
ATOM   430 C  CZ2  . TRP B 1 11 ? 13.85993  -3.06807  -12.64210 1.000 12.03829 ? 11  TRP B CZ2  1 
ATOM   431 C  CZ3  . TRP B 1 11 ? 14.62186  -3.47889  -10.39567 1.000 13.68848 ? 11  TRP B CZ3  1 
ATOM   432 C  CH2  . TRP B 1 11 ? 14.86215  -3.34778  -11.76302 1.000 11.79000 ? 11  TRP B CH2  1 
ATOM   433 H  H    . TRP B 1 11 ? 8.82714   -1.95020  -7.37025  1.000 11.13000 ? 11  TRP B H    1 
ATOM   434 H  HA   . TRP B 1 11 ? 11.30498  -1.55063  -8.26447  1.000 11.08000 ? 11  TRP B HA   1 
ATOM   435 H  HB2  . TRP B 1 11 ? 10.45137  -3.62555  -8.74681  1.000 12.43000 ? 11  TRP B HB2  1 
ATOM   436 H  HB3  . TRP B 1 11 ? 9.19237   -2.98410  -9.47376  1.000 12.43000 ? 11  TRP B HB3  1 
ATOM   437 H  HD1  . TRP B 1 11 ? 9.48384   -2.46781  -12.00662 1.000 13.69000 ? 11  TRP B HD1  1 
ATOM   438 H  HE1  . TRP B 1 11 ? 11.29282  -2.54516  -13.59784 1.000 13.34000 ? 11  TRP B HE1  1 
ATOM   439 H  HE3  . TRP B 1 11 ? 13.20336  -3.44371  -8.96270  1.000 15.43000 ? 11  TRP B HE3  1 
ATOM   440 H  HZ2  . TRP B 1 11 ? 14.02881  -2.96558  -13.55043 1.000 14.45000 ? 11  TRP B HZ2  1 
ATOM   441 H  HZ3  . TRP B 1 11 ? 15.33292  -3.65722  -9.82305  1.000 16.42000 ? 11  TRP B HZ3  1 
ATOM   442 H  HH2  . TRP B 1 11 ? 15.72929  -3.45356  -12.08259 1.000 14.15000 ? 11  TRP B HH2  1 
ATOM   443 N  N    A HIS B 1 12 ? 11.11408  0.36974   -9.78768  0.470 8.92212  ? 12  HIS B N    1 
ATOM   444 N  N    B HIS B 1 12 ? 11.11694  0.36080   -9.80647  0.530 8.99582  ? 12  HIS B N    1 
ATOM   445 C  CA   A HIS B 1 12 ? 11.02409  1.38823   -10.81903 0.470 9.04056  ? 12  HIS B CA   1 
ATOM   446 C  CA   B HIS B 1 12 ? 11.01222  1.39845   -10.82202 0.530 9.24848  ? 12  HIS B CA   1 
ATOM   447 C  C    A HIS B 1 12 ? 11.54380  0.76626   -12.10121 0.470 9.07214  ? 12  HIS B C    1 
ATOM   448 C  C    B HIS B 1 12 ? 11.56076  0.84744   -12.13041 0.530 9.32217  ? 12  HIS B C    1 
ATOM   449 O  O    A HIS B 1 12 ? 12.75078  0.65842   -12.30558 0.470 8.99845  ? 12  HIS B O    1 
ATOM   450 O  O    B HIS B 1 12 ? 12.69711  0.37558   -12.19795 0.530 9.45377  ? 12  HIS B O    1 
ATOM   451 C  CB   A HIS B 1 12 ? 11.86123  2.61039   -10.47530 0.470 9.13794  ? 12  HIS B CB   1 
ATOM   452 C  CB   B HIS B 1 12 ? 11.79188  2.64733   -10.42277 0.530 9.46429  ? 12  HIS B CB   1 
ATOM   453 C  CG   A HIS B 1 12 ? 11.43542  3.30444   -9.22163  0.470 8.18782  ? 12  HIS B CG   1 
ATOM   454 C  CG   B HIS B 1 12 ? 11.18139  3.41131   -9.28936  0.530 8.82211  ? 12  HIS B CG   1 
ATOM   455 N  ND1  A HIS B 1 12 ? 11.95690  4.51901   -8.83472  0.470 7.36141  ? 12  HIS B ND1  1 
ATOM   456 N  ND1  B HIS B 1 12 ? 10.72824  4.70820   -9.41653  0.530 8.86422  ? 12  HIS B ND1  1 
ATOM   457 C  CD2  A HIS B 1 12 ? 10.55741  2.94892   -8.25457  0.470 8.02201  ? 12  HIS B CD2  1 
ATOM   458 C  CD2  B HIS B 1 12 ? 10.96620  3.06362   -7.99908  0.530 8.79842  ? 12  HIS B CD2  1 
ATOM   459 C  CE1  A HIS B 1 12 ? 11.41606  4.88481   -7.68805  0.470 7.86936  ? 12  HIS B CE1  1 
ATOM   460 C  CE1  B HIS B 1 12 ? 10.25453  5.12140   -8.25300  0.530 8.77737  ? 12  HIS B CE1  1 
ATOM   461 N  NE2  A HIS B 1 12 ? 10.55931  3.95260   -7.31647  0.470 7.91674  ? 12  HIS B NE2  1 
ATOM   462 N  NE2  B HIS B 1 12 ? 10.39394  4.14595   -7.37645  0.530 8.58261  ? 12  HIS B NE2  1 
ATOM   463 H  H    A HIS B 1 12 ? 11.89122  0.31263   -9.42322  0.470 10.70000 ? 12  HIS B H    1 
ATOM   464 H  H    B HIS B 1 12 ? 11.90328  0.28632   -9.46524  0.530 10.80000 ? 12  HIS B H    1 
ATOM   465 H  HA   A HIS B 1 12 ? 10.11014  1.69817   -10.91659 0.470 10.85000 ? 12  HIS B HA   1 
ATOM   466 H  HA   B HIS B 1 12 ? 10.08631  1.66693   -10.92834 0.530 11.10000 ? 12  HIS B HA   1 
ATOM   467 H  HB2  A HIS B 1 12 ? 12.78364  2.33351   -10.36169 0.470 10.96000 ? 12  HIS B HB2  1 
ATOM   468 H  HB2  B HIS B 1 12 ? 12.68487  2.38272   -10.15210 0.530 11.36000 ? 12  HIS B HB2  1 
ATOM   469 H  HB3  A HIS B 1 12 ? 11.79396  3.24795   -11.20307 0.470 10.96000 ? 12  HIS B HB3  1 
ATOM   470 H  HB3  B HIS B 1 12 ? 11.83972  3.24175   -11.18742 0.530 11.36000 ? 12  HIS B HB3  1 
ATOM   471 H  HD2  A HIS B 1 12 ? 10.04768  2.17077   -8.23100  0.470 9.63000  ? 12  HIS B HD2  1 
ATOM   472 H  HD2  B HIS B 1 12 ? 11.16797  2.24447   -7.60728  0.530 10.56000 ? 12  HIS B HD2  1 
ATOM   473 H  HE1  A HIS B 1 12 ? 11.60560  5.66618   -7.22184  0.470 9.45000  ? 12  HIS B HE1  1 
ATOM   474 H  HE1  B HIS B 1 12 ? 9.88591   5.95839   -8.08217  0.530 10.53000 ? 12  HIS B HE1  1 
HETATM 475 N  N    . NH3 C 2 .  ? -21.50020 -8.51866  -4.68080  1.000 13.31212 ? 101 NH3 A N    1 
HETATM 476 H  HN1  . NH3 C 2 .  ? -22.44572 -8.21204  -4.77375  1.000 15.97000 ? 101 NH3 A HN1  1 
HETATM 477 H  HN3  . NH3 C 2 .  ? -21.03577 -7.97220  -3.98023  1.000 15.97000 ? 101 NH3 A HN3  1 
HETATM 478 C  C    A ACY D 3 .  ? -15.41643 -7.76186  -11.29570 0.730 13.41740 ? 102 ACY A C    1 
HETATM 479 C  C    B ACY D 3 .  ? -15.27925 -7.78463  -11.62526 0.270 12.50676 ? 102 ACY A C    1 
HETATM 480 O  O    A ACY D 3 .  ? -16.12860 -7.10856  -10.52014 0.730 13.82271 ? 102 ACY A O    1 
HETATM 481 O  O    B ACY D 3 .  ? -16.16768 -8.59749  -11.25079 0.270 12.48571 ? 102 ACY A O    1 
HETATM 482 O  OXT  A ACY D 3 .  ? -15.69883 -8.20822  -12.41838 0.730 14.48068 ? 102 ACY A OXT  1 
HETATM 483 O  OXT  B ACY D 3 .  ? -15.36277 -6.84659  -12.45939 0.270 12.94103 ? 102 ACY A OXT  1 
HETATM 484 C  CH3  A ACY D 3 .  ? -14.01225 -8.05650  -10.82308 0.730 12.11000 ? 102 ACY A CH3  1 
HETATM 485 C  CH3  B ACY D 3 .  ? -13.88549 -7.94808  -11.00204 0.270 12.11000 ? 102 ACY A CH3  1 
HETATM 486 H  H1   A ACY D 3 .  ? -13.54173 -7.22271  -10.66988 0.730 14.53000 ? 102 ACY A H1   1 
HETATM 487 H  H1   B ACY D 3 .  ? -13.96886 -8.37776  -10.13643 0.270 14.53000 ? 102 ACY A H1   1 
HETATM 488 H  H2   A ACY D 3 .  ? -13.54577 -8.57218  -11.50009 0.730 14.53000 ? 102 ACY A H2   1 
HETATM 489 H  H2   B ACY D 3 .  ? -13.47622 -7.07602  -10.89313 0.270 14.53000 ? 102 ACY A H2   1 
HETATM 490 H  H3   A ACY D 3 .  ? -14.04926 -8.56422  -9.99761  0.730 14.53000 ? 102 ACY A H3   1 
HETATM 491 H  H3   B ACY D 3 .  ? -13.33459 -8.49480  -11.58326 0.270 14.53000 ? 102 ACY A H3   1 
HETATM 492 CU CU   . CU  E 4 .  ? -13.47875 -7.34097  -6.70237  0.970 9.08267  ? 103 CU  A CU   1 
HETATM 493 NA NA   . NA  F 5 .  ? 0.50826   6.54584   -1.71581  0.50  17.18627 ? 104 NA  A NA   1 
HETATM 494 NA NA   . NA  G 5 .  ? -11.32030 -4.85865  -9.51732  1.000 41.32864 ? 105 NA  A NA   1 
HETATM 495 N  N    . NH3 H 2 .  ? 10.56759  0.60252   -13.12474 1.000 10.24860 ? 101 NH3 B N    1 
HETATM 496 H  HN1  . NH3 H 2 .  ? 10.87687  1.14038   -13.90740 1.000 12.30000 ? 101 NH3 B HN1  1 
HETATM 497 H  HN2  . NH3 H 2 .  ? 11.00604  -0.29357  -13.13739 1.000 12.30000 ? 101 NH3 B HN2  1 
HETATM 498 C  C    . ACY I 3 .  ? 7.76140   -17.04065 7.36289   1.000 23.31332 ? 102 ACY B C    1 
HETATM 499 O  O    . ACY I 3 .  ? 6.77607   -17.61049 6.82894   1.000 24.61085 ? 102 ACY B O    1 
HETATM 500 O  OXT  . ACY I 3 .  ? 8.83160   -17.55307 7.79168   1.000 24.23448 ? 102 ACY B OXT  1 
HETATM 501 C  CH3  . ACY I 3 .  ? 7.66970   -15.49664 7.50819   1.000 21.56000 ? 102 ACY B CH3  1 
HETATM 502 H  H1   . ACY I 3 .  ? 7.37627   -15.27379 8.40547   1.000 25.87000 ? 102 ACY B H1   1 
HETATM 503 H  H2   . ACY I 3 .  ? 7.03462   -15.14876 6.86289   1.000 25.87000 ? 102 ACY B H2   1 
HETATM 504 H  H3   . ACY I 3 .  ? 8.54266   -15.10478 7.34629   1.000 25.87000 ? 102 ACY B H3   1 
HETATM 505 C  C    . ACY J 3 .  ? -0.36313  1.08705   4.46851   1.000 11.49085 ? 103 ACY B C    1 
HETATM 506 O  O    . ACY J 3 .  ? 0.57030   0.53077   5.03281   1.000 12.20936 ? 103 ACY B O    1 
HETATM 507 O  OXT  . ACY J 3 .  ? -1.56794  1.11229   4.76443   1.000 13.30159 ? 103 ACY B OXT  1 
HETATM 508 C  CH3  . ACY J 3 .  ? -0.00291  1.84368   3.28859   1.000 6.85000  ? 103 ACY B CH3  1 
HETATM 509 H  H1   . ACY J 3 .  ? 0.94436   1.73186   3.11070   1.000 8.22000  ? 103 ACY B H1   1 
HETATM 510 H  H2   . ACY J 3 .  ? -0.19597  2.78269   3.43656   1.000 8.22000  ? 103 ACY B H2   1 
HETATM 511 H  H3   . ACY J 3 .  ? -0.51585  1.52274   2.53096   1.000 8.22000  ? 103 ACY B H3   1 
HETATM 512 C  C    . ACY K 3 .  ? 8.18714   6.90143   -5.52151  1.000 14.80704 ? 104 ACY B C    1 
HETATM 513 O  O    . ACY K 3 .  ? 9.12648   6.26003   -5.96992  1.000 13.95430 ? 104 ACY B O    1 
HETATM 514 O  OXT  . ACY K 3 .  ? 7.02645   6.54900   -5.34733  1.000 17.50736 ? 104 ACY B OXT  1 
HETATM 515 C  CH3  . ACY K 3 .  ? 8.45264   8.29201   -5.13907  1.000 12.78000 ? 104 ACY B CH3  1 
HETATM 516 H  H1   . ACY K 3 .  ? 8.90199   8.74706   -5.86839  1.000 15.34000 ? 104 ACY B H1   1 
HETATM 517 H  H2   . ACY K 3 .  ? 9.01756   8.30828   -4.34990  1.000 15.34000 ? 104 ACY B H2   1 
HETATM 518 H  H3   . ACY K 3 .  ? 7.61375   8.73937   -4.94602  1.000 15.34000 ? 104 ACY B H3   1 
HETATM 519 C  C    A ACY L 3 .  ? 1.61217   4.24564   1.76522   0.730 18.74172 ? 105 ACY B C    1 
HETATM 520 C  C    B ACY L 3 .  ? -0.23863  5.45367   0.57683   0.270 18.87858 ? 105 ACY B C    1 
HETATM 521 O  O    A ACY L 3 .  ? 1.84686   3.67586   0.68671   0.730 19.21809 ? 105 ACY B O    1 
HETATM 522 O  O    B ACY L 3 .  ? -0.26295  6.70575   0.43694   0.270 19.23915 ? 105 ACY B O    1 
HETATM 523 O  OXT  A ACY L 3 .  ? 2.19784   4.11289   2.84373   0.730 17.75213 ? 105 ACY B OXT  1 
HETATM 524 O  OXT  B ACY L 3 .  ? -0.91310  4.58190   -0.03833  0.270 18.75225 ? 105 ACY B OXT  1 
HETATM 525 C  CH3  A ACY L 3 .  ? 0.44415   5.24739   1.75300   0.730 19.03000 ? 105 ACY B CH3  1 
HETATM 526 C  CH3  B ACY L 3 .  ? 0.74284   4.90503   1.64959   0.270 19.03000 ? 105 ACY B CH3  1 
HETATM 527 H  H1   A ACY L 3 .  ? 0.78519   6.14055   1.58759   0.730 22.84000 ? 105 ACY B H1   1 
HETATM 528 H  H1   B ACY L 3 .  ? 1.62729   4.81539   1.26125   0.270 22.84000 ? 105 ACY B H1   1 
HETATM 529 H  H2   A ACY L 3 .  ? -0.00751  5.22782   2.61117   0.730 22.84000 ? 105 ACY B H2   1 
HETATM 530 H  H2   B ACY L 3 .  ? 0.43451   4.03804   1.95619   0.270 22.84000 ? 105 ACY B H2   1 
HETATM 531 H  H3   A ACY L 3 .  ? -0.18221  5.00561   1.05258   0.730 22.84000 ? 105 ACY B H3   1 
HETATM 532 H  H3   B ACY L 3 .  ? 0.77953   5.51992   2.39907   0.270 22.84000 ? 105 ACY B H3   1 
HETATM 533 C  C    . ACY M 3 .  ? -2.59638  5.62891   19.19028  1.000 20.93672 ? 106 ACY B C    1 
HETATM 534 O  O    . ACY M 3 .  ? -3.19033  6.68757   18.89082  1.000 22.75799 ? 106 ACY B O    1 
HETATM 535 O  OXT  . ACY M 3 .  ? -2.20762  4.70791   18.45118  1.000 21.30519 ? 106 ACY B OXT  1 
HETATM 536 C  CH3  . ACY M 3 .  ? -2.28289  5.41634   20.67811  1.000 19.03000 ? 106 ACY B CH3  1 
HETATM 537 H  H1   . ACY M 3 .  ? -2.68278  4.58463   20.97588  1.000 22.84000 ? 106 ACY B H1   1 
HETATM 538 H  H2   . ACY M 3 .  ? -2.64701  6.15379   21.19292  1.000 22.84000 ? 106 ACY B H2   1 
HETATM 539 H  H3   . ACY M 3 .  ? -1.32184  5.37790   20.80259  1.000 22.84000 ? 106 ACY B H3   1 
HETATM 540 C  C    . ACY N 3 .  ? -1.22153  -0.26568  13.81856  0.690 19.73395 ? 107 ACY B C    1 
HETATM 541 O  O    . ACY N 3 .  ? -1.61156  0.04410   14.97040  0.690 19.39706 ? 107 ACY B O    1 
HETATM 542 O  OXT  . ACY N 3 .  ? -1.09808  0.46943   12.82723  0.690 17.80740 ? 107 ACY B OXT  1 
HETATM 543 C  CH3  . ACY N 3 .  ? -0.90326  -1.76923  13.58350  0.690 19.18000 ? 107 ACY B CH3  1 
HETATM 544 H  H1   . ACY N 3 .  ? -0.09719  -1.84863  13.04983  0.690 23.02000 ? 107 ACY B H1   1 
HETATM 545 H  H2   . ACY N 3 .  ? -1.64373  -2.18585  13.11584  0.690 23.02000 ? 107 ACY B H2   1 
HETATM 546 H  H3   . ACY N 3 .  ? -0.77095  -2.20914  14.43722  0.690 23.02000 ? 107 ACY B H3   1 
HETATM 547 CU CU   . CU  O 4 .  ? 9.54836   4.07139   -5.53994  1.000 8.25625  ? 108 CU  B CU   1 
HETATM 548 C  C1   . PGE P 6 .  ? 11.37616  -9.85286  -1.60539  1.000 32.59075 ? 109 PGE B C1   1 
HETATM 549 O  O1   . PGE P 6 .  ? 10.56931  -10.95875 -1.98501  1.000 32.81183 ? 109 PGE B O1   1 
HETATM 550 C  C2   . PGE P 6 .  ? 11.81209  -9.11594  -2.85307  1.000 32.49337 ? 109 PGE B C2   1 
HETATM 551 O  O2   . PGE P 6 .  ? 13.03084  -8.46958  -2.54873  0.5   40.45748 ? 109 PGE B O2   1 
HETATM 552 H  H1   . PGE P 6 .  ? 10.82763  -9.14748  -0.96327  1.000 39.11000 ? 109 PGE B H1   1 
HETATM 553 H  H12  . PGE P 6 .  ? 12.27772  -10.17168 -1.06217  1.000 39.11000 ? 109 PGE B H12  1 
HETATM 554 H  HO1  . PGE P 6 .  ? 10.38854  -11.48166 -1.19473  1.000 39.37000 ? 109 PGE B HO1  1 
HETATM 555 H  H2   . PGE P 6 .  ? 11.90609  -9.84394  -3.67737  1.000 38.99000 ? 109 PGE B H2   1 
HETATM 556 H  H22  . PGE P 6 .  ? 11.03273  -8.39060  -3.13797  1.000 38.99000 ? 109 PGE B H22  1 
HETATM 557 O  O    . HOH Q 7 .  ? -15.97896 -4.50969  -9.94104  1.000 24.97931 ? 201 HOH A O    1 
HETATM 558 O  O    . HOH Q 7 .  ? -18.64324 -4.16398  -2.65387  1.000 20.90514 ? 202 HOH A O    1 
HETATM 559 O  O    . HOH Q 7 .  ? -6.52989  1.32222   2.22219   1.000 33.09607 ? 203 HOH A O    1 
HETATM 560 O  O    . HOH Q 7 .  ? -6.16014  -1.05500  -6.83697  1.000 23.05803 ? 204 HOH A O    1 
HETATM 561 O  O    . HOH Q 7 .  ? -5.99698  -2.84965  -4.33315  0.50  15.13339 ? 205 HOH A O    1 
HETATM 562 O  O    . HOH Q 7 .  ? -1.84632  -4.12354  0.97581   1.000 17.13363 ? 206 HOH A O    1 
HETATM 563 O  O    . HOH Q 7 .  ? -7.69436  -0.28887  -2.12797  1.000 42.69722 ? 207 HOH A O    1 
HETATM 564 O  O    . HOH Q 7 .  ? -5.50121  2.11414   -0.44313  1.000 16.79675 ? 208 HOH A O    1 
HETATM 565 O  O    . HOH Q 7 .  ? 5.80129   9.38405   -6.44269  1.000 18.84700 ? 209 HOH A O    1 
HETATM 566 O  O    . HOH Q 7 .  ? -10.53524 -5.23448  3.29494   1.000 17.55737 ? 210 HOH A O    1 
HETATM 567 O  O    . HOH Q 7 .  ? -17.76595 -2.06308  -5.82979  1.000 25.62676 ? 211 HOH A O    1 
HETATM 568 O  O    . HOH Q 7 .  ? -16.40664 -4.61978  -0.25070  1.000 25.79520 ? 212 HOH A O    1 
HETATM 569 O  O    . HOH Q 7 .  ? -24.27045 -9.48666  -3.97052  1.000 19.91555 ? 213 HOH A O    1 
HETATM 570 O  O    . HOH Q 7 .  ? -0.25622  12.63869  -8.08005  1.000 26.20314 ? 214 HOH A O    1 
HETATM 571 O  O    . HOH Q 7 .  ? -13.56915 -6.34556  -8.69645  1.000 13.45424 ? 215 HOH A O    1 
HETATM 572 O  O    . HOH Q 7 .  ? -1.02300  13.25533  -9.73323  1.000 35.14369 ? 216 HOH A O    1 
HETATM 573 O  O    . HOH R 7 .  ? 5.26399   2.98943   1.00458   1.000 35.97273 ? 201 HOH B O    1 
HETATM 574 O  O    . HOH R 7 .  ? -3.50815  4.06556   -0.11144  1.000 17.17311 ? 202 HOH B O    1 
HETATM 575 O  O    . HOH R 7 .  ? 0.83740   -1.76634  9.96141   1.000 12.99630 ? 203 HOH B O    1 
HETATM 576 O  O    . HOH R 7 .  ? 6.08076   -3.88837  -4.59889  1.000 19.82080 ? 204 HOH B O    1 
HETATM 577 O  O    . HOH R 7 .  ? 9.30224   -13.09713 -0.70672  1.000 32.43810 ? 205 HOH B O    1 
HETATM 578 O  O    . HOH R 7 .  ? 2.06519   -2.67397  3.25836   1.000 35.35161 ? 206 HOH B O    1 
HETATM 579 O  O    . HOH R 7 .  ? -7.73838  7.98654   17.87282  1.000 31.69854 ? 207 HOH B O    1 
HETATM 580 O  O    . HOH R 7 .  ? 5.89245   2.87665   3.51744   0.50  22.47901 ? 208 HOH B O    1 
HETATM 581 O  O    . HOH R 7 .  ? 5.37431   -4.22657  3.17108   1.000 37.26763 ? 209 HOH B O    1 
HETATM 582 O  O    . HOH R 7 .  ? 5.73141   7.56951   -2.92097  1.000 21.11306 ? 210 HOH B O    1 
HETATM 583 O  O    . HOH R 7 .  ? 7.65745   0.49418   -12.50138 1.000 34.52519 ? 211 HOH B O    1 
HETATM 584 O  O    . HOH R 7 .  ? 5.90651   -0.09127  -9.77541  1.000 23.52124 ? 212 HOH B O    1 
HETATM 585 O  O    . HOH R 7 .  ? 7.23258   -3.46553  -7.06681  1.000 13.64374 ? 213 HOH B O    1 
HETATM 586 O  O    . HOH R 7 .  ? 1.34682   11.18546  20.11353  1.000 33.23556 ? 214 HOH B O    1 
HETATM 587 O  O    . HOH R 7 .  ? 7.73422   2.02533   -14.49144 1.000 33.40664 ? 215 HOH B O    1 
HETATM 588 O  O    . HOH R 7 .  ? 1.99744   -4.59210  4.95825   1.000 44.86854 ? 216 HOH B O    1 
HETATM 589 O  O    . HOH R 7 .  ? 0.81140   12.69109  19.10909  1.000 22.32636 ? 217 HOH B O    1 
HETATM 590 O  O    . HOH R 7 .  ? 5.14919   -2.52310  -8.89358  1.000 18.36010 ? 218 HOH B O    1 
HETATM 591 O  O    . HOH R 7 .  ? -1.84690  12.75121  18.05045  1.000 33.20661 ? 219 HOH B O    1 
HETATM 592 O  O    . HOH R 7 .  ? 6.05307   0.88536   -14.00022 1.000 38.69148 ? 220 HOH B O    1 
HETATM 593 O  O    . HOH R 7 .  ? 3.16915   -0.32876  -11.68637 1.000 35.59111 ? 221 HOH B O    1 
# 
loop_
_atom_site_anisotrop.id 
_atom_site_anisotrop.type_symbol 
_atom_site_anisotrop.pdbx_label_atom_id 
_atom_site_anisotrop.pdbx_label_alt_id 
_atom_site_anisotrop.pdbx_label_comp_id 
_atom_site_anisotrop.pdbx_label_asym_id 
_atom_site_anisotrop.pdbx_label_seq_id 
_atom_site_anisotrop.pdbx_PDB_ins_code 
_atom_site_anisotrop.U[1][1] 
_atom_site_anisotrop.U[2][2] 
_atom_site_anisotrop.U[3][3] 
_atom_site_anisotrop.U[1][2] 
_atom_site_anisotrop.U[1][3] 
_atom_site_anisotrop.U[2][3] 
_atom_site_anisotrop.pdbx_auth_seq_id 
_atom_site_anisotrop.pdbx_auth_comp_id 
_atom_site_anisotrop.pdbx_auth_asym_id 
_atom_site_anisotrop.pdbx_auth_atom_id 
1   N  N   . SER A 1  ? 0.19570 0.12591 0.24208 -0.04542 -0.04218 0.08274  1   SER A N   
2   C  CA  . SER A 1  ? 0.15025 0.12738 0.20127 -0.04425 -0.03759 0.05774  1   SER A CA  
3   C  C   . SER A 1  ? 0.12283 0.12094 0.17133 -0.04317 -0.04223 0.06680  1   SER A C   
4   O  O   . SER A 1  ? 0.13010 0.12523 0.20057 -0.03042 -0.04736 0.07945  1   SER A O   
5   C  CB  . SER A 1  ? 0.14716 0.14579 0.23515 -0.04163 -0.01804 0.05310  1   SER A CB  
6   O  OG  . SER A 1  ? 0.13783 0.16050 0.25777 -0.03992 -0.00753 0.03627  1   SER A OG  
14  N  N   . TRP A 2  ? 0.08910 0.12571 0.13699 -0.04326 -0.03769 0.05055  2   TRP A N   
15  C  CA  . TRP A 2  ? 0.10510 0.11191 0.12579 -0.02341 -0.02734 0.04584  2   TRP A CA  
16  C  C   . TRP A 2  ? 0.09979 0.09532 0.12719 -0.02474 -0.02757 0.03187  2   TRP A C   
17  O  O   . TRP A 2  ? 0.09884 0.11828 0.14268 -0.03740 -0.01551 0.02368  2   TRP A O   
18  C  CB  . TRP A 2  ? 0.09861 0.12028 0.13421 -0.00873 -0.02113 0.05063  2   TRP A CB  
19  C  CG  . TRP A 2  ? 0.09829 0.13437 0.14094 -0.00736 -0.02114 0.04360  2   TRP A CG  
20  C  CD1 . TRP A 2  ? 0.09020 0.16331 0.16430 -0.00766 -0.01092 0.03323  2   TRP A CD1 
21  C  CD2 . TRP A 2  ? 0.11182 0.12545 0.13133 -0.00831 -0.01949 0.04796  2   TRP A CD2 
22  N  NE1 . TRP A 2  ? 0.11431 0.15915 0.16274 -0.01076 0.00140  0.04376  2   TRP A NE1 
23  C  CE2 . TRP A 2  ? 0.11979 0.13318 0.14532 0.00504  -0.00661 0.03946  2   TRP A CE2 
24  C  CE3 . TRP A 2  ? 0.10177 0.11898 0.13935 -0.00747 -0.02583 0.04112  2   TRP A CE3 
25  C  CZ2 . TRP A 2  ? 0.11487 0.15250 0.14073 -0.00032 0.00229  0.04690  2   TRP A CZ2 
26  C  CZ3 . TRP A 2  ? 0.12041 0.11790 0.14530 -0.01017 -0.02362 0.03851  2   TRP A CZ3 
27  C  CH2 . TRP A 2  ? 0.08468 0.10737 0.13925 -0.01323 -0.00925 0.04251  2   TRP A CH2 
38  N  N   . HIS A 3  ? 0.09714 0.08425 0.11652 -0.01840 -0.02146 0.03445  3   HIS A N   
39  C  CA  . HIS A 3  ? 0.09309 0.08348 0.12234 -0.01825 -0.01049 0.04249  3   HIS A CA  
40  C  C   . HIS A 3  ? 0.10259 0.08220 0.12960 -0.01734 -0.01823 0.03992  3   HIS A C   
41  O  O   . HIS A 3  ? 0.14927 0.08950 0.10924 -0.02107 -0.01700 0.03064  3   HIS A O   
42  C  CB  . HIS A 3  ? 0.10788 0.08579 0.13133 -0.01479 -0.01190 0.03652  3   HIS A CB  
43  C  CG  . HIS A 3  ? 0.08457 0.09591 0.14892 -0.01586 -0.01383 0.04947  3   HIS A CG  
44  N  ND1 . HIS A 3  ? 0.09833 0.09579 0.15938 -0.01588 -0.01094 0.04080  3   HIS A ND1 
45  C  CD2 . HIS A 3  ? 0.09274 0.10526 0.15410 -0.01755 -0.00855 0.04990  3   HIS A CD2 
46  C  CE1 . HIS A 3  ? 0.10244 0.11627 0.16139 -0.01264 -0.00687 0.04787  3   HIS A CE1 
47  N  NE2 . HIS A 3  ? 0.10569 0.11127 0.14293 -0.01552 -0.00422 0.04047  3   HIS A NE2 
55  N  N   . TRP A 4  ? 0.10497 0.08257 0.13266 -0.02598 -0.03233 0.04442  4   TRP A N   
56  C  CA  . TRP A 4  ? 0.10991 0.08210 0.11289 -0.02116 -0.03099 0.04289  4   TRP A CA  
57  C  C   . TRP A 4  ? 0.10314 0.08515 0.11311 -0.01350 -0.02433 0.02944  4   TRP A C   
58  O  O   . TRP A 4  ? 0.11851 0.10285 0.14054 -0.01276 -0.01163 0.01721  4   TRP A O   
59  C  CB  . TRP A 4  ? 0.10989 0.09594 0.13247 -0.01822 -0.02457 0.04188  4   TRP A CB  
60  C  CG  . TRP A 4  ? 0.11072 0.11392 0.12165 -0.01379 -0.03370 0.03497  4   TRP A CG  
61  C  CD1 . TRP A 4  ? 0.13716 0.11782 0.12463 -0.00205 -0.01812 0.03846  4   TRP A CD1 
62  C  CD2 . TRP A 4  ? 0.09869 0.10359 0.11572 -0.01369 -0.03560 0.03788  4   TRP A CD2 
63  N  NE1 . TRP A 4  ? 0.12522 0.11801 0.12027 -0.01243 -0.00758 0.04820  4   TRP A NE1 
64  C  CE2 . TRP A 4  ? 0.09782 0.10804 0.12364 -0.01330 -0.02687 0.04702  4   TRP A CE2 
65  C  CE3 . TRP A 4  ? 0.07942 0.11858 0.15400 -0.01697 -0.02913 0.04948  4   TRP A CE3 
66  C  CZ2 . TRP A 4  ? 0.09759 0.11314 0.14337 -0.02438 -0.02561 0.05250  4   TRP A CZ2 
67  C  CZ3 . TRP A 4  ? 0.10035 0.13175 0.14910 -0.01407 -0.02572 0.03569  4   TRP A CZ3 
68  C  CH2 . TRP A 4  ? 0.10086 0.11662 0.10992 -0.02296 -0.01311 0.02430  4   TRP A CH2 
79  N  N   . HIS A 5  ? 0.09366 0.07266 0.12187 -0.01413 -0.02011 0.02791  5   HIS A N   
80  C  CA  . HIS A 5  ? 0.09247 0.07686 0.12727 -0.02260 -0.01169 0.02540  5   HIS A CA  
81  C  C   . HIS A 5  ? 0.09703 0.07513 0.12784 -0.02354 -0.01047 0.02211  5   HIS A C   
82  O  O   . HIS A 5  ? 0.12086 0.08895 0.12079 -0.02214 -0.01022 0.03284  5   HIS A O   
83  C  CB  . HIS A 5  ? 0.09501 0.08623 0.14606 -0.02552 -0.01465 0.04121  5   HIS A CB  
84  C  CG  . HIS A 5  ? 0.09780 0.10471 0.14879 -0.01508 -0.02147 0.04952  5   HIS A CG  
85  N  ND1 . HIS A 5  ? 0.11433 0.12224 0.16453 -0.02129 -0.03861 0.05516  5   HIS A ND1 
86  C  CD2 . HIS A 5  ? 0.10100 0.10121 0.14909 -0.00906 -0.01549 0.05861  5   HIS A CD2 
87  C  CE1 . HIS A 5  ? 0.12020 0.10890 0.16659 -0.01396 -0.03243 0.05919  5   HIS A CE1 
88  N  NE2 . HIS A 5  ? 0.09670 0.12000 0.16830 -0.01270 -0.02462 0.05872  5   HIS A NE2 
95  N  N   . ASN A 6  ? 0.11769 0.07295 0.12305 -0.03154 0.00177  0.02662  6   ASN A N   
96  C  CA  . ASN A 6  ? 0.12038 0.09390 0.11092 -0.04950 -0.01099 0.00928  6   ASN A CA  
97  C  C   . ASN A 6  ? 0.10064 0.10109 0.11978 -0.04637 -0.01557 0.02964  6   ASN A C   
98  O  O   . ASN A 6  ? 0.10821 0.10380 0.12419 -0.02931 -0.02109 0.02527  6   ASN A O   
99  C  CB  . ASN A 6  ? 0.16738 0.11617 0.13525 -0.04532 -0.00303 -0.00218 6   ASN A CB  
100 C  CG  . ASN A 6  ? 0.21205 0.18576 0.15099 -0.06064 -0.00925 0.00361  6   ASN A CG  
101 O  OD1 . ASN A 6  ? 0.21533 0.22636 0.15101 -0.07805 -0.01620 -0.00543 6   ASN A OD1 
102 N  ND2 . ASN A 6  ? 0.25249 0.16894 0.16028 -0.06014 -0.01018 0.00115  6   ASN A ND2 
109 N  N   . GLY A 7  ? 0.09981 0.09342 0.10587 -0.02804 -0.02281 0.03113  7   GLY A N   
110 C  CA  . GLY A 7  ? 0.11673 0.08687 0.11580 -0.03607 -0.01069 0.02126  7   GLY A CA  
111 C  C   . GLY A 7  ? 0.12117 0.09703 0.10260 -0.04083 -0.00831 0.01733  7   GLY A C   
112 O  O   . GLY A 7  ? 0.13733 0.13741 0.10506 -0.05244 -0.00646 0.00917  7   GLY A O   
116 N  N   . LYS A 8  ? 0.10389 0.10786 0.11095 -0.03252 -0.01134 0.01613  8   LYS A N   
117 C  CA  . LYS A 8  ? 0.12793 0.12656 0.14001 -0.02675 -0.00400 0.01201  8   LYS A CA  
118 C  C   . LYS A 8  ? 0.10335 0.11402 0.10792 -0.02733 -0.01670 0.01397  8   LYS A C   
119 O  O   . LYS A 8  ? 0.08883 0.12539 0.12027 -0.02425 -0.01828 0.03378  8   LYS A O   
120 C  CB  . LYS A 8  ? 0.18126 0.15292 0.21642 -0.00472 0.00246  0.02626  8   LYS A CB  
121 C  CG  . LYS A 8  ? 0.22487 0.17281 0.29362 0.04171  0.01181  0.03441  8   LYS A CG  
122 C  CD  . LYS A 8  ? 0.28541 0.22539 0.37370 0.05070  0.00510  0.05327  8   LYS A CD  
123 C  CE  . LYS A 8  ? 0.32908 0.26832 0.43250 0.04681  -0.00661 0.06548  8   LYS A CE  
124 N  NZ  . LYS A 8  ? 0.34782 0.28598 0.46770 0.04638  -0.01366 0.06901  8   LYS A NZ  
138 N  N   . TRP A 9  ? 0.09839 0.14111 0.10500 -0.03359 -0.02139 0.01612  9   TRP A N   
139 C  CA  . TRP A 9  ? 0.09757 0.15026 0.10517 -0.03699 -0.03371 0.02333  9   TRP A CA  
140 C  C   . TRP A 9  ? 0.12134 0.12820 0.12006 -0.00148 -0.02959 0.01423  9   TRP A C   
141 O  O   . TRP A 9  ? 0.17053 0.16506 0.15831 0.02178  -0.03559 -0.00192 9   TRP A O   
142 C  CB  . TRP A 9  ? 0.10071 0.18609 0.11880 -0.04719 -0.02726 0.05195  9   TRP A CB  
143 C  CG  . TRP A 9  ? 0.09395 0.23049 0.13845 -0.05364 -0.02929 0.07918  9   TRP A CG  
144 C  CD1 . TRP A 9  ? 0.10403 0.26209 0.16838 -0.05457 -0.02347 0.10032  9   TRP A CD1 
145 C  CD2 . TRP A 9  ? 0.09457 0.21700 0.19243 -0.03153 -0.00868 0.09471  9   TRP A CD2 
146 N  NE1 . TRP A 9  ? 0.12905 0.26228 0.18737 -0.04708 -0.01786 0.11989  9   TRP A NE1 
147 C  CE2 . TRP A 9  ? 0.11387 0.21957 0.20396 -0.02145 0.00293  0.10397  9   TRP A CE2 
148 C  CE3 . TRP A 9  ? 0.11868 0.19078 0.21323 -0.01759 0.01177  0.09312  9   TRP A CE3 
149 C  CZ2 . TRP A 9  ? 0.11867 0.18594 0.20229 -0.01843 0.01413  0.08794  9   TRP A CZ2 
150 C  CZ3 . TRP A 9  ? 0.12744 0.17397 0.21400 -0.02195 0.00791  0.06137  9   TRP A CZ3 
151 C  CH2 . TRP A 9  ? 0.08576 0.10130 0.14564 -0.01388 0.01399  0.01524  9   TRP A CH2 
162 N  N   . HIS A 10 ? 0.10533 0.12862 0.12585 -0.00007 -0.03796 0.01615  10  HIS A N   
163 C  CA  . HIS A 10 ? 0.08194 0.11960 0.14035 0.00263  -0.03868 0.02730  10  HIS A CA  
164 C  C   . HIS A 10 ? 0.08203 0.12870 0.13737 -0.00360 -0.03130 0.02621  10  HIS A C   
165 O  O   . HIS A 10 ? 0.08919 0.11590 0.14812 -0.01217 -0.02520 0.02437  10  HIS A O   
166 C  CB  . HIS A 10 ? 0.09716 0.12127 0.14067 -0.01759 -0.04081 0.03999  10  HIS A CB  
167 C  CG  . HIS A 10 ? 0.10393 0.11872 0.15095 -0.00990 -0.04273 0.04755  10  HIS A CG  
168 N  ND1 . HIS A 10 ? 0.08485 0.13915 0.16930 -0.01177 -0.04896 0.06036  10  HIS A ND1 
169 C  CD2 . HIS A 10 ? 0.12170 0.12473 0.16297 -0.00161 -0.04196 0.05041  10  HIS A CD2 
170 C  CE1 . HIS A 10 ? 0.10085 0.12831 0.17704 -0.00927 -0.04743 0.06528  10  HIS A CE1 
171 N  NE2 . HIS A 10 ? 0.11791 0.13786 0.18823 -0.00924 -0.04715 0.06241  10  HIS A NE2 
179 N  N   . TRP A 11 ? 0.09645 0.15470 0.13745 0.00058  -0.03560 0.02492  11  TRP A N   
180 C  CA  . TRP A 11 ? 0.09820 0.17921 0.14449 -0.00885 -0.02698 0.04275  11  TRP A CA  
181 C  C   . TRP A 11 ? 0.09391 0.16156 0.15233 -0.00146 -0.02907 0.04969  11  TRP A C   
182 O  O   . TRP A 11 ? 0.12039 0.17180 0.16931 0.00290  -0.03826 0.04288  11  TRP A O   
183 C  CB  . TRP A 11 ? 0.10459 0.21516 0.17385 -0.00413 -0.01617 0.05430  11  TRP A CB  
184 C  CG  . TRP A 11 ? 0.09426 0.23571 0.19982 -0.01090 -0.01515 0.07632  11  TRP A CG  
185 C  CD1 . TRP A 11 ? 0.10217 0.24663 0.23889 -0.01915 -0.02175 0.09678  11  TRP A CD1 
186 C  CD2 . TRP A 11 ? 0.08880 0.24543 0.20617 -0.03438 -0.01207 0.08062  11  TRP A CD2 
187 N  NE1 . TRP A 11 ? 0.11070 0.25992 0.26288 -0.03118 -0.01813 0.10411  11  TRP A NE1 
188 C  CE2 . TRP A 11 ? 0.09843 0.25299 0.23418 -0.04114 -0.01185 0.09433  11  TRP A CE2 
189 C  CE3 . TRP A 11 ? 0.10776 0.24056 0.20618 -0.03586 -0.00030 0.08638  11  TRP A CE3 
190 C  CZ2 . TRP A 11 ? 0.12911 0.24500 0.21320 -0.05618 -0.01622 0.07823  11  TRP A CZ2 
191 C  CZ3 . TRP A 11 ? 0.12481 0.23586 0.20293 -0.05093 0.00150  0.07488  11  TRP A CZ3 
192 C  CH2 . TRP A 11 ? 0.12719 0.20545 0.12896 -0.08762 -0.01947 0.04315  11  TRP A CH2 
203 N  N   . HIS A 12 ? 0.08255 0.16143 0.14643 -0.01020 -0.04246 0.04530  12  HIS A N   
204 C  CA  . HIS A 12 ? 0.08116 0.16983 0.15811 -0.02212 -0.04114 0.05010  12  HIS A CA  
205 C  C   . HIS A 12 ? 0.08726 0.20533 0.19151 -0.03110 -0.03109 0.07530  12  HIS A C   
206 O  O   . HIS A 12 ? 0.10146 0.21645 0.21979 -0.04240 -0.03206 0.06010  12  HIS A O   
207 C  CB  . HIS A 12 ? 0.09690 0.15532 0.15578 -0.01897 -0.04619 0.03675  12  HIS A CB  
208 C  CG  . HIS A 12 ? 0.08268 0.13625 0.14397 -0.01335 -0.04585 0.04000  12  HIS A CG  
209 N  ND1 . HIS A 12 ? 0.08967 0.15912 0.13990 -0.01995 -0.03719 0.03043  12  HIS A ND1 
210 C  CD2 . HIS A 12 ? 0.06393 0.13938 0.13928 -0.01341 -0.03441 0.05191  12  HIS A CD2 
211 C  CE1 . HIS A 12 ? 0.08631 0.15956 0.15443 -0.02137 -0.03811 0.03089  12  HIS A CE1 
212 N  NE2 . HIS A 12 ? 0.08692 0.13888 0.13150 -0.00959 -0.04677 0.04528  12  HIS A NE2 
220 N  N   . SER B 1  ? 0.11736 0.13840 0.16234 0.00122  -0.00481 0.05071  1   SER B N   
221 C  CA  . SER B 1  ? 0.10537 0.12227 0.13327 -0.00915 -0.00913 0.03597  1   SER B CA  
222 C  C   . SER B 1  ? 0.09754 0.11382 0.12374 -0.00576 -0.01783 0.03878  1   SER B C   
223 O  O   . SER B 1  ? 0.09745 0.12291 0.13924 0.01311  -0.00498 0.04348  1   SER B O   
224 C  CB  . SER B 1  ? 0.09909 0.12127 0.15505 -0.01242 -0.00322 0.03498  1   SER B CB  
225 O  OG  . SER B 1  ? 0.11496 0.13212 0.16342 -0.02209 -0.00841 0.02871  1   SER B OG  
232 N  N   . TRP B 2  ? 0.07752 0.10451 0.11557 -0.00875 -0.00725 0.02609  2   TRP B N   
233 C  CA  . TRP B 2  ? 0.07550 0.09310 0.13060 -0.01794 -0.01296 0.01326  2   TRP B CA  
234 C  C   . TRP B 2  ? 0.07257 0.09919 0.12544 -0.02802 -0.00969 0.02559  2   TRP B C   
235 O  O   . TRP B 2  ? 0.09565 0.10504 0.11571 -0.03286 0.00078  0.02826  2   TRP B O   
236 C  CB  . TRP B 2  ? 0.08315 0.11566 0.14329 -0.02234 -0.01956 0.00156  2   TRP B CB  
237 C  CG  . TRP B 2  ? 0.09512 0.14818 0.16751 -0.03972 0.00114  0.00151  2   TRP B CG  
238 C  CD1 . TRP B 2  ? 0.13073 0.18361 0.16816 -0.06069 -0.00464 -0.01492 2   TRP B CD1 
239 C  CD2 . TRP B 2  ? 0.09605 0.13061 0.18364 -0.04198 0.00610  0.00224  2   TRP B CD2 
240 N  NE1 . TRP B 2  ? 0.14138 0.18947 0.17645 -0.06695 0.00189  -0.01853 2   TRP B NE1 
241 C  CE2 . TRP B 2  ? 0.11628 0.15291 0.19270 -0.06031 -0.00731 -0.01703 2   TRP B CE2 
242 C  CE3 . TRP B 2  ? 0.08905 0.12914 0.18261 -0.03704 -0.00069 0.01885  2   TRP B CE3 
243 C  CZ2 . TRP B 2  ? 0.13424 0.14894 0.19872 -0.05346 -0.01292 -0.00058 2   TRP B CZ2 
244 C  CZ3 . TRP B 2  ? 0.11380 0.13896 0.18564 -0.04101 -0.01136 0.02793  2   TRP B CZ3 
245 C  CH2 . TRP B 2  ? 0.12396 0.09534 0.16520 -0.03374 -0.03606 0.02310  2   TRP B CH2 
256 N  N   . HIS B 3  ? 0.06669 0.09491 0.11700 -0.02344 -0.00243 0.03611  3   HIS B N   
257 C  CA  . HIS B 3  ? 0.07742 0.07554 0.10765 -0.01442 -0.00433 0.02814  3   HIS B CA  
258 C  C   . HIS B 3  ? 0.07559 0.07810 0.11141 -0.00529 -0.00951 0.02590  3   HIS B C   
259 O  O   . HIS B 3  ? 0.08410 0.08930 0.12391 -0.02082 0.00268  0.04647  3   HIS B O   
260 C  CB  . HIS B 3  ? 0.07233 0.07873 0.12444 -0.00871 -0.00564 0.03487  3   HIS B CB  
261 C  CG  . HIS B 3  ? 0.08351 0.08598 0.11172 -0.01923 -0.00236 0.03841  3   HIS B CG  
262 N  ND1 . HIS B 3  ? 0.10124 0.10468 0.11188 -0.02714 -0.00890 0.03627  3   HIS B ND1 
263 C  CD2 . HIS B 3  ? 0.08577 0.08362 0.12971 -0.03216 -0.00755 0.03618  3   HIS B CD2 
264 C  CE1 . HIS B 3  ? 0.11872 0.09724 0.11324 -0.02081 -0.00332 0.02604  3   HIS B CE1 
265 N  NE2 . HIS B 3  ? 0.10784 0.09405 0.12741 -0.02956 -0.01167 0.03085  3   HIS B NE2 
273 N  N   . TRP B 4  ? 0.08092 0.09103 0.11956 -0.01228 -0.00843 0.03649  4   TRP B N   
274 C  CA  . TRP B 4  ? 0.08923 0.08993 0.13153 -0.00948 -0.00706 0.04315  4   TRP B CA  
275 C  C   . TRP B 4  ? 0.08212 0.07609 0.13909 -0.01140 0.00047  0.03769  4   TRP B C   
276 O  O   . TRP B 4  ? 0.10273 0.08685 0.15112 -0.02737 0.00445  0.03986  4   TRP B O   
277 C  CB  . TRP B 4  ? 0.09494 0.10580 0.14585 0.00674  -0.00799 0.03827  4   TRP B CB  
278 C  CG  . TRP B 4  ? 0.10849 0.11685 0.13196 0.02239  -0.00366 0.04580  4   TRP B CG  
279 C  CD1 . TRP B 4  ? 0.11548 0.15785 0.13458 0.02922  -0.02506 0.03325  4   TRP B CD1 
280 C  CD2 . TRP B 4  ? 0.08590 0.16875 0.12225 0.00393  -0.00916 0.03604  4   TRP B CD2 
281 N  NE1 . TRP B 4  ? 0.09692 0.17518 0.12539 0.03563  -0.02835 0.02863  4   TRP B NE1 
282 C  CE2 . TRP B 4  ? 0.09723 0.20000 0.12738 0.01039  -0.02305 0.04034  4   TRP B CE2 
283 C  CE3 . TRP B 4  ? 0.09842 0.17756 0.14542 -0.01861 -0.00673 0.03820  4   TRP B CE3 
284 C  CZ2 . TRP B 4  ? 0.13099 0.27389 0.12652 -0.03043 -0.01766 0.05264  4   TRP B CZ2 
285 C  CZ3 . TRP B 4  ? 0.14944 0.24895 0.15211 -0.05546 -0.01499 0.04101  4   TRP B CZ3 
286 C  CH2 . TRP B 4  ? 0.24377 0.35382 0.18460 -0.10674 -0.02250 0.04767  4   TRP B CH2 
297 N  N   . HIS B 5  ? 0.08700 0.09369 0.13401 -0.01423 -0.00922 0.02480  5   HIS B N   
298 C  CA  . HIS B 5  ? 0.09428 0.10512 0.14500 -0.01844 0.00594  0.02615  5   HIS B CA  
299 C  C   . HIS B 5  ? 0.08737 0.10964 0.15949 -0.01753 0.01016  0.02283  5   HIS B C   
300 O  O   . HIS B 5  ? 0.07998 0.11935 0.18417 -0.02062 0.00726  0.01137  5   HIS B O   
301 C  CB  . HIS B 5  ? 0.09363 0.11868 0.15219 -0.01013 0.01371  0.03859  5   HIS B CB  
302 C  CG  . HIS B 5  ? 0.11199 0.11144 0.12396 -0.00987 0.00039  0.03943  5   HIS B CG  
303 N  ND1 . HIS B 5  ? 0.12629 0.13557 0.13984 -0.00098 0.00187  0.06048  5   HIS B ND1 
304 C  CD2 . HIS B 5  ? 0.08641 0.12228 0.12061 -0.00471 -0.00726 0.03117  5   HIS B CD2 
305 C  CE1 . HIS B 5  ? 0.11571 0.14377 0.14353 -0.01035 0.00024  0.05925  5   HIS B CE1 
306 N  NE2 . HIS B 5  ? 0.10283 0.11105 0.12322 -0.00867 -0.00571 0.03767  5   HIS B NE2 
313 N  N   . ASN B 6  ? 0.10028 0.11404 0.15118 -0.01864 0.00930  0.02535  6   ASN B N   
314 C  CA  . ASN B 6  ? 0.11603 0.10773 0.16525 -0.00161 0.02250  0.03491  6   ASN B CA  
315 C  C   . ASN B 6  ? 0.09845 0.10778 0.13587 0.00478  0.00754  0.02655  6   ASN B C   
316 O  O   . ASN B 6  ? 0.09549 0.13162 0.13539 -0.00036 0.00052  0.04533  6   ASN B O   
317 C  CB  . ASN B 6  ? 0.13707 0.11760 0.23294 0.00450  0.04549  0.06195  6   ASN B CB  
318 C  CG  . ASN B 6  ? 0.15941 0.11951 0.28018 0.01430  0.05633  0.07864  6   ASN B CG  
319 O  OD1 . ASN B 6  ? 0.13967 0.12040 0.25893 -0.01517 0.03012  0.04475  6   ASN B OD1 
320 N  ND2 . ASN B 6  ? 0.16421 0.18782 0.31908 0.02117  0.07730  0.12146  6   ASN B ND2 
327 N  N   . GLY B 7  ? 0.09870 0.10613 0.11957 -0.00476 0.00059  0.03617  7   GLY B N   
328 C  CA  . GLY B 7  ? 0.09453 0.10871 0.14006 -0.01412 -0.00018 0.03102  7   GLY B CA  
329 C  C   . GLY B 7  ? 0.10248 0.10550 0.14853 -0.01525 0.00061  0.01135  7   GLY B C   
330 O  O   . GLY B 7  ? 0.10271 0.10474 0.17055 -0.01397 0.01155  0.02260  7   GLY B O   
334 N  N   A LYS B 8  ? 0.11159 0.11925 0.12916 -0.02273 -0.00546 0.00366  8   LYS B N   
335 N  N   B LYS B 8  ? 0.10617 0.12075 0.14378 -0.02016 0.00868  0.00880  8   LYS B N   
336 C  CA  A LYS B 8  ? 0.11955 0.14502 0.12843 -0.03061 -0.01353 0.01009  8   LYS B CA  
337 C  CA  B LYS B 8  ? 0.10948 0.14545 0.15447 -0.02678 0.01254  0.01659  8   LYS B CA  
338 C  C   A LYS B 8  ? 0.12559 0.11733 0.12718 -0.03254 -0.00360 0.01786  8   LYS B C   
339 C  C   B LYS B 8  ? 0.12473 0.11694 0.13473 -0.03091 0.01103  0.02044  8   LYS B C   
340 O  O   A LYS B 8  ? 0.11530 0.12046 0.12603 -0.03132 -0.00628 0.01574  8   LYS B O   
341 O  O   B LYS B 8  ? 0.12161 0.11434 0.12345 -0.02716 0.01271  0.01573  8   LYS B O   
342 C  CB  A LYS B 8  ? 0.13542 0.20096 0.14281 -0.02856 -0.02343 0.01892  8   LYS B CB  
343 C  CB  B LYS B 8  ? 0.11050 0.20369 0.19252 -0.01787 0.02480  0.03100  8   LYS B CB  
344 C  CG  A LYS B 8  ? 0.15768 0.20885 0.13907 -0.03045 -0.02813 0.03141  8   LYS B CG  
345 C  CG  B LYS B 8  ? 0.12476 0.22887 0.20737 -0.02007 0.03256  0.05411  8   LYS B CG  
346 C  CD  A LYS B 8  ? 0.17247 0.23212 0.15501 -0.02497 -0.03668 0.03228  8   LYS B CD  
347 C  CD  B LYS B 8  ? 0.13178 0.23284 0.22528 -0.02070 0.02982  0.05529  8   LYS B CD  
348 C  CE  A LYS B 8  ? 0.17738 0.25055 0.19207 -0.01458 -0.03026 0.04343  8   LYS B CE  
349 C  CE  B LYS B 8  ? 0.12345 0.21129 0.23146 -0.01417 0.02831  0.05292  8   LYS B CE  
350 N  NZ  A LYS B 8  ? 0.17176 0.25194 0.22000 -0.00892 -0.02254 0.05618  8   LYS B NZ  
351 N  NZ  B LYS B 8  ? 0.06883 0.17204 0.21673 -0.00691 0.03393  0.03295  8   LYS B NZ  
378 N  N   . TRP B 9  ? 0.14186 0.10596 0.11948 -0.03898 0.00483  0.02730  9   TRP B N   
379 C  CA  . TRP B 9  ? 0.14338 0.10972 0.11279 -0.04002 0.00058  0.02511  9   TRP B CA  
380 C  C   . TRP B 9  ? 0.11955 0.14305 0.11099 -0.07258 -0.01519 0.02479  9   TRP B C   
381 O  O   . TRP B 9  ? 0.12885 0.20813 0.13352 -0.08805 -0.02016 0.04675  9   TRP B O   
382 C  CB  . TRP B 9  ? 0.16461 0.12092 0.13127 -0.01336 0.00995  0.02892  9   TRP B CB  
383 C  CG  . TRP B 9  ? 0.17324 0.13625 0.11861 -0.00261 0.00291  0.03293  9   TRP B CG  
384 C  CD1 . TRP B 9  ? 0.19266 0.16514 0.14100 -0.00549 -0.00724 0.05431  9   TRP B CD1 
385 C  CD2 . TRP B 9  ? 0.16778 0.15407 0.11625 0.00076  -0.00857 0.04399  9   TRP B CD2 
386 N  NE1 . TRP B 9  ? 0.19699 0.18751 0.13710 -0.01520 -0.01257 0.06498  9   TRP B NE1 
387 C  CE2 . TRP B 9  ? 0.18611 0.17070 0.13169 -0.00595 -0.01034 0.05640  9   TRP B CE2 
388 C  CE3 . TRP B 9  ? 0.16288 0.16337 0.11735 0.00262  -0.01243 0.02384  9   TRP B CE3 
389 C  CZ2 . TRP B 9  ? 0.18995 0.19063 0.13803 -0.02263 -0.00658 0.05749  9   TRP B CZ2 
390 C  CZ3 . TRP B 9  ? 0.16387 0.17726 0.13728 -0.00185 -0.01468 0.01713  9   TRP B CZ3 
402 N  N   . HIS B 10 ? 0.09565 0.11111 0.11064 -0.03828 -0.00516 0.03000  10  HIS B N   
403 C  CA  . HIS B 10 ? 0.09162 0.11929 0.11989 -0.03725 -0.01177 0.02203  10  HIS B CA  
404 C  C   . HIS B 10 ? 0.10066 0.10391 0.10892 -0.04152 -0.00522 0.01928  10  HIS B C   
405 O  O   . HIS B 10 ? 0.09157 0.11303 0.12550 -0.05300 0.00194  0.02431  10  HIS B O   
406 C  CB  . HIS B 10 ? 0.08385 0.14130 0.12434 -0.02203 -0.01151 0.01233  10  HIS B CB  
407 C  CG  . HIS B 10 ? 0.07098 0.16056 0.11966 -0.02564 -0.01641 0.03073  10  HIS B CG  
408 N  ND1 . HIS B 10 ? 0.06186 0.15016 0.14138 -0.01197 -0.02567 0.03569  10  HIS B ND1 
409 C  CD2 . HIS B 10 ? 0.06942 0.17483 0.13656 -0.02324 -0.02752 0.01983  10  HIS B CD2 
410 C  CE1 . HIS B 10 ? 0.07605 0.15782 0.14353 -0.01205 -0.03299 0.02668  10  HIS B CE1 
411 N  NE2 . HIS B 10 ? 0.07374 0.18432 0.15444 -0.02001 -0.03204 0.02760  10  HIS B NE2 
419 N  N   . TRP B 11 ? 0.10712 0.13556 0.10982 -0.05863 -0.00425 0.01418  11  TRP B N   
420 C  CA  . TRP B 11 ? 0.10990 0.12297 0.11813 -0.04466 -0.00347 0.01711  11  TRP B CA  
421 C  C   . TRP B 11 ? 0.09405 0.14279 0.11156 -0.03948 -0.01741 0.02146  11  TRP B C   
422 O  O   . TRP B 11 ? 0.09820 0.18308 0.13973 -0.05003 -0.01737 0.02952  11  TRP B O   
423 C  CB  . TRP B 11 ? 0.14934 0.12564 0.11872 -0.05617 -0.00860 0.00729  11  TRP B CB  
424 C  CG  . TRP B 11 ? 0.15576 0.13336 0.12278 -0.05334 -0.01039 0.00619  11  TRP B CG  
425 C  CD1 . TRP B 11 ? 0.14741 0.14552 0.14067 -0.05185 -0.01385 0.00793  11  TRP B CD1 
426 C  CD2 . TRP B 11 ? 0.16354 0.12675 0.13801 -0.03187 -0.00461 -0.00718 11  TRP B CD2 
427 N  NE1 . TRP B 11 ? 0.15102 0.14028 0.13110 -0.04024 -0.00836 -0.00298 11  TRP B NE1 
428 C  CE2 . TRP B 11 ? 0.15479 0.13462 0.13958 -0.03683 -0.00406 -0.00455 11  TRP B CE2 
429 C  CE3 . TRP B 11 ? 0.18313 0.15186 0.15341 -0.02653 -0.01235 -0.00947 11  TRP B CE3 
430 C  CZ2 . TRP B 11 ? 0.14169 0.16148 0.15423 -0.03402 0.00185  0.00666  11  TRP B CZ2 
431 C  CZ3 . TRP B 11 ? 0.18494 0.17442 0.16074 -0.02259 -0.01447 -0.00704 11  TRP B CZ3 
443 N  N   A HIS B 12 ? 0.09863 0.13269 0.10768 -0.02955 -0.01747 0.02194  12  HIS B N   
444 N  N   B HIS B 12 ? 0.09850 0.13680 0.10650 -0.02717 -0.02039 0.02207  12  HIS B N   
445 C  CA  A HIS B 12 ? 0.10238 0.12672 0.11440 -0.02011 -0.01500 0.02847  12  HIS B CA  
446 C  CA  B HIS B 12 ? 0.10331 0.13514 0.11295 -0.01485 -0.02127 0.02921  12  HIS B CA  
447 C  C   A HIS B 12 ? 0.11289 0.11465 0.11716 -0.01353 -0.01087 0.02471  12  HIS B C   
448 C  C   B HIS B 12 ? 0.11833 0.11587 0.11999 -0.00760 -0.02127 0.02082  12  HIS B C   
449 O  O   A HIS B 12 ? 0.10872 0.12862 0.10455 -0.02938 -0.00006 0.04019  12  HIS B O   
450 O  O   B HIS B 12 ? 0.12545 0.11919 0.11456 -0.01715 -0.02178 0.02964  12  HIS B O   
451 C  CB  A HIS B 12 ? 0.10734 0.12276 0.11709 -0.02358 -0.01656 0.03113  12  HIS B CB  
452 C  CB  B HIS B 12 ? 0.10650 0.13879 0.11430 -0.01400 -0.02025 0.03849  12  HIS B CB  
453 C  CG  A HIS B 12 ? 0.09075 0.10624 0.11411 -0.02596 -0.02201 0.02951  12  HIS B CG  
454 C  CG  B HIS B 12 ? 0.09266 0.13340 0.10914 -0.01068 -0.02325 0.04230  12  HIS B CG  
455 N  ND1 A HIS B 12 ? 0.09393 0.08929 0.09648 -0.02516 -0.02306 0.01993  12  HIS B ND1 
456 N  ND1 B HIS B 12 ? 0.09188 0.13139 0.11353 -0.01234 -0.01922 0.03794  12  HIS B ND1 
457 C  CD2 A HIS B 12 ? 0.08547 0.09867 0.12067 -0.02949 -0.02375 0.03043  12  HIS B CD2 
458 C  CD2 B HIS B 12 ? 0.09601 0.13121 0.10708 -0.01148 -0.02227 0.04321  12  HIS B CD2 
459 C  CE1 A HIS B 12 ? 0.09519 0.09455 0.10926 -0.02896 -0.02014 0.02041  12  HIS B CE1 
460 C  CE1 B HIS B 12 ? 0.09771 0.12427 0.11152 -0.00223 -0.02821 0.02209  12  HIS B CE1 
461 N  NE2 A HIS B 12 ? 0.08479 0.08975 0.12626 -0.02269 -0.01994 0.03192  12  HIS B NE2 
462 N  NE2 B HIS B 12 ? 0.08922 0.12574 0.11114 -0.00472 -0.02042 0.03701  12  HIS B NE2 
475 N  N   . NH3 C .  ? 0.08177 0.21547 0.20856 -0.01891 -0.01790 0.10078  101 NH3 A N   
478 C  C   A ACY D .  ? 0.18861 0.17192 0.14927 0.03028  -0.02693 -0.00164 102 ACY A C   
479 C  C   B ACY D .  ? 0.12735 0.21398 0.13386 -0.03873 0.01707  0.05146  102 ACY A C   
480 O  O   A ACY D .  ? 0.18642 0.16995 0.16883 0.04661  -0.02351 0.00819  102 ACY A O   
481 O  O   B ACY D .  ? 0.11577 0.22749 0.13114 -0.04789 0.01506  0.05726  102 ACY A O   
482 O  OXT A ACY D .  ? 0.19287 0.20981 0.14752 0.01673  -0.04486 -0.00930 102 ACY A OXT 
483 O  OXT B ACY D .  ? 0.14687 0.22580 0.11903 -0.03415 0.01935  0.05128  102 ACY A OXT 
492 CU CU  . CU  E .  ? 0.08578 0.13032 0.12899 -0.02195 -0.03812 0.04759  103 CU  A CU  
493 NA NA  . NA  F .  ? 0.21363 0.16658 0.27279 -0.06354 -0.02699 0.02042  104 NA  A NA  
494 NA NA  . NA  G .  ? 0.49913 0.60020 0.47097 -0.13386 -0.01858 0.25770  105 NA  A NA  
495 N  N   . NH3 H .  ? 0.12150 0.14442 0.12348 -0.01962 -0.02275 0.02081  101 NH3 B N   
498 C  C   . ACY I .  ? 0.25318 0.34993 0.28269 -0.03245 0.01676  0.04435  102 ACY B C   
499 O  O   . ACY I .  ? 0.27593 0.36060 0.29857 -0.03877 0.02750  0.05302  102 ACY B O   
500 O  OXT . ACY I .  ? 0.26720 0.36895 0.28465 -0.02359 0.00075  0.03638  102 ACY B OXT 
505 C  C   . ACY J .  ? 0.13029 0.15958 0.14673 -0.02105 -0.00686 0.00229  103 ACY B C   
506 O  O   . ACY J .  ? 0.12692 0.16164 0.17535 -0.03107 -0.01182 0.03026  103 ACY B O   
507 O  OXT . ACY J .  ? 0.15285 0.18134 0.17121 0.00262  -0.00881 -0.00391 103 ACY B OXT 
512 C  C   . ACY K .  ? 0.13802 0.21355 0.21103 -0.00255 0.01406  0.06093  104 ACY B C   
513 O  O   . ACY K .  ? 0.14984 0.17146 0.20890 0.02728  0.03401  0.05688  104 ACY B O   
514 O  OXT . ACY K .  ? 0.12887 0.28076 0.25557 -0.00662 0.01102  0.07798  104 ACY B OXT 
519 C  C   A ACY L .  ? 0.20807 0.24296 0.26107 0.01655  0.01988  0.00738  105 ACY B C   
520 C  C   B ACY L .  ? 0.30564 0.24794 0.16371 -0.03177 -0.01648 -0.00011 105 ACY B C   
521 O  O   A ACY L .  ? 0.20234 0.26436 0.26349 0.02320  0.02053  0.00494  105 ACY B O   
522 O  O   B ACY L .  ? 0.30753 0.24770 0.17577 -0.03346 -0.02032 0.00212  105 ACY B O   
523 O  OXT A ACY L .  ? 0.23411 0.24129 0.19909 0.00227  0.03926  0.02175  105 ACY B OXT 
524 O  OXT B ACY L .  ? 0.30350 0.24740 0.16160 -0.03438 -0.01664 -0.00152 105 ACY B OXT 
533 C  C   . ACY M .  ? 0.23816 0.35395 0.20339 -0.10254 -0.02034 0.05409  106 ACY B C   
534 O  O   . ACY M .  ? 0.26007 0.37156 0.23307 -0.10690 -0.02798 0.07525  106 ACY B O   
535 O  OXT . ACY M .  ? 0.25402 0.35587 0.19961 -0.10098 -0.01062 0.05052  106 ACY B OXT 
540 C  C   . ACY N .  ? 0.18127 0.38108 0.18744 -0.11366 -0.01487 0.04112  107 ACY B C   
541 O  O   . ACY N .  ? 0.18579 0.37569 0.17553 -0.12144 -0.00160 0.06617  107 ACY B O   
542 O  OXT . ACY N .  ? 0.17273 0.35189 0.15198 -0.11378 -0.03129 0.00119  107 ACY B OXT 
547 CU CU  . CU  O .  ? 0.07591 0.11617 0.12162 -0.01002 -0.02296 0.03171  108 CU  B CU  
548 C  C1  . PGE P .  ? 0.43052 0.46315 0.34463 0.10515  -0.07397 -0.15430 109 PGE B C1  
549 O  O1  . PGE P .  ? 0.43720 0.45262 0.35688 0.11301  -0.06895 -0.15838 109 PGE B O1  
550 C  C2  . PGE P .  ? 0.42643 0.47136 0.33681 0.09948  -0.07436 -0.14956 109 PGE B C2  
551 O  O2  . PGE P .  ? 0.61557 0.41768 0.50395 0.04688  -0.06680 -0.11906 109 PGE B O2  
557 O  O   . HOH Q .  ? 0.17584 0.33780 0.43546 0.00556  0.00424  0.00935  201 HOH A O   
558 O  O   . HOH Q .  ? 0.18393 0.24147 0.36889 0.02592  -0.13430 -0.04687 202 HOH A O   
559 O  O   . HOH Q .  ? 0.68738 0.17710 0.39302 0.04154  -0.02710 0.00803  203 HOH A O   
560 O  O   . HOH Q .  ? 0.25711 0.17466 0.44434 -0.04731 -0.14073 0.05101  204 HOH A O   
561 O  O   . HOH Q .  ? 0.19455 0.15141 0.22905 -0.00306 -0.09808 0.03828  205 HOH A O   
562 O  O   . HOH Q .  ? 0.12201 0.32286 0.20612 -0.03214 -0.05343 0.05871  206 HOH A O   
563 O  O   . HOH Q .  ? 0.51389 0.40671 0.70170 0.12981  0.23973  -0.08969 207 HOH A O   
564 O  O   . HOH Q .  ? 0.22208 0.15504 0.26108 0.02836  0.01857  -0.01983 208 HOH A O   
565 O  O   . HOH Q .  ? 0.13418 0.21631 0.36561 -0.03790 -0.05050 -0.06736 209 HOH A O   
566 O  O   . HOH Q .  ? 0.25825 0.26885 0.14000 -0.11029 0.00107  -0.00239 210 HOH A O   
567 O  O   . HOH Q .  ? 0.14365 0.29044 0.53961 0.01927  -0.01607 0.06974  211 HOH A O   
568 O  O   . HOH Q .  ? 0.22953 0.28454 0.46603 0.07260  -0.05904 -0.16973 212 HOH A O   
569 O  O   . HOH Q .  ? 0.11027 0.32423 0.32220 -0.01530 -0.02256 0.10560  213 HOH A O   
570 O  O   . HOH Q .  ? 0.21261 0.48377 0.29923 -0.05202 0.00641  0.13848  214 HOH A O   
571 O  O   . HOH Q .  ? 0.16860 0.20121 0.14139 -0.07267 -0.05064 0.06505  215 HOH A O   
572 O  O   . HOH Q .  ? 0.53646 0.40249 0.39635 -0.18004 -0.00099 0.17085  216 HOH A O   
573 O  O   . HOH R .  ? 0.43075 0.49877 0.43728 -0.01754 -0.00417 -0.01913 201 HOH B O   
574 O  O   . HOH R .  ? 0.24377 0.20059 0.20814 -0.00576 0.02711  0.00474  202 HOH B O   
575 O  O   . HOH R .  ? 0.10408 0.12514 0.26458 -0.02707 -0.02103 0.05750  203 HOH B O   
576 O  O   . HOH R .  ? 0.21807 0.12909 0.40594 -0.04122 -0.05286 0.05703  204 HOH B O   
577 O  O   . HOH R .  ? 0.34278 0.51034 0.37938 0.12678  -0.02133 0.06800  205 HOH B O   
578 O  O   . HOH R .  ? 0.32932 0.49733 0.51654 -0.15306 0.03287  -0.20870 206 HOH B O   
579 O  O   . HOH R .  ? 0.33750 0.49971 0.36719 0.01020  0.20889  -0.01128 207 HOH B O   
580 O  O   . HOH R .  ? 0.20309 0.27042 0.38060 -0.09229 -0.08578 0.15652  208 HOH B O   
581 O  O   . HOH R .  ? 0.68458 0.35081 0.38061 -0.16701 -0.21768 0.00178  209 HOH B O   
582 O  O   . HOH R .  ? 0.22718 0.28173 0.29329 0.02947  0.03549  0.01397  210 HOH B O   
583 O  O   . HOH R .  ? 0.23671 0.55199 0.52309 0.08986  -0.08689 -0.28035 211 HOH B O   
584 O  O   . HOH R .  ? 0.29270 0.35760 0.24340 -0.12768 0.03923  -0.10117 212 HOH B O   
585 O  O   . HOH R .  ? 0.12641 0.21281 0.17918 -0.06637 -0.02918 0.02230  213 HOH B O   
586 O  O   . HOH R .  ? 0.48610 0.55732 0.21938 -0.03856 0.02835  -0.04197 214 HOH B O   
587 O  O   . HOH R .  ? 0.47860 0.23095 0.55975 0.02590  -0.12704 0.02259  215 HOH B O   
588 O  O   . HOH R .  ? 0.87986 0.42161 0.40332 0.21730  0.01407  0.03686  216 HOH B O   
589 O  O   . HOH R .  ? 0.31952 0.19226 0.33651 -0.10364 0.09295  -0.00457 217 HOH B O   
590 O  O   . HOH R .  ? 0.22439 0.24597 0.22725 0.02321  -0.02201 0.00887  218 HOH B O   
591 O  O   . HOH R .  ? 0.34571 0.26956 0.64643 -0.01981 -0.15795 -0.02145 219 HOH B O   
592 O  O   . HOH R .  ? 0.40663 0.64495 0.41851 0.19364  -0.01782 -0.21477 220 HOH B O   
593 O  O   . HOH R .  ? 0.50914 0.33208 0.51108 -0.10436 -0.05908 -0.11467 221 HOH B O   
# 
